data_5QP7
# 
_entry.id   5QP7 
# 
_audit_conform.dict_name       mmcif_pdbx.dic 
_audit_conform.dict_version    5.387 
_audit_conform.dict_location   http://mmcif.pdb.org/dictionaries/ascii/mmcif_pdbx.dic 
# 
loop_
_database_2.database_id 
_database_2.database_code 
_database_2.pdbx_database_accession 
_database_2.pdbx_DOI 
PDB   5QP7         pdb_00005qp7 10.2210/pdb5qp7/pdb 
WWPDB D_1001402232 ?            ?                   
# 
loop_
_pdbx_audit_revision_history.ordinal 
_pdbx_audit_revision_history.data_content_type 
_pdbx_audit_revision_history.major_revision 
_pdbx_audit_revision_history.minor_revision 
_pdbx_audit_revision_history.revision_date 
1 'Structure model' 1 0 2019-05-08 
2 'Structure model' 1 1 2019-11-20 
3 'Structure model' 1 2 2024-03-06 
# 
_pdbx_audit_revision_details.ordinal             1 
_pdbx_audit_revision_details.revision_ordinal    1 
_pdbx_audit_revision_details.data_content_type   'Structure model' 
_pdbx_audit_revision_details.provider            repository 
_pdbx_audit_revision_details.type                'Initial release' 
_pdbx_audit_revision_details.description         ? 
_pdbx_audit_revision_details.details             ? 
# 
loop_
_pdbx_audit_revision_group.ordinal 
_pdbx_audit_revision_group.revision_ordinal 
_pdbx_audit_revision_group.data_content_type 
_pdbx_audit_revision_group.group 
1 2 'Structure model' 'Data collection'     
2 3 'Structure model' 'Data collection'     
3 3 'Structure model' 'Database references' 
# 
loop_
_pdbx_audit_revision_category.ordinal 
_pdbx_audit_revision_category.revision_ordinal 
_pdbx_audit_revision_category.data_content_type 
_pdbx_audit_revision_category.category 
1 2 'Structure model' diffrn_source  
2 3 'Structure model' chem_comp_atom 
3 3 'Structure model' chem_comp_bond 
4 3 'Structure model' database_2     
# 
loop_
_pdbx_audit_revision_item.ordinal 
_pdbx_audit_revision_item.revision_ordinal 
_pdbx_audit_revision_item.data_content_type 
_pdbx_audit_revision_item.item 
1 2 'Structure model' '_diffrn_source.pdbx_synchrotron_beamline' 
2 2 'Structure model' '_diffrn_source.type'                      
3 3 'Structure model' '_database_2.pdbx_DOI'                     
4 3 'Structure model' '_database_2.pdbx_database_accession'      
# 
_pdbx_database_status.entry_id                        5QP7 
_pdbx_database_status.status_code                     REL 
_pdbx_database_status.status_code_sf                  REL 
_pdbx_database_status.status_code_mr                  ? 
_pdbx_database_status.status_code_cs                  ? 
_pdbx_database_status.recvd_initial_deposition_date   2019-02-22 
_pdbx_database_status.deposit_site                    RCSB 
_pdbx_database_status.process_site                    RCSB 
_pdbx_database_status.SG_entry                        ? 
_pdbx_database_status.pdb_format_compatible           Y 
_pdbx_database_status.methods_development_category    ? 
_pdbx_database_status.status_code_nmr_data            ? 
# 
loop_
_audit_author.name 
_audit_author.pdbx_ordinal 
_audit_author.identifier_ORCID 
'Nelson, E.R.'      1  ? 
'Velupillai, S.'    2  ? 
'Talon, R.'         3  ? 
'Collins, P.M.'     4  ? 
'Krojer, T.'        5  ? 
'Wang, D.'          6  ? 
'Brandao-Neto, J.'  7  ? 
'Douangamath, A.'   8  ? 
'Burgess-Brown, N.' 9  ? 
'Arrowsmith, C.H.'  10 ? 
'Bountra, C.'       11 ? 
'Huber, K.'         12 ? 
'von Delft, F.'     13 ? 
# 
_citation.id                        primary 
_citation.title                     'PanDDA analysis group deposition' 
_citation.journal_abbrev            'To Be Published' 
_citation.journal_volume            ? 
_citation.page_first                ? 
_citation.page_last                 ? 
_citation.year                      ? 
_citation.journal_id_ASTM           ? 
_citation.country                   ? 
_citation.journal_id_ISSN           ? 
_citation.journal_id_CSD            0353 
_citation.book_publisher            ? 
_citation.pdbx_database_id_PubMed   ? 
_citation.pdbx_database_id_DOI      ? 
# 
loop_
_citation_author.citation_id 
_citation_author.name 
_citation_author.identifier_ORCID 
_citation_author.ordinal 
primary 'Nelson, E.R.'      ? 1  
primary 'Velupillai, S.'    ? 2  
primary 'Talon, R.'         ? 3  
primary 'Collins, P.M.'     ? 4  
primary 'Krojer, T.'        ? 5  
primary 'Wang, D.'          ? 6  
primary 'Brandao-Neto, J.'  ? 7  
primary 'Douangamath, A.'   ? 8  
primary 'Burgess-Brown, N.' ? 9  
primary 'Arrowsmith, C.H.'  ? 10 
primary 'Bountra, C.'       ? 11 
primary 'Huber, K.'         ? 12 
primary 'von Delft, F.'     ? 13 
# 
loop_
_entity.id 
_entity.type 
_entity.src_method 
_entity.pdbx_description 
_entity.formula_weight 
_entity.pdbx_number_of_molecules 
_entity.pdbx_ec 
_entity.pdbx_mutation 
_entity.pdbx_fragment 
_entity.details 
1 polymer     man 'DCP2 (NUDT20)'                                19073.738 1  3.6.1.62 ? 'UNP residues 95-260' ? 
2 non-polymer syn 1,2-ETHANEDIOL                                 62.068    2  ?        ? ?                     ? 
3 non-polymer syn 'DIMETHYL SULFOXIDE'                           78.133    1  ?        ? ?                     ? 
4 non-polymer syn 'ACETATE ION'                                  59.044    2  ?        ? ?                     ? 
5 non-polymer syn N-cycloheptyl-5-methyl-1,3,4-oxadiazol-2-amine 195.261   1  ?        ? ?                     ? 
6 water       nat water                                          18.015    89 ?        ? ?                     ? 
# 
_entity_name_com.entity_id   1 
_entity_name_com.name        
'Nucleoside diphosphate-linked moiety X motif 20, Nudix motif 20, mRNA-decapping enzyme 2, hDpc, m7GpppN-mRNA hydrolase' 
# 
_entity_poly.entity_id                      1 
_entity_poly.type                           'polypeptide(L)' 
_entity_poly.nstd_linkage                   no 
_entity_poly.nstd_monomer                   no 
_entity_poly.pdbx_seq_one_letter_code       
;SMGVPTYGAIILDETLENVLLVQGYLAKSGWGFPKGKVNKEEAPHDCAAREVFEETGFDIKDYICKDDYIELRINDQLAR
LYIIPGIPKDTKFNPKTRREIRNIEWFSIEKLPCHRNDMTPKSKLGLAPNKFFMAIPFIRPLRDWLSRRFGDSSDSDNGF
SSTGSTP
;
_entity_poly.pdbx_seq_one_letter_code_can   
;SMGVPTYGAIILDETLENVLLVQGYLAKSGWGFPKGKVNKEEAPHDCAAREVFEETGFDIKDYICKDDYIELRINDQLAR
LYIIPGIPKDTKFNPKTRREIRNIEWFSIEKLPCHRNDMTPKSKLGLAPNKFFMAIPFIRPLRDWLSRRFGDSSDSDNGF
SSTGSTP
;
_entity_poly.pdbx_strand_id                 A 
_entity_poly.pdbx_target_identifier         ? 
# 
loop_
_pdbx_entity_nonpoly.entity_id 
_pdbx_entity_nonpoly.name 
_pdbx_entity_nonpoly.comp_id 
2 1,2-ETHANEDIOL                                 EDO 
3 'DIMETHYL SULFOXIDE'                           DMS 
4 'ACETATE ION'                                  ACT 
5 N-cycloheptyl-5-methyl-1,3,4-oxadiazol-2-amine LJJ 
6 water                                          HOH 
# 
loop_
_entity_poly_seq.entity_id 
_entity_poly_seq.num 
_entity_poly_seq.mon_id 
_entity_poly_seq.hetero 
1 1   SER n 
1 2   MET n 
1 3   GLY n 
1 4   VAL n 
1 5   PRO n 
1 6   THR n 
1 7   TYR n 
1 8   GLY n 
1 9   ALA n 
1 10  ILE n 
1 11  ILE n 
1 12  LEU n 
1 13  ASP n 
1 14  GLU n 
1 15  THR n 
1 16  LEU n 
1 17  GLU n 
1 18  ASN n 
1 19  VAL n 
1 20  LEU n 
1 21  LEU n 
1 22  VAL n 
1 23  GLN n 
1 24  GLY n 
1 25  TYR n 
1 26  LEU n 
1 27  ALA n 
1 28  LYS n 
1 29  SER n 
1 30  GLY n 
1 31  TRP n 
1 32  GLY n 
1 33  PHE n 
1 34  PRO n 
1 35  LYS n 
1 36  GLY n 
1 37  LYS n 
1 38  VAL n 
1 39  ASN n 
1 40  LYS n 
1 41  GLU n 
1 42  GLU n 
1 43  ALA n 
1 44  PRO n 
1 45  HIS n 
1 46  ASP n 
1 47  CYS n 
1 48  ALA n 
1 49  ALA n 
1 50  ARG n 
1 51  GLU n 
1 52  VAL n 
1 53  PHE n 
1 54  GLU n 
1 55  GLU n 
1 56  THR n 
1 57  GLY n 
1 58  PHE n 
1 59  ASP n 
1 60  ILE n 
1 61  LYS n 
1 62  ASP n 
1 63  TYR n 
1 64  ILE n 
1 65  CYS n 
1 66  LYS n 
1 67  ASP n 
1 68  ASP n 
1 69  TYR n 
1 70  ILE n 
1 71  GLU n 
1 72  LEU n 
1 73  ARG n 
1 74  ILE n 
1 75  ASN n 
1 76  ASP n 
1 77  GLN n 
1 78  LEU n 
1 79  ALA n 
1 80  ARG n 
1 81  LEU n 
1 82  TYR n 
1 83  ILE n 
1 84  ILE n 
1 85  PRO n 
1 86  GLY n 
1 87  ILE n 
1 88  PRO n 
1 89  LYS n 
1 90  ASP n 
1 91  THR n 
1 92  LYS n 
1 93  PHE n 
1 94  ASN n 
1 95  PRO n 
1 96  LYS n 
1 97  THR n 
1 98  ARG n 
1 99  ARG n 
1 100 GLU n 
1 101 ILE n 
1 102 ARG n 
1 103 ASN n 
1 104 ILE n 
1 105 GLU n 
1 106 TRP n 
1 107 PHE n 
1 108 SER n 
1 109 ILE n 
1 110 GLU n 
1 111 LYS n 
1 112 LEU n 
1 113 PRO n 
1 114 CYS n 
1 115 HIS n 
1 116 ARG n 
1 117 ASN n 
1 118 ASP n 
1 119 MET n 
1 120 THR n 
1 121 PRO n 
1 122 LYS n 
1 123 SER n 
1 124 LYS n 
1 125 LEU n 
1 126 GLY n 
1 127 LEU n 
1 128 ALA n 
1 129 PRO n 
1 130 ASN n 
1 131 LYS n 
1 132 PHE n 
1 133 PHE n 
1 134 MET n 
1 135 ALA n 
1 136 ILE n 
1 137 PRO n 
1 138 PHE n 
1 139 ILE n 
1 140 ARG n 
1 141 PRO n 
1 142 LEU n 
1 143 ARG n 
1 144 ASP n 
1 145 TRP n 
1 146 LEU n 
1 147 SER n 
1 148 ARG n 
1 149 ARG n 
1 150 PHE n 
1 151 GLY n 
1 152 ASP n 
1 153 SER n 
1 154 SER n 
1 155 ASP n 
1 156 SER n 
1 157 ASP n 
1 158 ASN n 
1 159 GLY n 
1 160 PHE n 
1 161 SER n 
1 162 SER n 
1 163 THR n 
1 164 GLY n 
1 165 SER n 
1 166 THR n 
1 167 PRO n 
# 
_entity_src_gen.entity_id                          1 
_entity_src_gen.pdbx_src_id                        1 
_entity_src_gen.pdbx_alt_source_flag               sample 
_entity_src_gen.pdbx_seq_type                      'Biological sequence' 
_entity_src_gen.pdbx_beg_seq_num                   1 
_entity_src_gen.pdbx_end_seq_num                   167 
_entity_src_gen.gene_src_common_name               Human 
_entity_src_gen.gene_src_genus                     ? 
_entity_src_gen.pdbx_gene_src_gene                 'DCP2, NUDT20' 
_entity_src_gen.gene_src_species                   ? 
_entity_src_gen.gene_src_strain                    ? 
_entity_src_gen.gene_src_tissue                    ? 
_entity_src_gen.gene_src_tissue_fraction           ? 
_entity_src_gen.gene_src_details                   ? 
_entity_src_gen.pdbx_gene_src_fragment             ? 
_entity_src_gen.pdbx_gene_src_scientific_name      'Homo sapiens' 
_entity_src_gen.pdbx_gene_src_ncbi_taxonomy_id     9606 
_entity_src_gen.pdbx_gene_src_variant              ? 
_entity_src_gen.pdbx_gene_src_cell_line            ? 
_entity_src_gen.pdbx_gene_src_atcc                 ? 
_entity_src_gen.pdbx_gene_src_organ                ? 
_entity_src_gen.pdbx_gene_src_organelle            ? 
_entity_src_gen.pdbx_gene_src_cell                 ? 
_entity_src_gen.pdbx_gene_src_cellular_location    ? 
_entity_src_gen.host_org_common_name               ? 
_entity_src_gen.pdbx_host_org_scientific_name      'Escherichia coli' 
_entity_src_gen.pdbx_host_org_ncbi_taxonomy_id     562 
_entity_src_gen.host_org_genus                     ? 
_entity_src_gen.pdbx_host_org_gene                 ? 
_entity_src_gen.pdbx_host_org_organ                ? 
_entity_src_gen.host_org_species                   ? 
_entity_src_gen.pdbx_host_org_tissue               ? 
_entity_src_gen.pdbx_host_org_tissue_fraction      ? 
_entity_src_gen.pdbx_host_org_strain               ? 
_entity_src_gen.pdbx_host_org_variant              ? 
_entity_src_gen.pdbx_host_org_cell_line            ? 
_entity_src_gen.pdbx_host_org_atcc                 ? 
_entity_src_gen.pdbx_host_org_culture_collection   ? 
_entity_src_gen.pdbx_host_org_cell                 ? 
_entity_src_gen.pdbx_host_org_organelle            ? 
_entity_src_gen.pdbx_host_org_cellular_location    ? 
_entity_src_gen.pdbx_host_org_vector_type          ? 
_entity_src_gen.pdbx_host_org_vector               ? 
_entity_src_gen.host_org_details                   ? 
_entity_src_gen.expression_system_id               ? 
_entity_src_gen.plasmid_name                       ? 
_entity_src_gen.plasmid_details                    ? 
_entity_src_gen.pdbx_description                   ? 
# 
loop_
_chem_comp.id 
_chem_comp.type 
_chem_comp.mon_nstd_flag 
_chem_comp.name 
_chem_comp.pdbx_synonyms 
_chem_comp.formula 
_chem_comp.formula_weight 
ACT non-polymer         . 'ACETATE ION'                                  ?                 'C2 H3 O2 -1'    59.044  
ALA 'L-peptide linking' y ALANINE                                        ?                 'C3 H7 N O2'     89.093  
ARG 'L-peptide linking' y ARGININE                                       ?                 'C6 H15 N4 O2 1' 175.209 
ASN 'L-peptide linking' y ASPARAGINE                                     ?                 'C4 H8 N2 O3'    132.118 
ASP 'L-peptide linking' y 'ASPARTIC ACID'                                ?                 'C4 H7 N O4'     133.103 
CYS 'L-peptide linking' y CYSTEINE                                       ?                 'C3 H7 N O2 S'   121.158 
DMS non-polymer         . 'DIMETHYL SULFOXIDE'                           ?                 'C2 H6 O S'      78.133  
EDO non-polymer         . 1,2-ETHANEDIOL                                 'ETHYLENE GLYCOL' 'C2 H6 O2'       62.068  
GLN 'L-peptide linking' y GLUTAMINE                                      ?                 'C5 H10 N2 O3'   146.144 
GLU 'L-peptide linking' y 'GLUTAMIC ACID'                                ?                 'C5 H9 N O4'     147.129 
GLY 'peptide linking'   y GLYCINE                                        ?                 'C2 H5 N O2'     75.067  
HIS 'L-peptide linking' y HISTIDINE                                      ?                 'C6 H10 N3 O2 1' 156.162 
HOH non-polymer         . WATER                                          ?                 'H2 O'           18.015  
ILE 'L-peptide linking' y ISOLEUCINE                                     ?                 'C6 H13 N O2'    131.173 
LEU 'L-peptide linking' y LEUCINE                                        ?                 'C6 H13 N O2'    131.173 
LJJ non-polymer         . N-cycloheptyl-5-methyl-1,3,4-oxadiazol-2-amine ?                 'C10 H17 N3 O'   195.261 
LYS 'L-peptide linking' y LYSINE                                         ?                 'C6 H15 N2 O2 1' 147.195 
MET 'L-peptide linking' y METHIONINE                                     ?                 'C5 H11 N O2 S'  149.211 
PHE 'L-peptide linking' y PHENYLALANINE                                  ?                 'C9 H11 N O2'    165.189 
PRO 'L-peptide linking' y PROLINE                                        ?                 'C5 H9 N O2'     115.130 
SER 'L-peptide linking' y SERINE                                         ?                 'C3 H7 N O3'     105.093 
THR 'L-peptide linking' y THREONINE                                      ?                 'C4 H9 N O3'     119.119 
TRP 'L-peptide linking' y TRYPTOPHAN                                     ?                 'C11 H12 N2 O2'  204.225 
TYR 'L-peptide linking' y TYROSINE                                       ?                 'C9 H11 N O3'    181.189 
VAL 'L-peptide linking' y VALINE                                         ?                 'C5 H11 N O2'    117.146 
# 
loop_
_pdbx_poly_seq_scheme.asym_id 
_pdbx_poly_seq_scheme.entity_id 
_pdbx_poly_seq_scheme.seq_id 
_pdbx_poly_seq_scheme.mon_id 
_pdbx_poly_seq_scheme.ndb_seq_num 
_pdbx_poly_seq_scheme.pdb_seq_num 
_pdbx_poly_seq_scheme.auth_seq_num 
_pdbx_poly_seq_scheme.pdb_mon_id 
_pdbx_poly_seq_scheme.auth_mon_id 
_pdbx_poly_seq_scheme.pdb_strand_id 
_pdbx_poly_seq_scheme.pdb_ins_code 
_pdbx_poly_seq_scheme.hetero 
A 1 1   SER 1   94  ?   ?   ?   A . n 
A 1 2   MET 2   95  ?   ?   ?   A . n 
A 1 3   GLY 3   96  96  GLY GLY A . n 
A 1 4   VAL 4   97  97  VAL VAL A . n 
A 1 5   PRO 5   98  98  PRO PRO A . n 
A 1 6   THR 6   99  99  THR THR A . n 
A 1 7   TYR 7   100 100 TYR TYR A . n 
A 1 8   GLY 8   101 101 GLY GLY A . n 
A 1 9   ALA 9   102 102 ALA ALA A . n 
A 1 10  ILE 10  103 103 ILE ILE A . n 
A 1 11  ILE 11  104 104 ILE ILE A . n 
A 1 12  LEU 12  105 105 LEU LEU A . n 
A 1 13  ASP 13  106 106 ASP ASP A . n 
A 1 14  GLU 14  107 107 GLU GLU A . n 
A 1 15  THR 15  108 108 THR THR A . n 
A 1 16  LEU 16  109 109 LEU LEU A . n 
A 1 17  GLU 17  110 110 GLU GLU A . n 
A 1 18  ASN 18  111 111 ASN ASN A . n 
A 1 19  VAL 19  112 112 VAL VAL A . n 
A 1 20  LEU 20  113 113 LEU LEU A . n 
A 1 21  LEU 21  114 114 LEU LEU A . n 
A 1 22  VAL 22  115 115 VAL VAL A . n 
A 1 23  GLN 23  116 116 GLN GLN A . n 
A 1 24  GLY 24  117 117 GLY GLY A . n 
A 1 25  TYR 25  118 118 TYR TYR A . n 
A 1 26  LEU 26  119 119 LEU LEU A . n 
A 1 27  ALA 27  120 120 ALA ALA A . n 
A 1 28  LYS 28  121 121 LYS LYS A . n 
A 1 29  SER 29  122 122 SER SER A . n 
A 1 30  GLY 30  123 123 GLY GLY A . n 
A 1 31  TRP 31  124 124 TRP TRP A . n 
A 1 32  GLY 32  125 125 GLY GLY A . n 
A 1 33  PHE 33  126 126 PHE PHE A . n 
A 1 34  PRO 34  127 127 PRO PRO A . n 
A 1 35  LYS 35  128 128 LYS LYS A . n 
A 1 36  GLY 36  129 129 GLY GLY A . n 
A 1 37  LYS 37  130 130 LYS LYS A . n 
A 1 38  VAL 38  131 131 VAL VAL A . n 
A 1 39  ASN 39  132 132 ASN ASN A . n 
A 1 40  LYS 40  133 133 LYS LYS A . n 
A 1 41  GLU 41  134 134 GLU GLU A . n 
A 1 42  GLU 42  135 135 GLU GLU A . n 
A 1 43  ALA 43  136 136 ALA ALA A . n 
A 1 44  PRO 44  137 137 PRO PRO A . n 
A 1 45  HIS 45  138 138 HIS HIS A . n 
A 1 46  ASP 46  139 139 ASP ASP A . n 
A 1 47  CYS 47  140 140 CYS CYS A . n 
A 1 48  ALA 48  141 141 ALA ALA A . n 
A 1 49  ALA 49  142 142 ALA ALA A . n 
A 1 50  ARG 50  143 143 ARG ARG A . n 
A 1 51  GLU 51  144 144 GLU GLU A . n 
A 1 52  VAL 52  145 145 VAL VAL A . n 
A 1 53  PHE 53  146 146 PHE PHE A . n 
A 1 54  GLU 54  147 147 GLU GLU A . n 
A 1 55  GLU 55  148 148 GLU GLU A . n 
A 1 56  THR 56  149 149 THR THR A . n 
A 1 57  GLY 57  150 150 GLY GLY A . n 
A 1 58  PHE 58  151 151 PHE PHE A . n 
A 1 59  ASP 59  152 152 ASP ASP A . n 
A 1 60  ILE 60  153 153 ILE ILE A . n 
A 1 61  LYS 61  154 154 LYS LYS A . n 
A 1 62  ASP 62  155 155 ASP ASP A . n 
A 1 63  TYR 63  156 156 TYR TYR A . n 
A 1 64  ILE 64  157 157 ILE ILE A . n 
A 1 65  CYS 65  158 158 CYS CYS A . n 
A 1 66  LYS 66  159 159 LYS LYS A . n 
A 1 67  ASP 67  160 160 ASP ASP A . n 
A 1 68  ASP 68  161 161 ASP ASP A . n 
A 1 69  TYR 69  162 162 TYR TYR A . n 
A 1 70  ILE 70  163 163 ILE ILE A . n 
A 1 71  GLU 71  164 164 GLU GLU A . n 
A 1 72  LEU 72  165 165 LEU LEU A . n 
A 1 73  ARG 73  166 166 ARG ARG A . n 
A 1 74  ILE 74  167 167 ILE ILE A . n 
A 1 75  ASN 75  168 168 ASN ASN A . n 
A 1 76  ASP 76  169 169 ASP ASP A . n 
A 1 77  GLN 77  170 170 GLN GLN A . n 
A 1 78  LEU 78  171 171 LEU LEU A . n 
A 1 79  ALA 79  172 172 ALA ALA A . n 
A 1 80  ARG 80  173 173 ARG ARG A . n 
A 1 81  LEU 81  174 174 LEU LEU A . n 
A 1 82  TYR 82  175 175 TYR TYR A . n 
A 1 83  ILE 83  176 176 ILE ILE A . n 
A 1 84  ILE 84  177 177 ILE ILE A . n 
A 1 85  PRO 85  178 178 PRO PRO A . n 
A 1 86  GLY 86  179 179 GLY GLY A . n 
A 1 87  ILE 87  180 180 ILE ILE A . n 
A 1 88  PRO 88  181 181 PRO PRO A . n 
A 1 89  LYS 89  182 182 LYS LYS A . n 
A 1 90  ASP 90  183 183 ASP ASP A . n 
A 1 91  THR 91  184 184 THR THR A . n 
A 1 92  LYS 92  185 185 LYS LYS A . n 
A 1 93  PHE 93  186 186 PHE PHE A . n 
A 1 94  ASN 94  187 187 ASN ASN A . n 
A 1 95  PRO 95  188 188 PRO PRO A . n 
A 1 96  LYS 96  189 189 LYS LYS A . n 
A 1 97  THR 97  190 190 THR THR A . n 
A 1 98  ARG 98  191 191 ARG ARG A . n 
A 1 99  ARG 99  192 192 ARG ARG A . n 
A 1 100 GLU 100 193 193 GLU GLU A . n 
A 1 101 ILE 101 194 194 ILE ILE A . n 
A 1 102 ARG 102 195 195 ARG ARG A . n 
A 1 103 ASN 103 196 196 ASN ASN A . n 
A 1 104 ILE 104 197 197 ILE ILE A . n 
A 1 105 GLU 105 198 198 GLU GLU A . n 
A 1 106 TRP 106 199 199 TRP TRP A . n 
A 1 107 PHE 107 200 200 PHE PHE A . n 
A 1 108 SER 108 201 201 SER SER A . n 
A 1 109 ILE 109 202 202 ILE ILE A . n 
A 1 110 GLU 110 203 203 GLU GLU A . n 
A 1 111 LYS 111 204 204 LYS LYS A . n 
A 1 112 LEU 112 205 205 LEU LEU A . n 
A 1 113 PRO 113 206 206 PRO PRO A . n 
A 1 114 CYS 114 207 207 CYS CYS A . n 
A 1 115 HIS 115 208 208 HIS HIS A . n 
A 1 116 ARG 116 209 209 ARG ARG A . n 
A 1 117 ASN 117 210 210 ASN ASN A . n 
A 1 118 ASP 118 211 211 ASP ASP A . n 
A 1 119 MET 119 212 212 MET MET A . n 
A 1 120 THR 120 213 213 THR THR A . n 
A 1 121 PRO 121 214 214 PRO PRO A . n 
A 1 122 LYS 122 215 215 LYS LYS A . n 
A 1 123 SER 123 216 216 SER SER A . n 
A 1 124 LYS 124 217 217 LYS LYS A . n 
A 1 125 LEU 125 218 218 LEU LEU A . n 
A 1 126 GLY 126 219 219 GLY GLY A . n 
A 1 127 LEU 127 220 220 LEU LEU A . n 
A 1 128 ALA 128 221 221 ALA ALA A . n 
A 1 129 PRO 129 222 222 PRO PRO A . n 
A 1 130 ASN 130 223 223 ASN ASN A . n 
A 1 131 LYS 131 224 224 LYS LYS A . n 
A 1 132 PHE 132 225 225 PHE PHE A . n 
A 1 133 PHE 133 226 226 PHE PHE A . n 
A 1 134 MET 134 227 227 MET MET A . n 
A 1 135 ALA 135 228 228 ALA ALA A . n 
A 1 136 ILE 136 229 229 ILE ILE A . n 
A 1 137 PRO 137 230 230 PRO PRO A . n 
A 1 138 PHE 138 231 231 PHE PHE A . n 
A 1 139 ILE 139 232 232 ILE ILE A . n 
A 1 140 ARG 140 233 233 ARG ARG A . n 
A 1 141 PRO 141 234 234 PRO PRO A . n 
A 1 142 LEU 142 235 235 LEU LEU A . n 
A 1 143 ARG 143 236 236 ARG ARG A . n 
A 1 144 ASP 144 237 237 ASP ASP A . n 
A 1 145 TRP 145 238 238 TRP TRP A . n 
A 1 146 LEU 146 239 239 LEU LEU A . n 
A 1 147 SER 147 240 240 SER SER A . n 
A 1 148 ARG 148 241 241 ARG ARG A . n 
A 1 149 ARG 149 242 242 ARG ARG A . n 
A 1 150 PHE 150 243 243 PHE PHE A . n 
A 1 151 GLY 151 244 244 GLY GLY A . n 
A 1 152 ASP 152 245 ?   ?   ?   A . n 
A 1 153 SER 153 246 ?   ?   ?   A . n 
A 1 154 SER 154 247 ?   ?   ?   A . n 
A 1 155 ASP 155 248 ?   ?   ?   A . n 
A 1 156 SER 156 249 ?   ?   ?   A . n 
A 1 157 ASP 157 250 ?   ?   ?   A . n 
A 1 158 ASN 158 251 ?   ?   ?   A . n 
A 1 159 GLY 159 252 ?   ?   ?   A . n 
A 1 160 PHE 160 253 ?   ?   ?   A . n 
A 1 161 SER 161 254 ?   ?   ?   A . n 
A 1 162 SER 162 255 ?   ?   ?   A . n 
A 1 163 THR 163 256 ?   ?   ?   A . n 
A 1 164 GLY 164 257 ?   ?   ?   A . n 
A 1 165 SER 165 258 ?   ?   ?   A . n 
A 1 166 THR 166 259 ?   ?   ?   A . n 
A 1 167 PRO 167 260 ?   ?   ?   A . n 
# 
loop_
_pdbx_nonpoly_scheme.asym_id 
_pdbx_nonpoly_scheme.entity_id 
_pdbx_nonpoly_scheme.mon_id 
_pdbx_nonpoly_scheme.ndb_seq_num 
_pdbx_nonpoly_scheme.pdb_seq_num 
_pdbx_nonpoly_scheme.auth_seq_num 
_pdbx_nonpoly_scheme.pdb_mon_id 
_pdbx_nonpoly_scheme.auth_mon_id 
_pdbx_nonpoly_scheme.pdb_strand_id 
_pdbx_nonpoly_scheme.pdb_ins_code 
B 2 EDO 1  301 2   EDO EDO A . 
C 2 EDO 1  302 3   EDO EDO A . 
D 3 DMS 1  303 1   DMS DMS A . 
E 4 ACT 1  304 1   ACT ACT A . 
F 4 ACT 1  305 2   ACT ACT A . 
G 5 LJJ 1  306 1   LJJ LIG A . 
H 6 HOH 1  401 102 HOH HOH A . 
H 6 HOH 2  402 8   HOH HOH A . 
H 6 HOH 3  403 70  HOH HOH A . 
H 6 HOH 4  404 67  HOH HOH A . 
H 6 HOH 5  405 104 HOH HOH A . 
H 6 HOH 6  406 10  HOH HOH A . 
H 6 HOH 7  407 96  HOH HOH A . 
H 6 HOH 8  408 29  HOH HOH A . 
H 6 HOH 9  409 78  HOH HOH A . 
H 6 HOH 10 410 68  HOH HOH A . 
H 6 HOH 11 411 17  HOH HOH A . 
H 6 HOH 12 412 60  HOH HOH A . 
H 6 HOH 13 413 81  HOH HOH A . 
H 6 HOH 14 414 23  HOH HOH A . 
H 6 HOH 15 415 66  HOH HOH A . 
H 6 HOH 16 416 90  HOH HOH A . 
H 6 HOH 17 417 12  HOH HOH A . 
H 6 HOH 18 418 39  HOH HOH A . 
H 6 HOH 19 419 88  HOH HOH A . 
H 6 HOH 20 420 1   HOH HOH A . 
H 6 HOH 21 421 38  HOH HOH A . 
H 6 HOH 22 422 36  HOH HOH A . 
H 6 HOH 23 423 5   HOH HOH A . 
H 6 HOH 24 424 85  HOH HOH A . 
H 6 HOH 25 425 55  HOH HOH A . 
H 6 HOH 26 426 95  HOH HOH A . 
H 6 HOH 27 427 14  HOH HOH A . 
H 6 HOH 28 428 18  HOH HOH A . 
H 6 HOH 29 429 16  HOH HOH A . 
H 6 HOH 30 430 13  HOH HOH A . 
H 6 HOH 31 431 35  HOH HOH A . 
H 6 HOH 32 432 6   HOH HOH A . 
H 6 HOH 33 433 71  HOH HOH A . 
H 6 HOH 34 434 2   HOH HOH A . 
H 6 HOH 35 435 33  HOH HOH A . 
H 6 HOH 36 436 50  HOH HOH A . 
H 6 HOH 37 437 79  HOH HOH A . 
H 6 HOH 38 438 31  HOH HOH A . 
H 6 HOH 39 439 24  HOH HOH A . 
H 6 HOH 40 440 97  HOH HOH A . 
H 6 HOH 41 441 9   HOH HOH A . 
H 6 HOH 42 442 100 HOH HOH A . 
H 6 HOH 43 443 62  HOH HOH A . 
H 6 HOH 44 444 4   HOH HOH A . 
H 6 HOH 45 445 30  HOH HOH A . 
H 6 HOH 46 446 65  HOH HOH A . 
H 6 HOH 47 447 74  HOH HOH A . 
H 6 HOH 48 448 43  HOH HOH A . 
H 6 HOH 49 449 27  HOH HOH A . 
H 6 HOH 50 450 106 HOH HOH A . 
H 6 HOH 51 451 80  HOH HOH A . 
H 6 HOH 52 452 7   HOH HOH A . 
H 6 HOH 53 453 11  HOH HOH A . 
H 6 HOH 54 454 59  HOH HOH A . 
H 6 HOH 55 455 42  HOH HOH A . 
H 6 HOH 56 456 15  HOH HOH A . 
H 6 HOH 57 457 105 HOH HOH A . 
H 6 HOH 58 458 57  HOH HOH A . 
H 6 HOH 59 459 101 HOH HOH A . 
H 6 HOH 60 460 22  HOH HOH A . 
H 6 HOH 61 461 3   HOH HOH A . 
H 6 HOH 62 462 94  HOH HOH A . 
H 6 HOH 63 463 46  HOH HOH A . 
H 6 HOH 64 464 72  HOH HOH A . 
H 6 HOH 65 465 87  HOH HOH A . 
H 6 HOH 66 466 92  HOH HOH A . 
H 6 HOH 67 467 25  HOH HOH A . 
H 6 HOH 68 468 69  HOH HOH A . 
H 6 HOH 69 469 21  HOH HOH A . 
H 6 HOH 70 470 103 HOH HOH A . 
H 6 HOH 71 471 19  HOH HOH A . 
H 6 HOH 72 472 47  HOH HOH A . 
H 6 HOH 73 473 28  HOH HOH A . 
H 6 HOH 74 474 40  HOH HOH A . 
H 6 HOH 75 475 84  HOH HOH A . 
H 6 HOH 76 476 52  HOH HOH A . 
H 6 HOH 77 477 86  HOH HOH A . 
H 6 HOH 78 478 109 HOH HOH A . 
H 6 HOH 79 479 107 HOH HOH A . 
H 6 HOH 80 480 75  HOH HOH A . 
H 6 HOH 81 481 26  HOH HOH A . 
H 6 HOH 82 482 110 HOH HOH A . 
H 6 HOH 83 483 91  HOH HOH A . 
H 6 HOH 84 484 98  HOH HOH A . 
H 6 HOH 85 485 20  HOH HOH A . 
H 6 HOH 86 486 51  HOH HOH A . 
H 6 HOH 87 487 56  HOH HOH A . 
H 6 HOH 88 488 93  HOH HOH A . 
H 6 HOH 89 489 41  HOH HOH A . 
# 
loop_
_pdbx_unobs_or_zero_occ_atoms.id 
_pdbx_unobs_or_zero_occ_atoms.PDB_model_num 
_pdbx_unobs_or_zero_occ_atoms.polymer_flag 
_pdbx_unobs_or_zero_occ_atoms.occupancy_flag 
_pdbx_unobs_or_zero_occ_atoms.auth_asym_id 
_pdbx_unobs_or_zero_occ_atoms.auth_comp_id 
_pdbx_unobs_or_zero_occ_atoms.auth_seq_id 
_pdbx_unobs_or_zero_occ_atoms.PDB_ins_code 
_pdbx_unobs_or_zero_occ_atoms.auth_atom_id 
_pdbx_unobs_or_zero_occ_atoms.label_alt_id 
_pdbx_unobs_or_zero_occ_atoms.label_asym_id 
_pdbx_unobs_or_zero_occ_atoms.label_comp_id 
_pdbx_unobs_or_zero_occ_atoms.label_seq_id 
_pdbx_unobs_or_zero_occ_atoms.label_atom_id 
1  1 Y 1 A LYS 130 ? CE  ? A LYS 37  CE  
2  1 Y 1 A LYS 130 ? NZ  ? A LYS 37  NZ  
3  1 Y 1 A LYS 133 ? CG  ? A LYS 40  CG  
4  1 Y 1 A LYS 133 ? CD  ? A LYS 40  CD  
5  1 Y 1 A LYS 133 ? CE  ? A LYS 40  CE  
6  1 Y 1 A LYS 133 ? NZ  ? A LYS 40  NZ  
7  1 Y 1 A GLU 134 ? CG  ? A GLU 41  CG  
8  1 Y 1 A GLU 134 ? CD  ? A GLU 41  CD  
9  1 Y 1 A GLU 134 ? OE1 ? A GLU 41  OE1 
10 1 Y 1 A GLU 134 ? OE2 ? A GLU 41  OE2 
11 1 Y 1 A LYS 159 ? CD  ? A LYS 66  CD  
12 1 Y 1 A LYS 159 ? CE  ? A LYS 66  CE  
13 1 Y 1 A LYS 159 ? NZ  ? A LYS 66  NZ  
14 1 Y 1 A LYS 185 ? CE  ? A LYS 92  CE  
15 1 Y 1 A LYS 185 ? NZ  ? A LYS 92  NZ  
16 1 Y 1 A LYS 215 ? CD  ? A LYS 122 CD  
17 1 Y 1 A LYS 215 ? CE  ? A LYS 122 CE  
18 1 Y 1 A LYS 215 ? NZ  ? A LYS 122 NZ  
19 1 Y 1 A LYS 217 ? CE  ? A LYS 124 CE  
20 1 Y 1 A LYS 217 ? NZ  ? A LYS 124 NZ  
21 1 Y 1 A ARG 241 ? CD  ? A ARG 148 CD  
22 1 Y 1 A ARG 241 ? NE  ? A ARG 148 NE  
23 1 Y 1 A ARG 241 ? CZ  ? A ARG 148 CZ  
24 1 Y 1 A ARG 241 ? NH1 ? A ARG 148 NH1 
25 1 Y 1 A ARG 241 ? NH2 ? A ARG 148 NH2 
26 1 Y 1 A ARG 242 ? CG  ? A ARG 149 CG  
27 1 Y 1 A ARG 242 ? CD  ? A ARG 149 CD  
28 1 Y 1 A ARG 242 ? NE  ? A ARG 149 NE  
29 1 Y 1 A ARG 242 ? CZ  ? A ARG 149 CZ  
30 1 Y 1 A ARG 242 ? NH1 ? A ARG 149 NH1 
31 1 Y 1 A ARG 242 ? NH2 ? A ARG 149 NH2 
# 
loop_
_software.pdbx_ordinal 
_software.name 
_software.version 
_software.date 
_software.type 
_software.contact_author 
_software.contact_author_email 
_software.classification 
_software.location 
_software.language 
_software.citation_id 
1 REFMAC      5.8.0158 ?               program 'Garib N. Murshudov' garib@ysbl.york.ac.uk    refinement        
http://www.ccp4.ac.uk/dist/html/refmac5.html        Fortran_77 ? 
2 Aimless     0.5.32   29/03/17        program 'Phil Evans'         ?                        'data scaling'    
http://www.mrc-lmb.cam.ac.uk/harry/pre/aimless.html ?          ? 
3 PDB_EXTRACT 3.23     'SEP. 23, 2016' package PDB                  deposit@deposit.rcsb.org 'data extraction' 
http://sw-tools.pdb.org/apps/PDB_EXTRACT/           C++        ? 
4 XDS         .        ?               program ?                    ?                        'data reduction'  ? ?          ? 
5 REFMAC      .        ?               program ?                    ?                        phasing           ? ?          ? 
# 
_cell.entry_id           5QP7 
_cell.length_a           48.365 
_cell.length_b           60.452 
_cell.length_c           65.353 
_cell.angle_alpha        90.000 
_cell.angle_beta         90.000 
_cell.angle_gamma        90.000 
_cell.Z_PDB              4 
_cell.pdbx_unique_axis   ? 
# 
_symmetry.entry_id                         5QP7 
_symmetry.space_group_name_H-M             'P 21 21 21' 
_symmetry.pdbx_full_space_group_name_H-M   ? 
_symmetry.cell_setting                     ? 
_symmetry.Int_Tables_number                19 
# 
_exptl.crystals_number   1 
_exptl.entry_id          5QP7 
_exptl.method            'X-RAY DIFFRACTION' 
# 
_exptl_crystal.id                    1 
_exptl_crystal.pdbx_mosaicity        0.080 
_exptl_crystal.pdbx_mosaicity_esd    ? 
_exptl_crystal.density_Matthews      2.50 
_exptl_crystal.density_diffrn        ? 
_exptl_crystal.density_meas          ? 
_exptl_crystal.density_meas_temp     ? 
_exptl_crystal.density_percent_sol   50.89 
_exptl_crystal.size_max              ? 
_exptl_crystal.size_mid              ? 
_exptl_crystal.size_min              ? 
_exptl_crystal.size_rad              ? 
_exptl_crystal.description           ? 
# 
_exptl_crystal_grow.crystal_id      1 
_exptl_crystal_grow.method          'VAPOR DIFFUSION, SITTING DROP' 
_exptl_crystal_grow.pH              4.5 
_exptl_crystal_grow.temp            277 
_exptl_crystal_grow.pdbx_details    '0.1 M acetate, pH 4.5, 5-25% PEG3350' 
_exptl_crystal_grow.temp_details    ? 
_exptl_crystal_grow.pdbx_pH_range   ? 
# 
_diffrn.id                     1 
_diffrn.ambient_temp           ? 
_diffrn.crystal_id             1 
_diffrn.ambient_temp_details   ? 
# 
_diffrn_detector.detector               PIXEL 
_diffrn_detector.type                   'DECTRIS PILATUS 2M' 
_diffrn_detector.pdbx_collection_date   2017-07-27 
_diffrn_detector.diffrn_id              1 
_diffrn_detector.details                ? 
# 
_diffrn_radiation.diffrn_id                        1 
_diffrn_radiation.wavelength_id                    1 
_diffrn_radiation.pdbx_diffrn_protocol             'SINGLE WAVELENGTH' 
_diffrn_radiation.pdbx_monochromatic_or_laue_m_l   ? 
_diffrn_radiation.monochromator                    ? 
_diffrn_radiation.pdbx_scattering_type             x-ray 
# 
_diffrn_radiation_wavelength.id           1 
_diffrn_radiation_wavelength.wavelength   0.91587 
_diffrn_radiation_wavelength.wt           1.0 
# 
_diffrn_source.diffrn_id                   1 
_diffrn_source.source                      SYNCHROTRON 
_diffrn_source.type                        'DIAMOND BEAMLINE I04-1' 
_diffrn_source.pdbx_wavelength_list        0.91587 
_diffrn_source.pdbx_synchrotron_site       Diamond 
_diffrn_source.pdbx_synchrotron_beamline   I04-1 
_diffrn_source.pdbx_wavelength             ? 
# 
_reflns.entry_id                     5QP7 
_reflns.pdbx_diffrn_id               1 
_reflns.pdbx_ordinal                 1 
_reflns.observed_criterion_sigma_I   ? 
_reflns.observed_criterion_sigma_F   ? 
_reflns.d_resolution_low             28.750 
_reflns.d_resolution_high            1.880 
_reflns.number_obs                   16044 
_reflns.number_all                   ? 
_reflns.percent_possible_obs         99.300 
_reflns.pdbx_Rmerge_I_obs            0.053 
_reflns.pdbx_Rsym_value              ? 
_reflns.pdbx_netI_over_sigmaI        19.500 
_reflns.B_iso_Wilson_estimate        ? 
_reflns.pdbx_redundancy              6.500 
_reflns.pdbx_Rrim_I_all              0.058 
_reflns.pdbx_Rpim_I_all              0.023 
_reflns.pdbx_CC_half                 0.999 
_reflns.pdbx_netI_over_av_sigmaI     ? 
_reflns.pdbx_number_measured_all     104835 
_reflns.pdbx_scaling_rejects         0 
_reflns.pdbx_chi_squared             ? 
_reflns.Rmerge_F_all                 ? 
_reflns.Rmerge_F_obs                 ? 
_reflns.observed_criterion_F_max     ? 
_reflns.observed_criterion_F_min     ? 
_reflns.observed_criterion_I_max     ? 
_reflns.observed_criterion_I_min     ? 
_reflns.pdbx_d_res_high_opt          ? 
_reflns.pdbx_d_res_low_opt           ? 
_reflns.details                      ? 
# 
loop_
_reflns_shell.pdbx_diffrn_id 
_reflns_shell.pdbx_ordinal 
_reflns_shell.d_res_high 
_reflns_shell.d_res_low 
_reflns_shell.number_measured_obs 
_reflns_shell.number_measured_all 
_reflns_shell.number_unique_obs 
_reflns_shell.pdbx_rejects 
_reflns_shell.Rmerge_I_obs 
_reflns_shell.meanI_over_sigI_obs 
_reflns_shell.pdbx_Rsym_value 
_reflns_shell.pdbx_chi_squared 
_reflns_shell.pdbx_redundancy 
_reflns_shell.percent_possible_obs 
_reflns_shell.pdbx_netI_over_sigmaI_obs 
_reflns_shell.number_possible 
_reflns_shell.number_unique_all 
_reflns_shell.Rmerge_F_all 
_reflns_shell.Rmerge_F_obs 
_reflns_shell.Rmerge_I_all 
_reflns_shell.meanI_over_sigI_all 
_reflns_shell.percent_possible_all 
_reflns_shell.pdbx_Rrim_I_all 
_reflns_shell.pdbx_Rpim_I_all 
_reflns_shell.pdbx_CC_half 
1 1 1.880 1.930  ? 7706 ? ? 0.660 ? ? ? 6.700 ? 2.900  ? 1152 ? ? ? ? 97.800 0.715 0.272 0.918 
1 2 8.410 28.750 ? 1233 ? ? 0.020 ? ? ? 5.600 ? 58.900 ? 221  ? ? ? ? 97.600 0.022 0.009 1.000 
# 
_refine.entry_id                                 5QP7 
_refine.pdbx_refine_id                           'X-RAY DIFFRACTION' 
_refine.ls_d_res_high                            1.8800 
_refine.ls_d_res_low                             44.4200 
_refine.pdbx_ls_sigma_F                          0.000 
_refine.pdbx_data_cutoff_high_absF               ? 
_refine.pdbx_data_cutoff_low_absF                ? 
_refine.ls_percent_reflns_obs                    98.9000 
_refine.ls_number_reflns_obs                     15211 
_refine.ls_number_reflns_all                     ? 
_refine.pdbx_ls_cross_valid_method               THROUGHOUT 
_refine.ls_matrix_type                           ? 
_refine.pdbx_R_Free_selection_details            RANDOM 
_refine.details                                  
'HYDROGENS HAVE BEEN ADDED IN THE RIDING POSITIONS U VALUES : REFINED INDIVIDUALLY' 
_refine.ls_R_factor_all                          ? 
_refine.ls_R_factor_obs                          0.1995 
_refine.ls_R_factor_R_work                       0.1966 
_refine.ls_wR_factor_R_work                      ? 
_refine.ls_R_factor_R_free                       0.2597 
_refine.ls_wR_factor_R_free                      ? 
_refine.ls_percent_reflns_R_free                 4.8000 
_refine.ls_number_reflns_R_free                  771 
_refine.ls_number_reflns_R_work                  ? 
_refine.ls_R_factor_R_free_error                 ? 
_refine.B_iso_mean                               35.9790 
_refine.solvent_model_param_bsol                 ? 
_refine.solvent_model_param_ksol                 ? 
_refine.pdbx_isotropic_thermal_model             ? 
_refine.aniso_B[1][1]                            1.7100 
_refine.aniso_B[2][2]                            -2.2500 
_refine.aniso_B[3][3]                            0.5400 
_refine.aniso_B[1][2]                            0.0000 
_refine.aniso_B[1][3]                            -0.0000 
_refine.aniso_B[2][3]                            0.0000 
_refine.correlation_coeff_Fo_to_Fc               0.9570 
_refine.correlation_coeff_Fo_to_Fc_free          0.9120 
_refine.overall_SU_R_Cruickshank_DPI             ? 
_refine.pdbx_overall_SU_R_free_Cruickshank_DPI   ? 
_refine.pdbx_overall_SU_R_Blow_DPI               ? 
_refine.pdbx_overall_SU_R_free_Blow_DPI          ? 
_refine.overall_SU_R_free                        ? 
_refine.pdbx_overall_ESU_R                       0.1630 
_refine.pdbx_overall_ESU_R_Free                  0.1630 
_refine.overall_SU_ML                            0.1230 
_refine.overall_SU_B                             4.2250 
_refine.solvent_model_details                    MASK 
_refine.pdbx_solvent_vdw_probe_radii             1.2000 
_refine.pdbx_solvent_ion_probe_radii             0.8000 
_refine.pdbx_solvent_shrinkage_radii             0.8000 
_refine.ls_number_parameters                     ? 
_refine.ls_number_restraints                     ? 
_refine.pdbx_starting_model                      'PDB entry 5MP0' 
_refine.pdbx_method_to_determine_struct          'FOURIER SYNTHESIS' 
_refine.pdbx_stereochemistry_target_values       'MAXIMUM LIKELIHOOD' 
_refine.pdbx_stereochem_target_val_spec_case     ? 
_refine.overall_FOM_work_R_set                   ? 
_refine.B_iso_max                                98.220 
_refine.B_iso_min                                19.090 
_refine.pdbx_overall_phase_error                 ? 
_refine.occupancy_max                            ? 
_refine.occupancy_min                            ? 
_refine.pdbx_diffrn_id                           1 
_refine.pdbx_TLS_residual_ADP_flag               ? 
_refine.pdbx_ls_sigma_I                          ? 
_refine.pdbx_data_cutoff_high_rms_absF           ? 
_refine.ls_R_factor_R_free_error_details         ? 
# 
_refine_hist.cycle_id                         final 
_refine_hist.pdbx_refine_id                   'X-RAY DIFFRACTION' 
_refine_hist.d_res_high                       1.8800 
_refine_hist.d_res_low                        44.4200 
_refine_hist.pdbx_number_atoms_ligand         34 
_refine_hist.number_atoms_solvent             89 
_refine_hist.number_atoms_total               1312 
_refine_hist.pdbx_number_residues_total       149 
_refine_hist.pdbx_B_iso_mean_ligand           58.10 
_refine_hist.pdbx_B_iso_mean_solvent          43.44 
_refine_hist.pdbx_number_atoms_protein        1189 
_refine_hist.pdbx_number_atoms_nucleic_acid   0 
# 
loop_
_refine_ls_restr.pdbx_refine_id 
_refine_ls_restr.type 
_refine_ls_restr.number 
_refine_ls_restr.dev_ideal 
_refine_ls_restr.dev_ideal_target 
_refine_ls_restr.weight 
_refine_ls_restr.pdbx_restraint_function 
'X-RAY DIFFRACTION' r_bond_refined_d       1774 0.017  0.019  ? ? 
'X-RAY DIFFRACTION' r_bond_other_d         1504 0.003  0.020  ? ? 
'X-RAY DIFFRACTION' r_angle_refined_deg    2146 1.829  1.968  ? ? 
'X-RAY DIFFRACTION' r_angle_other_deg      3485 1.030  2.966  ? ? 
'X-RAY DIFFRACTION' r_dihedral_angle_1_deg 199  5.808  5.000  ? ? 
'X-RAY DIFFRACTION' r_dihedral_angle_2_deg 74   31.358 21.622 ? ? 
'X-RAY DIFFRACTION' r_dihedral_angle_3_deg 274  16.436 15.000 ? ? 
'X-RAY DIFFRACTION' r_dihedral_angle_4_deg 20   23.877 15.000 ? ? 
'X-RAY DIFFRACTION' r_chiral_restr         211  0.110  0.200  ? ? 
'X-RAY DIFFRACTION' r_gen_planes_refined   1826 0.010  0.021  ? ? 
'X-RAY DIFFRACTION' r_gen_planes_other     372  0.003  0.020  ? ? 
'X-RAY DIFFRACTION' r_mcbond_it            819  2.964  3.358  ? ? 
'X-RAY DIFFRACTION' r_mcbond_other         811  2.932  3.341  ? ? 
'X-RAY DIFFRACTION' r_mcangle_it           955  4.321  4.976  ? ? 
# 
_refine_ls_shell.d_res_high                       1.8800 
_refine_ls_shell.d_res_low                        1.9290 
_refine_ls_shell.pdbx_total_number_of_bins_used   20 
_refine_ls_shell.percent_reflns_obs               97.3800 
_refine_ls_shell.number_reflns_R_work             1087 
_refine_ls_shell.R_factor_all                     ? 
_refine_ls_shell.R_factor_R_work                  0.3110 
_refine_ls_shell.R_factor_R_free                  0.4130 
_refine_ls_shell.percent_reflns_R_free            ? 
_refine_ls_shell.number_reflns_R_free             66 
_refine_ls_shell.R_factor_R_free_error            ? 
_refine_ls_shell.number_reflns_all                1153 
_refine_ls_shell.number_reflns_obs                ? 
_refine_ls_shell.pdbx_refine_id                   'X-RAY DIFFRACTION' 
# 
_struct.entry_id                  5QP7 
_struct.title                     
'PanDDA analysis group deposition -- Crystal Structure of DCP2 (NUDT20) in complex with PB1230873739' 
_struct.pdbx_model_details        ? 
_struct.pdbx_CASP_flag            ? 
_struct.pdbx_model_type_details   ? 
# 
_struct_keywords.entry_id        5QP7 
_struct_keywords.text            'SGC - Diamond I04-1 fragment screening, PanDDA, XChemExplorer, HYDROLASE' 
_struct_keywords.pdbx_keywords   HYDROLASE 
# 
loop_
_struct_asym.id 
_struct_asym.pdbx_blank_PDB_chainid_flag 
_struct_asym.pdbx_modified 
_struct_asym.entity_id 
_struct_asym.details 
A N N 1 ? 
B N N 2 ? 
C N N 2 ? 
D N N 3 ? 
E N N 4 ? 
F N N 4 ? 
G N N 5 ? 
H N N 6 ? 
# 
_struct_ref.id                         1 
_struct_ref.db_name                    UNP 
_struct_ref.db_code                    DCP2_HUMAN 
_struct_ref.pdbx_db_accession          Q8IU60 
_struct_ref.pdbx_db_isoform            ? 
_struct_ref.entity_id                  1 
_struct_ref.pdbx_seq_one_letter_code   
;MGVPTYGAIILDETLENVLLVQGYLAKSGWGFPKGKVNKEEAPHDCAAREVFEETGFDIKDYICKDDYIELRINDQLARL
YIIPGIPKDTKFNPKTRREIRNIEWFSIEKLPCHRNDMTPKSKLGLAPNKFFMAIPFIRPLRDWLSRRFGDSSDSDNGFS
STGSTP
;
_struct_ref.pdbx_align_begin           95 
# 
_struct_ref_seq.align_id                      1 
_struct_ref_seq.ref_id                        1 
_struct_ref_seq.pdbx_PDB_id_code              5QP7 
_struct_ref_seq.pdbx_strand_id                A 
_struct_ref_seq.seq_align_beg                 2 
_struct_ref_seq.pdbx_seq_align_beg_ins_code   ? 
_struct_ref_seq.seq_align_end                 167 
_struct_ref_seq.pdbx_seq_align_end_ins_code   ? 
_struct_ref_seq.pdbx_db_accession             Q8IU60 
_struct_ref_seq.db_align_beg                  95 
_struct_ref_seq.pdbx_db_align_beg_ins_code    ? 
_struct_ref_seq.db_align_end                  260 
_struct_ref_seq.pdbx_db_align_end_ins_code    ? 
_struct_ref_seq.pdbx_auth_seq_align_beg       95 
_struct_ref_seq.pdbx_auth_seq_align_end       260 
# 
_struct_ref_seq_dif.align_id                     1 
_struct_ref_seq_dif.pdbx_pdb_id_code             5QP7 
_struct_ref_seq_dif.mon_id                       SER 
_struct_ref_seq_dif.pdbx_pdb_strand_id           A 
_struct_ref_seq_dif.seq_num                      1 
_struct_ref_seq_dif.pdbx_pdb_ins_code            ? 
_struct_ref_seq_dif.pdbx_seq_db_name             UNP 
_struct_ref_seq_dif.pdbx_seq_db_accession_code   Q8IU60 
_struct_ref_seq_dif.db_mon_id                    ? 
_struct_ref_seq_dif.pdbx_seq_db_seq_num          ? 
_struct_ref_seq_dif.details                      'expression tag' 
_struct_ref_seq_dif.pdbx_auth_seq_num            94 
_struct_ref_seq_dif.pdbx_ordinal                 1 
# 
_pdbx_struct_assembly.id                   1 
_pdbx_struct_assembly.details              author_and_software_defined_assembly 
_pdbx_struct_assembly.method_details       PISA 
_pdbx_struct_assembly.oligomeric_details   monomeric 
_pdbx_struct_assembly.oligomeric_count     1 
# 
loop_
_pdbx_struct_assembly_prop.biol_id 
_pdbx_struct_assembly_prop.type 
_pdbx_struct_assembly_prop.value 
_pdbx_struct_assembly_prop.details 
1 'ABSA (A^2)' 870  ? 
1 MORE         4    ? 
1 'SSA (A^2)'  8610 ? 
# 
_pdbx_struct_assembly_gen.assembly_id       1 
_pdbx_struct_assembly_gen.oper_expression   1 
_pdbx_struct_assembly_gen.asym_id_list      A,B,C,D,E,F,G,H 
# 
_pdbx_struct_oper_list.id                   1 
_pdbx_struct_oper_list.type                 'identity operation' 
_pdbx_struct_oper_list.name                 1_555 
_pdbx_struct_oper_list.symmetry_operation   x,y,z 
_pdbx_struct_oper_list.matrix[1][1]         1.0000000000 
_pdbx_struct_oper_list.matrix[1][2]         0.0000000000 
_pdbx_struct_oper_list.matrix[1][3]         0.0000000000 
_pdbx_struct_oper_list.vector[1]            0.0000000000 
_pdbx_struct_oper_list.matrix[2][1]         0.0000000000 
_pdbx_struct_oper_list.matrix[2][2]         1.0000000000 
_pdbx_struct_oper_list.matrix[2][3]         0.0000000000 
_pdbx_struct_oper_list.vector[2]            0.0000000000 
_pdbx_struct_oper_list.matrix[3][1]         0.0000000000 
_pdbx_struct_oper_list.matrix[3][2]         0.0000000000 
_pdbx_struct_oper_list.matrix[3][3]         1.0000000000 
_pdbx_struct_oper_list.vector[3]            0.0000000000 
# 
loop_
_struct_conf.conf_type_id 
_struct_conf.id 
_struct_conf.pdbx_PDB_helix_id 
_struct_conf.beg_label_comp_id 
_struct_conf.beg_label_asym_id 
_struct_conf.beg_label_seq_id 
_struct_conf.pdbx_beg_PDB_ins_code 
_struct_conf.end_label_comp_id 
_struct_conf.end_label_asym_id 
_struct_conf.end_label_seq_id 
_struct_conf.pdbx_end_PDB_ins_code 
_struct_conf.beg_auth_comp_id 
_struct_conf.beg_auth_asym_id 
_struct_conf.beg_auth_seq_id 
_struct_conf.end_auth_comp_id 
_struct_conf.end_auth_asym_id 
_struct_conf.end_auth_seq_id 
_struct_conf.pdbx_PDB_helix_class 
_struct_conf.details 
_struct_conf.pdbx_PDB_helix_length 
HELX_P HELX_P1 AA1 TYR A 25  ? SER A 29  ? TYR A 118 SER A 122 5 ? 5  
HELX_P HELX_P2 AA2 ALA A 43  ? GLY A 57  ? ALA A 136 GLY A 150 1 ? 15 
HELX_P HELX_P3 AA3 GLU A 110 ? LEU A 112 ? GLU A 203 LEU A 205 5 ? 3  
HELX_P HELX_P4 AA4 MET A 119 ? SER A 123 ? MET A 212 SER A 216 5 ? 5  
HELX_P HELX_P5 AA5 ALA A 135 ? PHE A 150 ? ALA A 228 PHE A 243 1 ? 16 
# 
_struct_conf_type.id          HELX_P 
_struct_conf_type.criteria    ? 
_struct_conf_type.reference   ? 
# 
loop_
_struct_sheet.id 
_struct_sheet.type 
_struct_sheet.number_strands 
_struct_sheet.details 
AA1 ? 4 ? 
AA2 ? 3 ? 
# 
loop_
_struct_sheet_order.sheet_id 
_struct_sheet_order.range_id_1 
_struct_sheet_order.range_id_2 
_struct_sheet_order.offset 
_struct_sheet_order.sense 
AA1 1 2 ? anti-parallel 
AA1 2 3 ? parallel      
AA1 3 4 ? anti-parallel 
AA2 1 2 ? anti-parallel 
AA2 2 3 ? anti-parallel 
# 
loop_
_struct_sheet_range.sheet_id 
_struct_sheet_range.id 
_struct_sheet_range.beg_label_comp_id 
_struct_sheet_range.beg_label_asym_id 
_struct_sheet_range.beg_label_seq_id 
_struct_sheet_range.pdbx_beg_PDB_ins_code 
_struct_sheet_range.end_label_comp_id 
_struct_sheet_range.end_label_asym_id 
_struct_sheet_range.end_label_seq_id 
_struct_sheet_range.pdbx_end_PDB_ins_code 
_struct_sheet_range.beg_auth_comp_id 
_struct_sheet_range.beg_auth_asym_id 
_struct_sheet_range.beg_auth_seq_id 
_struct_sheet_range.end_auth_comp_id 
_struct_sheet_range.end_auth_asym_id 
_struct_sheet_range.end_auth_seq_id 
AA1 1 LYS A 35  ? LYS A 37  ? LYS A 128 LYS A 130 
AA1 2 THR A 6   ? ILE A 11  ? THR A 99  ILE A 104 
AA1 3 GLN A 77  ? ILE A 84  ? GLN A 170 ILE A 177 
AA1 4 TYR A 69  ? ILE A 74  ? TYR A 162 ILE A 167 
AA2 1 TRP A 31  ? GLY A 32  ? TRP A 124 GLY A 125 
AA2 2 ASN A 18  ? GLN A 23  ? ASN A 111 GLN A 116 
AA2 3 ASN A 103 ? SER A 108 ? ASN A 196 SER A 201 
# 
loop_
_pdbx_struct_sheet_hbond.sheet_id 
_pdbx_struct_sheet_hbond.range_id_1 
_pdbx_struct_sheet_hbond.range_id_2 
_pdbx_struct_sheet_hbond.range_1_label_atom_id 
_pdbx_struct_sheet_hbond.range_1_label_comp_id 
_pdbx_struct_sheet_hbond.range_1_label_asym_id 
_pdbx_struct_sheet_hbond.range_1_label_seq_id 
_pdbx_struct_sheet_hbond.range_1_PDB_ins_code 
_pdbx_struct_sheet_hbond.range_1_auth_atom_id 
_pdbx_struct_sheet_hbond.range_1_auth_comp_id 
_pdbx_struct_sheet_hbond.range_1_auth_asym_id 
_pdbx_struct_sheet_hbond.range_1_auth_seq_id 
_pdbx_struct_sheet_hbond.range_2_label_atom_id 
_pdbx_struct_sheet_hbond.range_2_label_comp_id 
_pdbx_struct_sheet_hbond.range_2_label_asym_id 
_pdbx_struct_sheet_hbond.range_2_label_seq_id 
_pdbx_struct_sheet_hbond.range_2_PDB_ins_code 
_pdbx_struct_sheet_hbond.range_2_auth_atom_id 
_pdbx_struct_sheet_hbond.range_2_auth_comp_id 
_pdbx_struct_sheet_hbond.range_2_auth_asym_id 
_pdbx_struct_sheet_hbond.range_2_auth_seq_id 
AA1 1 2 O GLY A 36 ? O GLY A 129 N TYR A 7   ? N TYR A 100 
AA1 2 3 N ILE A 10 ? N ILE A 103 O ILE A 84  ? O ILE A 177 
AA1 3 4 O LEU A 81 ? O LEU A 174 N ILE A 70  ? N ILE A 163 
AA2 1 2 O GLY A 32 ? O GLY A 125 N VAL A 22  ? N VAL A 115 
AA2 2 3 N LEU A 21 ? N LEU A 114 O GLU A 105 ? O GLU A 198 
# 
loop_
_struct_site.id 
_struct_site.pdbx_evidence_code 
_struct_site.pdbx_auth_asym_id 
_struct_site.pdbx_auth_comp_id 
_struct_site.pdbx_auth_seq_id 
_struct_site.pdbx_auth_ins_code 
_struct_site.pdbx_num_residues 
_struct_site.details 
AC1 Software A EDO 301 ? 6 'binding site for residue EDO A 301' 
AC2 Software A EDO 302 ? 5 'binding site for residue EDO A 302' 
AC3 Software A DMS 303 ? 2 'binding site for residue DMS A 303' 
AC4 Software A ACT 304 ? 3 'binding site for residue ACT A 304' 
AC5 Software A ACT 305 ? 5 'binding site for residue ACT A 305' 
AC6 Software A LJJ 306 ? 7 'binding site for residue LJJ A 306' 
# 
loop_
_struct_site_gen.id 
_struct_site_gen.site_id 
_struct_site_gen.pdbx_num_res 
_struct_site_gen.label_comp_id 
_struct_site_gen.label_asym_id 
_struct_site_gen.label_seq_id 
_struct_site_gen.pdbx_auth_ins_code 
_struct_site_gen.auth_comp_id 
_struct_site_gen.auth_asym_id 
_struct_site_gen.auth_seq_id 
_struct_site_gen.label_atom_id 
_struct_site_gen.label_alt_id 
_struct_site_gen.symmetry 
_struct_site_gen.details 
1  AC1 6 ALA A 49  ? ALA A 142 . ? 1_555 ? 
2  AC1 6 PHE A 53  ? PHE A 146 . ? 1_555 ? 
3  AC1 6 ASP A 59  ? ASP A 152 . ? 1_555 ? 
4  AC1 6 LYS A 61  ? LYS A 154 . ? 1_555 ? 
5  AC1 6 HOH H .   ? HOH A 440 . ? 1_555 ? 
6  AC1 6 HOH H .   ? HOH A 463 . ? 1_555 ? 
7  AC2 5 PRO A 129 ? PRO A 222 . ? 1_555 ? 
8  AC2 5 ASN A 130 ? ASN A 223 . ? 1_555 ? 
9  AC2 5 LYS A 131 ? LYS A 224 . ? 1_555 ? 
10 AC2 5 ACT F .   ? ACT A 305 . ? 1_555 ? 
11 AC2 5 HOH H .   ? HOH A 471 . ? 1_555 ? 
12 AC3 2 ASN A 18  ? ASN A 111 . ? 1_555 ? 
13 AC3 2 TRP A 106 ? TRP A 199 . ? 1_555 ? 
14 AC4 3 SER A 29  ? SER A 122 . ? 1_555 ? 
15 AC4 3 TYR A 63  ? TYR A 156 . ? 3_357 ? 
16 AC4 3 HOH H .   ? HOH A 410 . ? 1_555 ? 
17 AC5 5 ARG A 116 ? ARG A 209 . ? 1_555 ? 
18 AC5 5 PRO A 129 ? PRO A 222 . ? 1_555 ? 
19 AC5 5 ASN A 130 ? ASN A 223 . ? 1_555 ? 
20 AC5 5 PHE A 133 ? PHE A 226 . ? 1_555 ? 
21 AC5 5 EDO C .   ? EDO A 302 . ? 1_555 ? 
22 AC6 7 VAL A 22  ? VAL A 115 . ? 1_555 ? 
23 AC6 7 GLY A 24  ? GLY A 117 . ? 1_555 ? 
24 AC6 7 PHE A 33  ? PHE A 126 . ? 1_555 ? 
25 AC6 7 LYS A 35  ? LYS A 128 . ? 1_555 ? 
26 AC6 7 GLU A 55  ? GLU A 148 . ? 1_555 ? 
27 AC6 7 ILE A 101 ? ILE A 194 . ? 1_555 ? 
28 AC6 7 MET A 134 ? MET A 227 . ? 1_555 ? 
# 
loop_
_pdbx_validate_rmsd_angle.id 
_pdbx_validate_rmsd_angle.PDB_model_num 
_pdbx_validate_rmsd_angle.auth_atom_id_1 
_pdbx_validate_rmsd_angle.auth_asym_id_1 
_pdbx_validate_rmsd_angle.auth_comp_id_1 
_pdbx_validate_rmsd_angle.auth_seq_id_1 
_pdbx_validate_rmsd_angle.PDB_ins_code_1 
_pdbx_validate_rmsd_angle.label_alt_id_1 
_pdbx_validate_rmsd_angle.auth_atom_id_2 
_pdbx_validate_rmsd_angle.auth_asym_id_2 
_pdbx_validate_rmsd_angle.auth_comp_id_2 
_pdbx_validate_rmsd_angle.auth_seq_id_2 
_pdbx_validate_rmsd_angle.PDB_ins_code_2 
_pdbx_validate_rmsd_angle.label_alt_id_2 
_pdbx_validate_rmsd_angle.auth_atom_id_3 
_pdbx_validate_rmsd_angle.auth_asym_id_3 
_pdbx_validate_rmsd_angle.auth_comp_id_3 
_pdbx_validate_rmsd_angle.auth_seq_id_3 
_pdbx_validate_rmsd_angle.PDB_ins_code_3 
_pdbx_validate_rmsd_angle.label_alt_id_3 
_pdbx_validate_rmsd_angle.angle_value 
_pdbx_validate_rmsd_angle.angle_target_value 
_pdbx_validate_rmsd_angle.angle_deviation 
_pdbx_validate_rmsd_angle.angle_standard_deviation 
_pdbx_validate_rmsd_angle.linker_flag 
1 1 CB A ASP 152 ? ? CG A ASP 152 ? ? OD1 A ASP 152 ? ? 123.84 118.30 5.54  0.90 N 
2 1 CB A ASP 169 ? ? CG A ASP 169 ? ? OD2 A ASP 169 ? ? 109.39 118.30 -8.91 0.90 N 
# 
loop_
_pdbx_validate_torsion.id 
_pdbx_validate_torsion.PDB_model_num 
_pdbx_validate_torsion.auth_comp_id 
_pdbx_validate_torsion.auth_asym_id 
_pdbx_validate_torsion.auth_seq_id 
_pdbx_validate_torsion.PDB_ins_code 
_pdbx_validate_torsion.label_alt_id 
_pdbx_validate_torsion.phi 
_pdbx_validate_torsion.psi 
1 1 LEU A 119 ? ? 60.77   -115.63 
2 1 LYS A 133 ? ? -38.72  126.53  
3 1 ASP A 211 ? ? -76.70  -167.22 
4 1 PHE A 243 ? ? -128.54 -54.11  
# 
_phasing.method   MR 
# 
loop_
_pdbx_unobs_or_zero_occ_residues.id 
_pdbx_unobs_or_zero_occ_residues.PDB_model_num 
_pdbx_unobs_or_zero_occ_residues.polymer_flag 
_pdbx_unobs_or_zero_occ_residues.occupancy_flag 
_pdbx_unobs_or_zero_occ_residues.auth_asym_id 
_pdbx_unobs_or_zero_occ_residues.auth_comp_id 
_pdbx_unobs_or_zero_occ_residues.auth_seq_id 
_pdbx_unobs_or_zero_occ_residues.PDB_ins_code 
_pdbx_unobs_or_zero_occ_residues.label_asym_id 
_pdbx_unobs_or_zero_occ_residues.label_comp_id 
_pdbx_unobs_or_zero_occ_residues.label_seq_id 
1  1 Y 1 A SER 94  ? A SER 1   
2  1 Y 1 A MET 95  ? A MET 2   
3  1 Y 1 A ASP 245 ? A ASP 152 
4  1 Y 1 A SER 246 ? A SER 153 
5  1 Y 1 A SER 247 ? A SER 154 
6  1 Y 1 A ASP 248 ? A ASP 155 
7  1 Y 1 A SER 249 ? A SER 156 
8  1 Y 1 A ASP 250 ? A ASP 157 
9  1 Y 1 A ASN 251 ? A ASN 158 
10 1 Y 1 A GLY 252 ? A GLY 159 
11 1 Y 1 A PHE 253 ? A PHE 160 
12 1 Y 1 A SER 254 ? A SER 161 
13 1 Y 1 A SER 255 ? A SER 162 
14 1 Y 1 A THR 256 ? A THR 163 
15 1 Y 1 A GLY 257 ? A GLY 164 
16 1 Y 1 A SER 258 ? A SER 165 
17 1 Y 1 A THR 259 ? A THR 166 
18 1 Y 1 A PRO 260 ? A PRO 167 
# 
loop_
_chem_comp_atom.comp_id 
_chem_comp_atom.atom_id 
_chem_comp_atom.type_symbol 
_chem_comp_atom.pdbx_aromatic_flag 
_chem_comp_atom.pdbx_stereo_config 
_chem_comp_atom.pdbx_ordinal 
ACT C    C N N 1   
ACT O    O N N 2   
ACT OXT  O N N 3   
ACT CH3  C N N 4   
ACT H1   H N N 5   
ACT H2   H N N 6   
ACT H3   H N N 7   
ALA N    N N N 8   
ALA CA   C N S 9   
ALA C    C N N 10  
ALA O    O N N 11  
ALA CB   C N N 12  
ALA OXT  O N N 13  
ALA H    H N N 14  
ALA H2   H N N 15  
ALA HA   H N N 16  
ALA HB1  H N N 17  
ALA HB2  H N N 18  
ALA HB3  H N N 19  
ALA HXT  H N N 20  
ARG N    N N N 21  
ARG CA   C N S 22  
ARG C    C N N 23  
ARG O    O N N 24  
ARG CB   C N N 25  
ARG CG   C N N 26  
ARG CD   C N N 27  
ARG NE   N N N 28  
ARG CZ   C N N 29  
ARG NH1  N N N 30  
ARG NH2  N N N 31  
ARG OXT  O N N 32  
ARG H    H N N 33  
ARG H2   H N N 34  
ARG HA   H N N 35  
ARG HB2  H N N 36  
ARG HB3  H N N 37  
ARG HG2  H N N 38  
ARG HG3  H N N 39  
ARG HD2  H N N 40  
ARG HD3  H N N 41  
ARG HE   H N N 42  
ARG HH11 H N N 43  
ARG HH12 H N N 44  
ARG HH21 H N N 45  
ARG HH22 H N N 46  
ARG HXT  H N N 47  
ASN N    N N N 48  
ASN CA   C N S 49  
ASN C    C N N 50  
ASN O    O N N 51  
ASN CB   C N N 52  
ASN CG   C N N 53  
ASN OD1  O N N 54  
ASN ND2  N N N 55  
ASN OXT  O N N 56  
ASN H    H N N 57  
ASN H2   H N N 58  
ASN HA   H N N 59  
ASN HB2  H N N 60  
ASN HB3  H N N 61  
ASN HD21 H N N 62  
ASN HD22 H N N 63  
ASN HXT  H N N 64  
ASP N    N N N 65  
ASP CA   C N S 66  
ASP C    C N N 67  
ASP O    O N N 68  
ASP CB   C N N 69  
ASP CG   C N N 70  
ASP OD1  O N N 71  
ASP OD2  O N N 72  
ASP OXT  O N N 73  
ASP H    H N N 74  
ASP H2   H N N 75  
ASP HA   H N N 76  
ASP HB2  H N N 77  
ASP HB3  H N N 78  
ASP HD2  H N N 79  
ASP HXT  H N N 80  
CYS N    N N N 81  
CYS CA   C N R 82  
CYS C    C N N 83  
CYS O    O N N 84  
CYS CB   C N N 85  
CYS SG   S N N 86  
CYS OXT  O N N 87  
CYS H    H N N 88  
CYS H2   H N N 89  
CYS HA   H N N 90  
CYS HB2  H N N 91  
CYS HB3  H N N 92  
CYS HG   H N N 93  
CYS HXT  H N N 94  
DMS S    S N N 95  
DMS O    O N N 96  
DMS C1   C N N 97  
DMS C2   C N N 98  
DMS H11  H N N 99  
DMS H12  H N N 100 
DMS H13  H N N 101 
DMS H21  H N N 102 
DMS H22  H N N 103 
DMS H23  H N N 104 
EDO C1   C N N 105 
EDO O1   O N N 106 
EDO C2   C N N 107 
EDO O2   O N N 108 
EDO H11  H N N 109 
EDO H12  H N N 110 
EDO HO1  H N N 111 
EDO H21  H N N 112 
EDO H22  H N N 113 
EDO HO2  H N N 114 
GLN N    N N N 115 
GLN CA   C N S 116 
GLN C    C N N 117 
GLN O    O N N 118 
GLN CB   C N N 119 
GLN CG   C N N 120 
GLN CD   C N N 121 
GLN OE1  O N N 122 
GLN NE2  N N N 123 
GLN OXT  O N N 124 
GLN H    H N N 125 
GLN H2   H N N 126 
GLN HA   H N N 127 
GLN HB2  H N N 128 
GLN HB3  H N N 129 
GLN HG2  H N N 130 
GLN HG3  H N N 131 
GLN HE21 H N N 132 
GLN HE22 H N N 133 
GLN HXT  H N N 134 
GLU N    N N N 135 
GLU CA   C N S 136 
GLU C    C N N 137 
GLU O    O N N 138 
GLU CB   C N N 139 
GLU CG   C N N 140 
GLU CD   C N N 141 
GLU OE1  O N N 142 
GLU OE2  O N N 143 
GLU OXT  O N N 144 
GLU H    H N N 145 
GLU H2   H N N 146 
GLU HA   H N N 147 
GLU HB2  H N N 148 
GLU HB3  H N N 149 
GLU HG2  H N N 150 
GLU HG3  H N N 151 
GLU HE2  H N N 152 
GLU HXT  H N N 153 
GLY N    N N N 154 
GLY CA   C N N 155 
GLY C    C N N 156 
GLY O    O N N 157 
GLY OXT  O N N 158 
GLY H    H N N 159 
GLY H2   H N N 160 
GLY HA2  H N N 161 
GLY HA3  H N N 162 
GLY HXT  H N N 163 
HIS N    N N N 164 
HIS CA   C N S 165 
HIS C    C N N 166 
HIS O    O N N 167 
HIS CB   C N N 168 
HIS CG   C Y N 169 
HIS ND1  N Y N 170 
HIS CD2  C Y N 171 
HIS CE1  C Y N 172 
HIS NE2  N Y N 173 
HIS OXT  O N N 174 
HIS H    H N N 175 
HIS H2   H N N 176 
HIS HA   H N N 177 
HIS HB2  H N N 178 
HIS HB3  H N N 179 
HIS HD1  H N N 180 
HIS HD2  H N N 181 
HIS HE1  H N N 182 
HIS HE2  H N N 183 
HIS HXT  H N N 184 
HOH O    O N N 185 
HOH H1   H N N 186 
HOH H2   H N N 187 
ILE N    N N N 188 
ILE CA   C N S 189 
ILE C    C N N 190 
ILE O    O N N 191 
ILE CB   C N S 192 
ILE CG1  C N N 193 
ILE CG2  C N N 194 
ILE CD1  C N N 195 
ILE OXT  O N N 196 
ILE H    H N N 197 
ILE H2   H N N 198 
ILE HA   H N N 199 
ILE HB   H N N 200 
ILE HG12 H N N 201 
ILE HG13 H N N 202 
ILE HG21 H N N 203 
ILE HG22 H N N 204 
ILE HG23 H N N 205 
ILE HD11 H N N 206 
ILE HD12 H N N 207 
ILE HD13 H N N 208 
ILE HXT  H N N 209 
LEU N    N N N 210 
LEU CA   C N S 211 
LEU C    C N N 212 
LEU O    O N N 213 
LEU CB   C N N 214 
LEU CG   C N N 215 
LEU CD1  C N N 216 
LEU CD2  C N N 217 
LEU OXT  O N N 218 
LEU H    H N N 219 
LEU H2   H N N 220 
LEU HA   H N N 221 
LEU HB2  H N N 222 
LEU HB3  H N N 223 
LEU HG   H N N 224 
LEU HD11 H N N 225 
LEU HD12 H N N 226 
LEU HD13 H N N 227 
LEU HD21 H N N 228 
LEU HD22 H N N 229 
LEU HD23 H N N 230 
LEU HXT  H N N 231 
LJJ N1   N Y N 232 
LJJ N3   N N N 233 
LJJ C4   C N N 234 
LJJ C5   C N N 235 
LJJ C6   C N N 236 
LJJ C7   C N N 237 
LJJ C8   C N N 238 
LJJ C10  C N N 239 
LJJ C1   C N N 240 
LJJ C2   C Y N 241 
LJJ C3   C Y N 242 
LJJ C9   C N N 243 
LJJ N2   N Y N 244 
LJJ O1   O Y N 245 
LJJ H1   H N N 246 
LJJ H2   H N N 247 
LJJ H3   H N N 248 
LJJ H4   H N N 249 
LJJ H5   H N N 250 
LJJ H6   H N N 251 
LJJ H7   H N N 252 
LJJ H8   H N N 253 
LJJ H9   H N N 254 
LJJ H10  H N N 255 
LJJ H11  H N N 256 
LJJ H12  H N N 257 
LJJ H13  H N N 258 
LJJ H14  H N N 259 
LJJ H15  H N N 260 
LJJ H16  H N N 261 
LJJ H17  H N N 262 
LYS N    N N N 263 
LYS CA   C N S 264 
LYS C    C N N 265 
LYS O    O N N 266 
LYS CB   C N N 267 
LYS CG   C N N 268 
LYS CD   C N N 269 
LYS CE   C N N 270 
LYS NZ   N N N 271 
LYS OXT  O N N 272 
LYS H    H N N 273 
LYS H2   H N N 274 
LYS HA   H N N 275 
LYS HB2  H N N 276 
LYS HB3  H N N 277 
LYS HG2  H N N 278 
LYS HG3  H N N 279 
LYS HD2  H N N 280 
LYS HD3  H N N 281 
LYS HE2  H N N 282 
LYS HE3  H N N 283 
LYS HZ1  H N N 284 
LYS HZ2  H N N 285 
LYS HZ3  H N N 286 
LYS HXT  H N N 287 
MET N    N N N 288 
MET CA   C N S 289 
MET C    C N N 290 
MET O    O N N 291 
MET CB   C N N 292 
MET CG   C N N 293 
MET SD   S N N 294 
MET CE   C N N 295 
MET OXT  O N N 296 
MET H    H N N 297 
MET H2   H N N 298 
MET HA   H N N 299 
MET HB2  H N N 300 
MET HB3  H N N 301 
MET HG2  H N N 302 
MET HG3  H N N 303 
MET HE1  H N N 304 
MET HE2  H N N 305 
MET HE3  H N N 306 
MET HXT  H N N 307 
PHE N    N N N 308 
PHE CA   C N S 309 
PHE C    C N N 310 
PHE O    O N N 311 
PHE CB   C N N 312 
PHE CG   C Y N 313 
PHE CD1  C Y N 314 
PHE CD2  C Y N 315 
PHE CE1  C Y N 316 
PHE CE2  C Y N 317 
PHE CZ   C Y N 318 
PHE OXT  O N N 319 
PHE H    H N N 320 
PHE H2   H N N 321 
PHE HA   H N N 322 
PHE HB2  H N N 323 
PHE HB3  H N N 324 
PHE HD1  H N N 325 
PHE HD2  H N N 326 
PHE HE1  H N N 327 
PHE HE2  H N N 328 
PHE HZ   H N N 329 
PHE HXT  H N N 330 
PRO N    N N N 331 
PRO CA   C N S 332 
PRO C    C N N 333 
PRO O    O N N 334 
PRO CB   C N N 335 
PRO CG   C N N 336 
PRO CD   C N N 337 
PRO OXT  O N N 338 
PRO H    H N N 339 
PRO HA   H N N 340 
PRO HB2  H N N 341 
PRO HB3  H N N 342 
PRO HG2  H N N 343 
PRO HG3  H N N 344 
PRO HD2  H N N 345 
PRO HD3  H N N 346 
PRO HXT  H N N 347 
SER N    N N N 348 
SER CA   C N S 349 
SER C    C N N 350 
SER O    O N N 351 
SER CB   C N N 352 
SER OG   O N N 353 
SER OXT  O N N 354 
SER H    H N N 355 
SER H2   H N N 356 
SER HA   H N N 357 
SER HB2  H N N 358 
SER HB3  H N N 359 
SER HG   H N N 360 
SER HXT  H N N 361 
THR N    N N N 362 
THR CA   C N S 363 
THR C    C N N 364 
THR O    O N N 365 
THR CB   C N R 366 
THR OG1  O N N 367 
THR CG2  C N N 368 
THR OXT  O N N 369 
THR H    H N N 370 
THR H2   H N N 371 
THR HA   H N N 372 
THR HB   H N N 373 
THR HG1  H N N 374 
THR HG21 H N N 375 
THR HG22 H N N 376 
THR HG23 H N N 377 
THR HXT  H N N 378 
TRP N    N N N 379 
TRP CA   C N S 380 
TRP C    C N N 381 
TRP O    O N N 382 
TRP CB   C N N 383 
TRP CG   C Y N 384 
TRP CD1  C Y N 385 
TRP CD2  C Y N 386 
TRP NE1  N Y N 387 
TRP CE2  C Y N 388 
TRP CE3  C Y N 389 
TRP CZ2  C Y N 390 
TRP CZ3  C Y N 391 
TRP CH2  C Y N 392 
TRP OXT  O N N 393 
TRP H    H N N 394 
TRP H2   H N N 395 
TRP HA   H N N 396 
TRP HB2  H N N 397 
TRP HB3  H N N 398 
TRP HD1  H N N 399 
TRP HE1  H N N 400 
TRP HE3  H N N 401 
TRP HZ2  H N N 402 
TRP HZ3  H N N 403 
TRP HH2  H N N 404 
TRP HXT  H N N 405 
TYR N    N N N 406 
TYR CA   C N S 407 
TYR C    C N N 408 
TYR O    O N N 409 
TYR CB   C N N 410 
TYR CG   C Y N 411 
TYR CD1  C Y N 412 
TYR CD2  C Y N 413 
TYR CE1  C Y N 414 
TYR CE2  C Y N 415 
TYR CZ   C Y N 416 
TYR OH   O N N 417 
TYR OXT  O N N 418 
TYR H    H N N 419 
TYR H2   H N N 420 
TYR HA   H N N 421 
TYR HB2  H N N 422 
TYR HB3  H N N 423 
TYR HD1  H N N 424 
TYR HD2  H N N 425 
TYR HE1  H N N 426 
TYR HE2  H N N 427 
TYR HH   H N N 428 
TYR HXT  H N N 429 
VAL N    N N N 430 
VAL CA   C N S 431 
VAL C    C N N 432 
VAL O    O N N 433 
VAL CB   C N N 434 
VAL CG1  C N N 435 
VAL CG2  C N N 436 
VAL OXT  O N N 437 
VAL H    H N N 438 
VAL H2   H N N 439 
VAL HA   H N N 440 
VAL HB   H N N 441 
VAL HG11 H N N 442 
VAL HG12 H N N 443 
VAL HG13 H N N 444 
VAL HG21 H N N 445 
VAL HG22 H N N 446 
VAL HG23 H N N 447 
VAL HXT  H N N 448 
# 
loop_
_chem_comp_bond.comp_id 
_chem_comp_bond.atom_id_1 
_chem_comp_bond.atom_id_2 
_chem_comp_bond.value_order 
_chem_comp_bond.pdbx_aromatic_flag 
_chem_comp_bond.pdbx_stereo_config 
_chem_comp_bond.pdbx_ordinal 
ACT C   O    doub N N 1   
ACT C   OXT  sing N N 2   
ACT C   CH3  sing N N 3   
ACT CH3 H1   sing N N 4   
ACT CH3 H2   sing N N 5   
ACT CH3 H3   sing N N 6   
ALA N   CA   sing N N 7   
ALA N   H    sing N N 8   
ALA N   H2   sing N N 9   
ALA CA  C    sing N N 10  
ALA CA  CB   sing N N 11  
ALA CA  HA   sing N N 12  
ALA C   O    doub N N 13  
ALA C   OXT  sing N N 14  
ALA CB  HB1  sing N N 15  
ALA CB  HB2  sing N N 16  
ALA CB  HB3  sing N N 17  
ALA OXT HXT  sing N N 18  
ARG N   CA   sing N N 19  
ARG N   H    sing N N 20  
ARG N   H2   sing N N 21  
ARG CA  C    sing N N 22  
ARG CA  CB   sing N N 23  
ARG CA  HA   sing N N 24  
ARG C   O    doub N N 25  
ARG C   OXT  sing N N 26  
ARG CB  CG   sing N N 27  
ARG CB  HB2  sing N N 28  
ARG CB  HB3  sing N N 29  
ARG CG  CD   sing N N 30  
ARG CG  HG2  sing N N 31  
ARG CG  HG3  sing N N 32  
ARG CD  NE   sing N N 33  
ARG CD  HD2  sing N N 34  
ARG CD  HD3  sing N N 35  
ARG NE  CZ   sing N N 36  
ARG NE  HE   sing N N 37  
ARG CZ  NH1  sing N N 38  
ARG CZ  NH2  doub N N 39  
ARG NH1 HH11 sing N N 40  
ARG NH1 HH12 sing N N 41  
ARG NH2 HH21 sing N N 42  
ARG NH2 HH22 sing N N 43  
ARG OXT HXT  sing N N 44  
ASN N   CA   sing N N 45  
ASN N   H    sing N N 46  
ASN N   H2   sing N N 47  
ASN CA  C    sing N N 48  
ASN CA  CB   sing N N 49  
ASN CA  HA   sing N N 50  
ASN C   O    doub N N 51  
ASN C   OXT  sing N N 52  
ASN CB  CG   sing N N 53  
ASN CB  HB2  sing N N 54  
ASN CB  HB3  sing N N 55  
ASN CG  OD1  doub N N 56  
ASN CG  ND2  sing N N 57  
ASN ND2 HD21 sing N N 58  
ASN ND2 HD22 sing N N 59  
ASN OXT HXT  sing N N 60  
ASP N   CA   sing N N 61  
ASP N   H    sing N N 62  
ASP N   H2   sing N N 63  
ASP CA  C    sing N N 64  
ASP CA  CB   sing N N 65  
ASP CA  HA   sing N N 66  
ASP C   O    doub N N 67  
ASP C   OXT  sing N N 68  
ASP CB  CG   sing N N 69  
ASP CB  HB2  sing N N 70  
ASP CB  HB3  sing N N 71  
ASP CG  OD1  doub N N 72  
ASP CG  OD2  sing N N 73  
ASP OD2 HD2  sing N N 74  
ASP OXT HXT  sing N N 75  
CYS N   CA   sing N N 76  
CYS N   H    sing N N 77  
CYS N   H2   sing N N 78  
CYS CA  C    sing N N 79  
CYS CA  CB   sing N N 80  
CYS CA  HA   sing N N 81  
CYS C   O    doub N N 82  
CYS C   OXT  sing N N 83  
CYS CB  SG   sing N N 84  
CYS CB  HB2  sing N N 85  
CYS CB  HB3  sing N N 86  
CYS SG  HG   sing N N 87  
CYS OXT HXT  sing N N 88  
DMS S   O    doub N N 89  
DMS S   C1   sing N N 90  
DMS S   C2   sing N N 91  
DMS C1  H11  sing N N 92  
DMS C1  H12  sing N N 93  
DMS C1  H13  sing N N 94  
DMS C2  H21  sing N N 95  
DMS C2  H22  sing N N 96  
DMS C2  H23  sing N N 97  
EDO C1  O1   sing N N 98  
EDO C1  C2   sing N N 99  
EDO C1  H11  sing N N 100 
EDO C1  H12  sing N N 101 
EDO O1  HO1  sing N N 102 
EDO C2  O2   sing N N 103 
EDO C2  H21  sing N N 104 
EDO C2  H22  sing N N 105 
EDO O2  HO2  sing N N 106 
GLN N   CA   sing N N 107 
GLN N   H    sing N N 108 
GLN N   H2   sing N N 109 
GLN CA  C    sing N N 110 
GLN CA  CB   sing N N 111 
GLN CA  HA   sing N N 112 
GLN C   O    doub N N 113 
GLN C   OXT  sing N N 114 
GLN CB  CG   sing N N 115 
GLN CB  HB2  sing N N 116 
GLN CB  HB3  sing N N 117 
GLN CG  CD   sing N N 118 
GLN CG  HG2  sing N N 119 
GLN CG  HG3  sing N N 120 
GLN CD  OE1  doub N N 121 
GLN CD  NE2  sing N N 122 
GLN NE2 HE21 sing N N 123 
GLN NE2 HE22 sing N N 124 
GLN OXT HXT  sing N N 125 
GLU N   CA   sing N N 126 
GLU N   H    sing N N 127 
GLU N   H2   sing N N 128 
GLU CA  C    sing N N 129 
GLU CA  CB   sing N N 130 
GLU CA  HA   sing N N 131 
GLU C   O    doub N N 132 
GLU C   OXT  sing N N 133 
GLU CB  CG   sing N N 134 
GLU CB  HB2  sing N N 135 
GLU CB  HB3  sing N N 136 
GLU CG  CD   sing N N 137 
GLU CG  HG2  sing N N 138 
GLU CG  HG3  sing N N 139 
GLU CD  OE1  doub N N 140 
GLU CD  OE2  sing N N 141 
GLU OE2 HE2  sing N N 142 
GLU OXT HXT  sing N N 143 
GLY N   CA   sing N N 144 
GLY N   H    sing N N 145 
GLY N   H2   sing N N 146 
GLY CA  C    sing N N 147 
GLY CA  HA2  sing N N 148 
GLY CA  HA3  sing N N 149 
GLY C   O    doub N N 150 
GLY C   OXT  sing N N 151 
GLY OXT HXT  sing N N 152 
HIS N   CA   sing N N 153 
HIS N   H    sing N N 154 
HIS N   H2   sing N N 155 
HIS CA  C    sing N N 156 
HIS CA  CB   sing N N 157 
HIS CA  HA   sing N N 158 
HIS C   O    doub N N 159 
HIS C   OXT  sing N N 160 
HIS CB  CG   sing N N 161 
HIS CB  HB2  sing N N 162 
HIS CB  HB3  sing N N 163 
HIS CG  ND1  sing Y N 164 
HIS CG  CD2  doub Y N 165 
HIS ND1 CE1  doub Y N 166 
HIS ND1 HD1  sing N N 167 
HIS CD2 NE2  sing Y N 168 
HIS CD2 HD2  sing N N 169 
HIS CE1 NE2  sing Y N 170 
HIS CE1 HE1  sing N N 171 
HIS NE2 HE2  sing N N 172 
HIS OXT HXT  sing N N 173 
HOH O   H1   sing N N 174 
HOH O   H2   sing N N 175 
ILE N   CA   sing N N 176 
ILE N   H    sing N N 177 
ILE N   H2   sing N N 178 
ILE CA  C    sing N N 179 
ILE CA  CB   sing N N 180 
ILE CA  HA   sing N N 181 
ILE C   O    doub N N 182 
ILE C   OXT  sing N N 183 
ILE CB  CG1  sing N N 184 
ILE CB  CG2  sing N N 185 
ILE CB  HB   sing N N 186 
ILE CG1 CD1  sing N N 187 
ILE CG1 HG12 sing N N 188 
ILE CG1 HG13 sing N N 189 
ILE CG2 HG21 sing N N 190 
ILE CG2 HG22 sing N N 191 
ILE CG2 HG23 sing N N 192 
ILE CD1 HD11 sing N N 193 
ILE CD1 HD12 sing N N 194 
ILE CD1 HD13 sing N N 195 
ILE OXT HXT  sing N N 196 
LEU N   CA   sing N N 197 
LEU N   H    sing N N 198 
LEU N   H2   sing N N 199 
LEU CA  C    sing N N 200 
LEU CA  CB   sing N N 201 
LEU CA  HA   sing N N 202 
LEU C   O    doub N N 203 
LEU C   OXT  sing N N 204 
LEU CB  CG   sing N N 205 
LEU CB  HB2  sing N N 206 
LEU CB  HB3  sing N N 207 
LEU CG  CD1  sing N N 208 
LEU CG  CD2  sing N N 209 
LEU CG  HG   sing N N 210 
LEU CD1 HD11 sing N N 211 
LEU CD1 HD12 sing N N 212 
LEU CD1 HD13 sing N N 213 
LEU CD2 HD21 sing N N 214 
LEU CD2 HD22 sing N N 215 
LEU CD2 HD23 sing N N 216 
LEU OXT HXT  sing N N 217 
LJJ N1  N2   sing Y N 218 
LJJ N1  C2   doub Y N 219 
LJJ N2  C3   doub Y N 220 
LJJ C2  C1   sing N N 221 
LJJ C2  O1   sing Y N 222 
LJJ C3  O1   sing Y N 223 
LJJ C3  N3   sing N N 224 
LJJ N3  C4   sing N N 225 
LJJ C5  C4   sing N N 226 
LJJ C5  C6   sing N N 227 
LJJ C4  C10  sing N N 228 
LJJ C6  C7   sing N N 229 
LJJ C10 C9   sing N N 230 
LJJ C7  C8   sing N N 231 
LJJ C8  C9   sing N N 232 
LJJ N3  H1   sing N N 233 
LJJ C4  H2   sing N N 234 
LJJ C5  H3   sing N N 235 
LJJ C5  H4   sing N N 236 
LJJ C6  H5   sing N N 237 
LJJ C6  H6   sing N N 238 
LJJ C7  H7   sing N N 239 
LJJ C7  H8   sing N N 240 
LJJ C8  H9   sing N N 241 
LJJ C8  H10  sing N N 242 
LJJ C10 H11  sing N N 243 
LJJ C10 H12  sing N N 244 
LJJ C1  H13  sing N N 245 
LJJ C1  H14  sing N N 246 
LJJ C1  H15  sing N N 247 
LJJ C9  H16  sing N N 248 
LJJ C9  H17  sing N N 249 
LYS N   CA   sing N N 250 
LYS N   H    sing N N 251 
LYS N   H2   sing N N 252 
LYS CA  C    sing N N 253 
LYS CA  CB   sing N N 254 
LYS CA  HA   sing N N 255 
LYS C   O    doub N N 256 
LYS C   OXT  sing N N 257 
LYS CB  CG   sing N N 258 
LYS CB  HB2  sing N N 259 
LYS CB  HB3  sing N N 260 
LYS CG  CD   sing N N 261 
LYS CG  HG2  sing N N 262 
LYS CG  HG3  sing N N 263 
LYS CD  CE   sing N N 264 
LYS CD  HD2  sing N N 265 
LYS CD  HD3  sing N N 266 
LYS CE  NZ   sing N N 267 
LYS CE  HE2  sing N N 268 
LYS CE  HE3  sing N N 269 
LYS NZ  HZ1  sing N N 270 
LYS NZ  HZ2  sing N N 271 
LYS NZ  HZ3  sing N N 272 
LYS OXT HXT  sing N N 273 
MET N   CA   sing N N 274 
MET N   H    sing N N 275 
MET N   H2   sing N N 276 
MET CA  C    sing N N 277 
MET CA  CB   sing N N 278 
MET CA  HA   sing N N 279 
MET C   O    doub N N 280 
MET C   OXT  sing N N 281 
MET CB  CG   sing N N 282 
MET CB  HB2  sing N N 283 
MET CB  HB3  sing N N 284 
MET CG  SD   sing N N 285 
MET CG  HG2  sing N N 286 
MET CG  HG3  sing N N 287 
MET SD  CE   sing N N 288 
MET CE  HE1  sing N N 289 
MET CE  HE2  sing N N 290 
MET CE  HE3  sing N N 291 
MET OXT HXT  sing N N 292 
PHE N   CA   sing N N 293 
PHE N   H    sing N N 294 
PHE N   H2   sing N N 295 
PHE CA  C    sing N N 296 
PHE CA  CB   sing N N 297 
PHE CA  HA   sing N N 298 
PHE C   O    doub N N 299 
PHE C   OXT  sing N N 300 
PHE CB  CG   sing N N 301 
PHE CB  HB2  sing N N 302 
PHE CB  HB3  sing N N 303 
PHE CG  CD1  doub Y N 304 
PHE CG  CD2  sing Y N 305 
PHE CD1 CE1  sing Y N 306 
PHE CD1 HD1  sing N N 307 
PHE CD2 CE2  doub Y N 308 
PHE CD2 HD2  sing N N 309 
PHE CE1 CZ   doub Y N 310 
PHE CE1 HE1  sing N N 311 
PHE CE2 CZ   sing Y N 312 
PHE CE2 HE2  sing N N 313 
PHE CZ  HZ   sing N N 314 
PHE OXT HXT  sing N N 315 
PRO N   CA   sing N N 316 
PRO N   CD   sing N N 317 
PRO N   H    sing N N 318 
PRO CA  C    sing N N 319 
PRO CA  CB   sing N N 320 
PRO CA  HA   sing N N 321 
PRO C   O    doub N N 322 
PRO C   OXT  sing N N 323 
PRO CB  CG   sing N N 324 
PRO CB  HB2  sing N N 325 
PRO CB  HB3  sing N N 326 
PRO CG  CD   sing N N 327 
PRO CG  HG2  sing N N 328 
PRO CG  HG3  sing N N 329 
PRO CD  HD2  sing N N 330 
PRO CD  HD3  sing N N 331 
PRO OXT HXT  sing N N 332 
SER N   CA   sing N N 333 
SER N   H    sing N N 334 
SER N   H2   sing N N 335 
SER CA  C    sing N N 336 
SER CA  CB   sing N N 337 
SER CA  HA   sing N N 338 
SER C   O    doub N N 339 
SER C   OXT  sing N N 340 
SER CB  OG   sing N N 341 
SER CB  HB2  sing N N 342 
SER CB  HB3  sing N N 343 
SER OG  HG   sing N N 344 
SER OXT HXT  sing N N 345 
THR N   CA   sing N N 346 
THR N   H    sing N N 347 
THR N   H2   sing N N 348 
THR CA  C    sing N N 349 
THR CA  CB   sing N N 350 
THR CA  HA   sing N N 351 
THR C   O    doub N N 352 
THR C   OXT  sing N N 353 
THR CB  OG1  sing N N 354 
THR CB  CG2  sing N N 355 
THR CB  HB   sing N N 356 
THR OG1 HG1  sing N N 357 
THR CG2 HG21 sing N N 358 
THR CG2 HG22 sing N N 359 
THR CG2 HG23 sing N N 360 
THR OXT HXT  sing N N 361 
TRP N   CA   sing N N 362 
TRP N   H    sing N N 363 
TRP N   H2   sing N N 364 
TRP CA  C    sing N N 365 
TRP CA  CB   sing N N 366 
TRP CA  HA   sing N N 367 
TRP C   O    doub N N 368 
TRP C   OXT  sing N N 369 
TRP CB  CG   sing N N 370 
TRP CB  HB2  sing N N 371 
TRP CB  HB3  sing N N 372 
TRP CG  CD1  doub Y N 373 
TRP CG  CD2  sing Y N 374 
TRP CD1 NE1  sing Y N 375 
TRP CD1 HD1  sing N N 376 
TRP CD2 CE2  doub Y N 377 
TRP CD2 CE3  sing Y N 378 
TRP NE1 CE2  sing Y N 379 
TRP NE1 HE1  sing N N 380 
TRP CE2 CZ2  sing Y N 381 
TRP CE3 CZ3  doub Y N 382 
TRP CE3 HE3  sing N N 383 
TRP CZ2 CH2  doub Y N 384 
TRP CZ2 HZ2  sing N N 385 
TRP CZ3 CH2  sing Y N 386 
TRP CZ3 HZ3  sing N N 387 
TRP CH2 HH2  sing N N 388 
TRP OXT HXT  sing N N 389 
TYR N   CA   sing N N 390 
TYR N   H    sing N N 391 
TYR N   H2   sing N N 392 
TYR CA  C    sing N N 393 
TYR CA  CB   sing N N 394 
TYR CA  HA   sing N N 395 
TYR C   O    doub N N 396 
TYR C   OXT  sing N N 397 
TYR CB  CG   sing N N 398 
TYR CB  HB2  sing N N 399 
TYR CB  HB3  sing N N 400 
TYR CG  CD1  doub Y N 401 
TYR CG  CD2  sing Y N 402 
TYR CD1 CE1  sing Y N 403 
TYR CD1 HD1  sing N N 404 
TYR CD2 CE2  doub Y N 405 
TYR CD2 HD2  sing N N 406 
TYR CE1 CZ   doub Y N 407 
TYR CE1 HE1  sing N N 408 
TYR CE2 CZ   sing Y N 409 
TYR CE2 HE2  sing N N 410 
TYR CZ  OH   sing N N 411 
TYR OH  HH   sing N N 412 
TYR OXT HXT  sing N N 413 
VAL N   CA   sing N N 414 
VAL N   H    sing N N 415 
VAL N   H2   sing N N 416 
VAL CA  C    sing N N 417 
VAL CA  CB   sing N N 418 
VAL CA  HA   sing N N 419 
VAL C   O    doub N N 420 
VAL C   OXT  sing N N 421 
VAL CB  CG1  sing N N 422 
VAL CB  CG2  sing N N 423 
VAL CB  HB   sing N N 424 
VAL CG1 HG11 sing N N 425 
VAL CG1 HG12 sing N N 426 
VAL CG1 HG13 sing N N 427 
VAL CG2 HG21 sing N N 428 
VAL CG2 HG22 sing N N 429 
VAL CG2 HG23 sing N N 430 
VAL OXT HXT  sing N N 431 
# 
_pdbx_deposit_group.group_id            G_1002061 
_pdbx_deposit_group.group_description   
;XDomainX of XOrganismX DCP2 (NUDT20) screened against the XXX Fragment Library by X-ray Crystallography at the XChem facility of Diamond Light Source beamline I04-1
;
_pdbx_deposit_group.group_title         'PanDDA analysis group deposition' 
_pdbx_deposit_group.group_type          'changed state' 
# 
_pdbx_related_exp_data_set.ordinal              1 
_pdbx_related_exp_data_set.data_reference       10.5281/zenodo.1437589 
_pdbx_related_exp_data_set.metadata_reference   10.5281/zenodo.1437589 
_pdbx_related_exp_data_set.data_set_type        'other data' 
_pdbx_related_exp_data_set.details              'Complete PanDDA analysis' 
# 
_atom_sites.entry_id                    5QP7 
_atom_sites.fract_transf_matrix[1][1]   0.00940839 
_atom_sites.fract_transf_matrix[1][2]   0.00113365 
_atom_sites.fract_transf_matrix[1][3]   0.01837645 
_atom_sites.fract_transf_matrix[2][1]   0.00351773 
_atom_sites.fract_transf_matrix[2][2]   -0.01614358 
_atom_sites.fract_transf_matrix[2][3]   -0.00080511 
_atom_sites.fract_transf_matrix[3][1]   0.01323174 
_atom_sites.fract_transf_matrix[3][2]   0.00323103 
_atom_sites.fract_transf_matrix[3][3]   -0.00697372 
_atom_sites.fract_transf_vector[1]      -0.884146 
_atom_sites.fract_transf_vector[2]      0.225101 
_atom_sites.fract_transf_vector[3]      1.164835 
# 
loop_
_atom_type.symbol 
C 
N 
O 
S 
# 
loop_
_atom_site.group_PDB 
_atom_site.id 
_atom_site.type_symbol 
_atom_site.label_atom_id 
_atom_site.label_alt_id 
_atom_site.label_comp_id 
_atom_site.label_asym_id 
_atom_site.label_entity_id 
_atom_site.label_seq_id 
_atom_site.pdbx_PDB_ins_code 
_atom_site.Cartn_x 
_atom_site.Cartn_y 
_atom_site.Cartn_z 
_atom_site.occupancy 
_atom_site.B_iso_or_equiv 
_atom_site.pdbx_formal_charge 
_atom_site.auth_seq_id 
_atom_site.auth_comp_id 
_atom_site.auth_asym_id 
_atom_site.auth_atom_id 
_atom_site.pdbx_PDB_model_num 
ATOM   1    N N   . GLY A 1 3   ? 10.379  0.237   16.781  1.00 59.46 ? 96  GLY A N   1 
ATOM   2    C CA  . GLY A 1 3   ? 10.416  -0.152  15.331  1.00 60.01 ? 96  GLY A CA  1 
ATOM   3    C C   . GLY A 1 3   ? 10.631  1.073   14.430  1.00 53.26 ? 96  GLY A C   1 
ATOM   4    O O   . GLY A 1 3   ? 10.135  2.173   14.709  1.00 60.33 ? 96  GLY A O   1 
ATOM   5    N N   . VAL A 1 4   ? 11.376  0.903   13.353  1.00 46.98 ? 97  VAL A N   1 
ATOM   6    C CA  . VAL A 1 4   ? 11.718  2.045   12.469  1.00 48.51 ? 97  VAL A CA  1 
ATOM   7    C C   . VAL A 1 4   ? 10.509  2.395   11.551  1.00 39.87 ? 97  VAL A C   1 
ATOM   8    O O   . VAL A 1 4   ? 10.036  1.490   10.913  1.00 36.36 ? 97  VAL A O   1 
ATOM   9    C CB  . VAL A 1 4   ? 12.889  1.661   11.544  1.00 52.69 ? 97  VAL A CB  1 
ATOM   10   C CG1 . VAL A 1 4   ? 13.207  2.799   10.590  1.00 50.83 ? 97  VAL A CG1 1 
ATOM   11   C CG2 . VAL A 1 4   ? 14.127  1.259   12.360  1.00 56.38 ? 97  VAL A CG2 1 
ATOM   12   N N   . PRO A 1 5   ? 10.058  3.676   11.496  1.00 39.33 ? 98  PRO A N   1 
ATOM   13   C CA  . PRO A 1 5   ? 8.861   3.990   10.683  1.00 38.75 ? 98  PRO A CA  1 
ATOM   14   C C   . PRO A 1 5   ? 9.034   3.620   9.213   1.00 35.25 ? 98  PRO A C   1 
ATOM   15   O O   . PRO A 1 5   ? 10.180  3.605   8.687   1.00 33.66 ? 98  PRO A O   1 
ATOM   16   C CB  . PRO A 1 5   ? 8.639   5.486   10.890  1.00 40.30 ? 98  PRO A CB  1 
ATOM   17   C CG  . PRO A 1 5   ? 9.555   5.906   12.035  1.00 43.23 ? 98  PRO A CG  1 
ATOM   18   C CD  . PRO A 1 5   ? 10.477  4.803   12.364  1.00 38.43 ? 98  PRO A CD  1 
ATOM   19   N N   . THR A 1 6   ? 7.929   3.200   8.584   1.00 33.14 ? 99  THR A N   1 
ATOM   20   C CA  . THR A 1 6   ? 7.899   2.958   7.126   1.00 32.13 ? 99  THR A CA  1 
ATOM   21   C C   . THR A 1 6   ? 7.018   4.008   6.409   1.00 28.15 ? 99  THR A C   1 
ATOM   22   O O   . THR A 1 6   ? 6.096   4.584   6.974   1.00 28.70 ? 99  THR A O   1 
ATOM   23   C CB  . THR A 1 6   ? 7.406   1.543   6.805   1.00 33.46 ? 99  THR A CB  1 
ATOM   24   O OG1 . THR A 1 6   ? 6.120   1.381   7.406   1.00 29.04 ? 99  THR A OG1 1 
ATOM   25   C CG2 . THR A 1 6   ? 8.365   0.516   7.379   1.00 34.78 ? 99  THR A CG2 1 
ATOM   26   N N   . TYR A 1 7   ? 7.382   4.308   5.161   1.00 27.57 ? 100 TYR A N   1 
ATOM   27   C CA  . TYR A 1 7   ? 6.704   5.271   4.360   1.00 25.99 ? 100 TYR A CA  1 
ATOM   28   C C   . TYR A 1 7   ? 6.534   4.702   2.982   1.00 23.81 ? 100 TYR A C   1 
ATOM   29   O O   . TYR A 1 7   ? 7.404   4.005   2.510   1.00 25.45 ? 100 TYR A O   1 
ATOM   30   C CB  . TYR A 1 7   ? 7.492   6.606   4.265   1.00 30.02 ? 100 TYR A CB  1 
ATOM   31   C CG  . TYR A 1 7   ? 7.647   7.256   5.615   1.00 29.96 ? 100 TYR A CG  1 
ATOM   32   C CD1 . TYR A 1 7   ? 6.592   7.946   6.186   1.00 31.40 ? 100 TYR A CD1 1 
ATOM   33   C CD2 . TYR A 1 7   ? 8.805   7.090   6.339   1.00 32.18 ? 100 TYR A CD2 1 
ATOM   34   C CE1 . TYR A 1 7   ? 6.699   8.502   7.466   1.00 34.69 ? 100 TYR A CE1 1 
ATOM   35   C CE2 . TYR A 1 7   ? 8.935   7.619   7.623   1.00 34.45 ? 100 TYR A CE2 1 
ATOM   36   C CZ  . TYR A 1 7   ? 7.901   8.334   8.162   1.00 36.26 ? 100 TYR A CZ  1 
ATOM   37   O OH  . TYR A 1 7   ? 8.070   8.848   9.434   1.00 39.22 ? 100 TYR A OH  1 
ATOM   38   N N   . GLY A 1 8   ? 5.459   5.107   2.317   1.00 22.03 ? 101 GLY A N   1 
ATOM   39   C CA  . GLY A 1 8   ? 5.144   4.581   0.944   1.00 22.82 ? 101 GLY A CA  1 
ATOM   40   C C   . GLY A 1 8   ? 3.962   5.323   0.392   1.00 21.03 ? 101 GLY A C   1 
ATOM   41   O O   . GLY A 1 8   ? 3.691   6.503   0.758   1.00 23.17 ? 101 GLY A O   1 
ATOM   42   N N   . ALA A 1 9   ? 3.256   4.683   -0.551  1.00 20.03 ? 102 ALA A N   1 
ATOM   43   C CA  . ALA A 1 9   ? 2.120   5.324   -1.204  1.00 22.79 ? 102 ALA A CA  1 
ATOM   44   C C   . ALA A 1 9   ? 1.021   4.326   -1.526  1.00 21.81 ? 102 ALA A C   1 
ATOM   45   O O   . ALA A 1 9   ? 1.249   3.141   -1.796  1.00 21.37 ? 102 ALA A O   1 
ATOM   46   C CB  . ALA A 1 9   ? 2.497   6.057   -2.485  1.00 24.04 ? 102 ALA A CB  1 
ATOM   47   N N   . ILE A 1 10  ? -0.172  4.897   -1.532  1.00 21.93 ? 103 ILE A N   1 
ATOM   48   C CA  . ILE A 1 10  ? -1.355  4.307   -2.081  1.00 22.84 ? 103 ILE A CA  1 
ATOM   49   C C   . ILE A 1 10  ? -1.590  5.056   -3.342  1.00 21.21 ? 103 ILE A C   1 
ATOM   50   O O   . ILE A 1 10  ? -2.081  6.228   -3.308  1.00 24.12 ? 103 ILE A O   1 
ATOM   51   C CB  . ILE A 1 10  ? -2.557  4.458   -1.147  1.00 22.88 ? 103 ILE A CB  1 
ATOM   52   C CG1 . ILE A 1 10  ? -2.332  3.711   0.165   1.00 24.50 ? 103 ILE A CG1 1 
ATOM   53   C CG2 . ILE A 1 10  ? -3.807  4.009   -1.881  1.00 25.77 ? 103 ILE A CG2 1 
ATOM   54   C CD1 . ILE A 1 10  ? -3.374  4.007   1.283   1.00 27.02 ? 103 ILE A CD1 1 
ATOM   55   N N   . ILE A 1 11  ? -1.354  4.384   -4.459  1.00 21.82 ? 104 ILE A N   1 
ATOM   56   C CA  . ILE A 1 11  ? -1.473  4.950   -5.752  1.00 21.73 ? 104 ILE A CA  1 
ATOM   57   C C   . ILE A 1 11  ? -2.813  4.496   -6.288  1.00 21.63 ? 104 ILE A C   1 
ATOM   58   O O   . ILE A 1 11  ? -3.048  3.305   -6.345  1.00 22.77 ? 104 ILE A O   1 
ATOM   59   C CB  . ILE A 1 11  ? -0.346  4.500   -6.672  1.00 22.78 ? 104 ILE A CB  1 
ATOM   60   C CG1 . ILE A 1 11  ? 0.950   5.132   -6.270  1.00 24.99 ? 104 ILE A CG1 1 
ATOM   61   C CG2 . ILE A 1 11  ? -0.631  4.801   -8.114  1.00 23.96 ? 104 ILE A CG2 1 
ATOM   62   C CD1 . ILE A 1 11  ? 2.194   4.417   -6.763  1.00 25.38 ? 104 ILE A CD1 1 
ATOM   63   N N   . LEU A 1 12  ? -3.644  5.430   -6.735  1.00 22.24 ? 105 LEU A N   1 
ATOM   64   C CA  . LEU A 1 12  ? -4.895  5.130   -7.410  1.00 21.25 ? 105 LEU A CA  1 
ATOM   65   C C   . LEU A 1 12  ? -4.924  5.646   -8.854  1.00 21.23 ? 105 LEU A C   1 
ATOM   66   O O   . LEU A 1 12  ? -4.259  6.627   -9.241  1.00 21.11 ? 105 LEU A O   1 
ATOM   67   C CB  . LEU A 1 12  ? -6.051  5.788   -6.677  1.00 25.01 ? 105 LEU A CB  1 
ATOM   68   C CG  . LEU A 1 12  ? -6.181  5.418   -5.199  1.00 29.57 ? 105 LEU A CG  1 
ATOM   69   C CD1 . LEU A 1 12  ? -5.603  6.488   -4.327  1.00 34.24 ? 105 LEU A CD1 1 
ATOM   70   C CD2 . LEU A 1 12  ? -7.630  5.219   -4.848  1.00 35.67 ? 105 LEU A CD2 1 
ATOM   71   N N   . ASP A 1 13  ? -5.776  5.025   -9.642  1.00 22.53 ? 106 ASP A N   1 
ATOM   72   C CA  . ASP A 1 13  ? -5.931  5.427   -11.002 1.00 24.51 ? 106 ASP A CA  1 
ATOM   73   C C   . ASP A 1 13  ? -6.849  6.634   -11.124 1.00 23.90 ? 106 ASP A C   1 
ATOM   74   O O   . ASP A 1 13  ? -7.266  7.255   -10.158 1.00 24.36 ? 106 ASP A O   1 
ATOM   75   C CB  . ASP A 1 13  ? -6.399  4.217   -11.816 1.00 27.92 ? 106 ASP A CB  1 
ATOM   76   C CG  . ASP A 1 13  ? -7.833  3.780   -11.504 1.00 29.88 ? 106 ASP A CG  1 
ATOM   77   O OD1 . ASP A 1 13  ? -8.407  4.025   -10.419 1.00 30.13 ? 106 ASP A OD1 1 
ATOM   78   O OD2 . ASP A 1 13  ? -8.289  2.999   -12.306 1.00 33.87 ? 106 ASP A OD2 1 
ATOM   79   N N   . GLU A 1 14  ? -7.239  6.915   -12.348 1.00 24.57 ? 107 GLU A N   1 
ATOM   80   C CA  . GLU A 1 14  ? -8.056  8.101   -12.612 1.00 31.36 ? 107 GLU A CA  1 
ATOM   81   C C   . GLU A 1 14  ? -9.500  7.939   -12.204 1.00 30.68 ? 107 GLU A C   1 
ATOM   82   O O   . GLU A 1 14  ? -10.158 8.934   -11.864 1.00 30.38 ? 107 GLU A O   1 
ATOM   83   C CB  . GLU A 1 14  ? -7.996  8.530   -14.100 1.00 37.33 ? 107 GLU A CB  1 
ATOM   84   C CG  . GLU A 1 14  ? -8.451  7.489   -15.093 1.00 43.35 ? 107 GLU A CG  1 
ATOM   85   C CD  . GLU A 1 14  ? -7.259  6.744   -15.632 1.00 52.89 ? 107 GLU A CD  1 
ATOM   86   O OE1 . GLU A 1 14  ? -6.815  5.813   -14.952 1.00 48.30 ? 107 GLU A OE1 1 
ATOM   87   O OE2 . GLU A 1 14  ? -6.726  7.131   -16.710 1.00 69.48 ? 107 GLU A OE2 1 
ATOM   88   N N   . THR A 1 15  ? -9.988  6.687   -12.195 1.00 28.12 ? 108 THR A N   1 
ATOM   89   C CA  . THR A 1 15  ? -11.342 6.418   -11.832 1.00 27.49 ? 108 THR A CA  1 
ATOM   90   C C   . THR A 1 15  ? -11.549 6.367   -10.341 1.00 29.11 ? 108 THR A C   1 
ATOM   91   O O   . THR A 1 15  ? -12.684 6.375   -9.852  1.00 29.93 ? 108 THR A O   1 
ATOM   92   C CB  . THR A 1 15  ? -11.817 5.054   -12.360 1.00 35.16 ? 108 THR A CB  1 
ATOM   93   O OG1 . THR A 1 15  ? -11.245 4.000   -11.588 1.00 31.92 ? 108 THR A OG1 1 
ATOM   94   C CG2 . THR A 1 15  ? -11.469 4.862   -13.801 1.00 37.88 ? 108 THR A CG2 1 
ATOM   95   N N   . LEU A 1 16  ? -10.456 6.269   -9.615  1.00 26.55 ? 109 LEU A N   1 
ATOM   96   C CA  . LEU A 1 16  ? -10.479 6.051   -8.161  1.00 27.54 ? 109 LEU A CA  1 
ATOM   97   C C   . LEU A 1 16  ? -10.993 4.649   -7.671  1.00 28.47 ? 109 LEU A C   1 
ATOM   98   O O   . LEU A 1 16  ? -11.206 4.470   -6.457  1.00 34.18 ? 109 LEU A O   1 
ATOM   99   C CB  . LEU A 1 16  ? -11.211 7.140   -7.376  1.00 28.83 ? 109 LEU A CB  1 
ATOM   100  C CG  . LEU A 1 16  ? -10.909 8.595   -7.701  1.00 30.05 ? 109 LEU A CG  1 
ATOM   101  C CD1 . LEU A 1 16  ? -11.936 9.515   -7.073  1.00 32.55 ? 109 LEU A CD1 1 
ATOM   102  C CD2 . LEU A 1 16  ? -9.486  8.888   -7.220  1.00 32.27 ? 109 LEU A CD2 1 
ATOM   103  N N   A GLU A 1 17  ? -11.163 3.740   -8.635  0.25 27.95 ? 110 GLU A N   1 
ATOM   104  N N   B GLU A 1 17  ? -11.162 3.694   -8.555  0.25 28.61 ? 110 GLU A N   1 
ATOM   105  C CA  A GLU A 1 17  ? -11.648 2.371   -8.452  0.25 29.41 ? 110 GLU A CA  1 
ATOM   106  C CA  B GLU A 1 17  ? -11.663 2.392   -8.149  0.25 30.54 ? 110 GLU A CA  1 
ATOM   107  C C   A GLU A 1 17  ? -10.523 1.459   -8.001  0.25 28.64 ? 110 GLU A C   1 
ATOM   108  C C   B GLU A 1 17  ? -10.558 1.317   -8.188  0.25 28.87 ? 110 GLU A C   1 
ATOM   109  O O   A GLU A 1 17  ? -10.756 0.574   -7.171  0.25 26.63 ? 110 GLU A O   1 
ATOM   110  O O   B GLU A 1 17  ? -10.832 0.158   -7.878  0.25 25.36 ? 110 GLU A O   1 
ATOM   111  C CB  A GLU A 1 17  ? -12.122 1.749   -9.788  0.25 30.70 ? 110 GLU A CB  1 
ATOM   112  C CB  B GLU A 1 17  ? -12.840 2.019   -9.048  0.25 34.31 ? 110 GLU A CB  1 
ATOM   113  C CG  A GLU A 1 17  ? -13.435 2.231   -10.390 0.25 32.51 ? 110 GLU A CG  1 
ATOM   114  C CG  B GLU A 1 17  ? -13.769 3.190   -9.321  0.25 37.48 ? 110 GLU A CG  1 
ATOM   115  C CD  A GLU A 1 17  ? -13.643 1.728   -11.826 0.25 34.95 ? 110 GLU A CD  1 
ATOM   116  C CD  B GLU A 1 17  ? -15.170 3.004   -8.803  0.25 39.67 ? 110 GLU A CD  1 
ATOM   117  O OE1 A GLU A 1 17  ? -12.810 2.038   -12.701 0.25 34.68 ? 110 GLU A OE1 1 
ATOM   118  O OE1 B GLU A 1 17  ? -15.874 2.114   -9.310  0.25 46.79 ? 110 GLU A OE1 1 
ATOM   119  O OE2 A GLU A 1 17  ? -14.655 1.042   -12.088 0.25 34.24 ? 110 GLU A OE2 1 
ATOM   120  O OE2 B GLU A 1 17  ? -15.585 3.776   -7.920  0.25 46.15 ? 110 GLU A OE2 1 
ATOM   121  N N   . ASN A 1 18  ? -9.328  1.683   -8.574  1.00 27.15 ? 111 ASN A N   1 
ATOM   122  C CA  . ASN A 1 18  ? -8.179  0.747   -8.520  1.00 27.23 ? 111 ASN A CA  1 
ATOM   123  C C   . ASN A 1 18  ? -7.009  1.322   -7.748  1.00 25.67 ? 111 ASN A C   1 
ATOM   124  O O   . ASN A 1 18  ? -6.768  2.544   -7.769  1.00 23.34 ? 111 ASN A O   1 
ATOM   125  C CB  . ASN A 1 18  ? -7.770  0.369   -9.926  1.00 29.97 ? 111 ASN A CB  1 
ATOM   126  C CG  . ASN A 1 18  ? -8.942  -0.206  -10.733 1.00 35.59 ? 111 ASN A CG  1 
ATOM   127  O OD1 . ASN A 1 18  ? -9.474  -1.247  -10.380 1.00 36.97 ? 111 ASN A OD1 1 
ATOM   128  N ND2 . ASN A 1 18  ? -9.406  0.525   -11.720 1.00 35.50 ? 111 ASN A ND2 1 
ATOM   129  N N   . VAL A 1 19  ? -6.274  0.423   -7.085  1.00 24.00 ? 112 VAL A N   1 
ATOM   130  C CA  . VAL A 1 19  ? -5.086  0.766   -6.346  1.00 21.34 ? 112 VAL A CA  1 
ATOM   131  C C   . VAL A 1 19  ? -3.954  -0.095  -6.825  1.00 21.29 ? 112 VAL A C   1 
ATOM   132  O O   . VAL A 1 19  ? -4.169  -1.251  -7.177  1.00 22.25 ? 112 VAL A O   1 
ATOM   133  C CB  . VAL A 1 19  ? -5.228  0.508   -4.845  1.00 24.24 ? 112 VAL A CB  1 
ATOM   134  C CG1 . VAL A 1 19  ? -6.037  1.553   -4.171  1.00 30.02 ? 112 VAL A CG1 1 
ATOM   135  C CG2 . VAL A 1 19  ? -5.727  -0.957  -4.524  1.00 22.87 ? 112 VAL A CG2 1 
ATOM   136  N N   . LEU A 1 20  ? -2.736  0.409   -6.727  1.00 19.51 ? 113 LEU A N   1 
ATOM   137  C CA  . LEU A 1 20  ? -1.529  -0.343  -7.200  1.00 20.90 ? 113 LEU A CA  1 
ATOM   138  C C   . LEU A 1 20  ? -0.871  -1.091  -6.025  1.00 21.19 ? 113 LEU A C   1 
ATOM   139  O O   . LEU A 1 20  ? -0.534  -0.507  -5.022  1.00 22.64 ? 113 LEU A O   1 
ATOM   140  C CB  . LEU A 1 20  ? -0.526  0.638   -7.824  1.00 21.52 ? 113 LEU A CB  1 
ATOM   141  C CG  . LEU A 1 20  ? 0.571   -0.067  -8.617  1.00 23.23 ? 113 LEU A CG  1 
ATOM   142  C CD1 . LEU A 1 20  ? 0.003   -0.542  -9.955  1.00 21.47 ? 113 LEU A CD1 1 
ATOM   143  C CD2 . LEU A 1 20  ? 1.705   0.860   -8.811  1.00 24.64 ? 113 LEU A CD2 1 
ATOM   144  N N   . LEU A 1 21  ? -0.815  -2.411  -6.109  1.00 22.56 ? 114 LEU A N   1 
ATOM   145  C CA  . LEU A 1 21  ? -0.129  -3.204  -5.095  1.00 23.02 ? 114 LEU A CA  1 
ATOM   146  C C   . LEU A 1 21  ? 1.077   -3.877  -5.740  1.00 20.26 ? 114 LEU A C   1 
ATOM   147  O O   . LEU A 1 21  ? 1.157   -4.039  -6.966  1.00 22.77 ? 114 LEU A O   1 
ATOM   148  C CB  . LEU A 1 21  ? -1.042  -4.268  -4.474  1.00 22.52 ? 114 LEU A CB  1 
ATOM   149  C CG  . LEU A 1 21  ? -2.346  -3.839  -3.842  1.00 23.29 ? 114 LEU A CG  1 
ATOM   150  C CD1 . LEU A 1 21  ? -3.136  -4.960  -3.216  1.00 26.52 ? 114 LEU A CD1 1 
ATOM   151  C CD2 . LEU A 1 21  ? -2.139  -2.744  -2.818  1.00 24.27 ? 114 LEU A CD2 1 
ATOM   152  N N   . VAL A 1 22  ? 2.020   -4.237  -4.884  1.00 19.96 ? 115 VAL A N   1 
ATOM   153  C CA  . VAL A 1 22  ? 3.212   -4.938  -5.254  1.00 22.30 ? 115 VAL A CA  1 
ATOM   154  C C   . VAL A 1 22  ? 3.319   -6.229  -4.431  1.00 23.99 ? 115 VAL A C   1 
ATOM   155  O O   . VAL A 1 22  ? 2.787   -6.334  -3.327  1.00 21.61 ? 115 VAL A O   1 
ATOM   156  C CB  . VAL A 1 22  ? 4.508   -4.112  -5.084  1.00 23.37 ? 115 VAL A CB  1 
ATOM   157  C CG1 . VAL A 1 22  ? 4.426   -2.824  -5.872  1.00 26.20 ? 115 VAL A CG1 1 
ATOM   158  C CG2 . VAL A 1 22  ? 4.715   -3.694  -3.632  1.00 25.26 ? 115 VAL A CG2 1 
ATOM   159  N N   . GLN A 1 23  ? 3.988   -7.206  -5.043  1.00 21.69 ? 116 GLN A N   1 
ATOM   160  C CA  . GLN A 1 23  ? 4.085   -8.542  -4.519  1.00 19.30 ? 116 GLN A CA  1 
ATOM   161  C C   . GLN A 1 23  ? 5.561   -8.801  -4.332  1.00 21.76 ? 116 GLN A C   1 
ATOM   162  O O   . GLN A 1 23  ? 6.325   -8.665  -5.278  1.00 21.93 ? 116 GLN A O   1 
ATOM   163  C CB  . GLN A 1 23  ? 3.430   -9.559  -5.440  1.00 20.66 ? 116 GLN A CB  1 
ATOM   164  C CG  . GLN A 1 23  ? 3.470   -10.969 -4.924  1.00 22.07 ? 116 GLN A CG  1 
ATOM   165  C CD  . GLN A 1 23  ? 2.916   -11.933 -5.904  1.00 25.18 ? 116 GLN A CD  1 
ATOM   166  O OE1 . GLN A 1 23  ? 3.086   -11.750 -7.099  1.00 28.03 ? 116 GLN A OE1 1 
ATOM   167  N NE2 . GLN A 1 23  ? 2.265   -12.980 -5.405  1.00 26.04 ? 116 GLN A NE2 1 
ATOM   168  N N   . GLY A 1 24  ? 5.942   -9.081  -3.093  1.00 24.02 ? 117 GLY A N   1 
ATOM   169  C CA  . GLY A 1 24  ? 7.359   -9.395  -2.793  1.00 24.37 ? 117 GLY A CA  1 
ATOM   170  C C   . GLY A 1 24  ? 7.594   -10.919 -2.762  1.00 26.13 ? 117 GLY A C   1 
ATOM   171  O O   . GLY A 1 24  ? 6.839   -11.702 -3.346  1.00 26.82 ? 117 GLY A O   1 
ATOM   172  N N   . TYR A 1 25  ? 8.631   -11.296 -2.043  1.00 28.22 ? 118 TYR A N   1 
ATOM   173  C CA  . TYR A 1 25  ? 9.071   -12.668 -1.867  1.00 28.57 ? 118 TYR A CA  1 
ATOM   174  C C   . TYR A 1 25  ? 9.162   -13.041 -0.402  1.00 32.43 ? 118 TYR A C   1 
ATOM   175  O O   . TYR A 1 25  ? 9.264   -12.155 0.490   1.00 29.89 ? 118 TYR A O   1 
ATOM   176  C CB  . TYR A 1 25  ? 10.476  -12.789 -2.467  1.00 27.83 ? 118 TYR A CB  1 
ATOM   177  C CG  . TYR A 1 25  ? 10.523  -12.650 -3.978  1.00 27.90 ? 118 TYR A CG  1 
ATOM   178  C CD1 . TYR A 1 25  ? 9.967   -13.608 -4.820  1.00 26.27 ? 118 TYR A CD1 1 
ATOM   179  C CD2 . TYR A 1 25  ? 11.067  -11.542 -4.556  1.00 25.02 ? 118 TYR A CD2 1 
ATOM   180  C CE1 . TYR A 1 25  ? 10.024  -13.446 -6.192  1.00 27.19 ? 118 TYR A CE1 1 
ATOM   181  C CE2 . TYR A 1 25  ? 11.080  -11.371 -5.919  1.00 28.61 ? 118 TYR A CE2 1 
ATOM   182  C CZ  . TYR A 1 25  ? 10.596  -12.313 -6.733  1.00 27.19 ? 118 TYR A CZ  1 
ATOM   183  O OH  . TYR A 1 25  ? 10.602  -12.145 -8.080  1.00 31.38 ? 118 TYR A OH  1 
ATOM   184  N N   . LEU A 1 26  ? 9.115   -14.350 -0.159  1.00 31.15 ? 119 LEU A N   1 
ATOM   185  C CA  . LEU A 1 26  ? 9.423   -14.940 1.160   1.00 35.66 ? 119 LEU A CA  1 
ATOM   186  C C   . LEU A 1 26  ? 8.465   -14.423 2.251   1.00 34.00 ? 119 LEU A C   1 
ATOM   187  O O   . LEU A 1 26  ? 7.299   -14.675 2.174   1.00 32.76 ? 119 LEU A O   1 
ATOM   188  C CB  . LEU A 1 26  ? 10.915  -14.768 1.527   1.00 37.97 ? 119 LEU A CB  1 
ATOM   189  C CG  . LEU A 1 26  ? 11.880  -15.466 0.527   1.00 45.03 ? 119 LEU A CG  1 
ATOM   190  C CD1 . LEU A 1 26  ? 13.332  -15.089 0.767   1.00 44.67 ? 119 LEU A CD1 1 
ATOM   191  C CD2 . LEU A 1 26  ? 11.640  -16.986 0.514   1.00 49.00 ? 119 LEU A CD2 1 
ATOM   192  N N   . ALA A 1 27  ? 8.954   -13.704 3.241   1.00 32.25 ? 120 ALA A N   1 
ATOM   193  C CA  . ALA A 1 27  ? 8.096   -13.142 4.298   1.00 37.31 ? 120 ALA A CA  1 
ATOM   194  C C   . ALA A 1 27  ? 7.125   -12.056 3.735   1.00 38.59 ? 120 ALA A C   1 
ATOM   195  O O   . ALA A 1 27  ? 6.048   -11.849 4.282   1.00 40.47 ? 120 ALA A O   1 
ATOM   196  C CB  . ALA A 1 27  ? 8.968   -12.547 5.394   1.00 37.37 ? 120 ALA A CB  1 
ATOM   197  N N   . LYS A 1 28  ? 7.535   -11.414 2.627   1.00 37.37 ? 121 LYS A N   1 
ATOM   198  C CA  . LYS A 1 28  ? 6.778   -10.408 1.925   1.00 33.16 ? 121 LYS A CA  1 
ATOM   199  C C   . LYS A 1 28  ? 6.136   -10.974 0.631   1.00 31.81 ? 121 LYS A C   1 
ATOM   200  O O   . LYS A 1 28  ? 5.876   -10.253 -0.305  1.00 28.28 ? 121 LYS A O   1 
ATOM   201  C CB  . LYS A 1 28  ? 7.692   -9.259  1.597   1.00 38.10 ? 121 LYS A CB  1 
ATOM   202  C CG  . LYS A 1 28  ? 8.171   -8.505  2.815   1.00 43.98 ? 121 LYS A CG  1 
ATOM   203  C CD  . LYS A 1 28  ? 8.966   -7.278  2.417   1.00 46.82 ? 121 LYS A CD  1 
ATOM   204  C CE  . LYS A 1 28  ? 9.437   -6.538  3.662   1.00 60.62 ? 121 LYS A CE  1 
ATOM   205  N NZ  . LYS A 1 28  ? 10.418  -5.459  3.365   1.00 60.97 ? 121 LYS A NZ  1 
ATOM   206  N N   . SER A 1 29  ? 5.841   -12.251 0.651   1.00 30.58 ? 122 SER A N   1 
ATOM   207  C CA  . SER A 1 29  ? 5.332   -12.978 -0.477  1.00 37.68 ? 122 SER A CA  1 
ATOM   208  C C   . SER A 1 29  ? 3.911   -12.616 -0.999  1.00 40.50 ? 122 SER A C   1 
ATOM   209  O O   . SER A 1 29  ? 3.515   -13.030 -2.139  1.00 48.68 ? 122 SER A O   1 
ATOM   210  C CB  . SER A 1 29  ? 5.353   -14.472 -0.150  1.00 33.88 ? 122 SER A CB  1 
ATOM   211  O OG  . SER A 1 29  ? 4.734   -15.102 -1.223  1.00 44.20 ? 122 SER A OG  1 
ATOM   212  N N   . GLY A 1 30  ? 3.119   -11.948 -0.190  1.00 31.18 ? 123 GLY A N   1 
ATOM   213  C CA  . GLY A 1 30  ? 1.775   -11.494 -0.663  1.00 27.86 ? 123 GLY A CA  1 
ATOM   214  C C   . GLY A 1 30  ? 1.801   -10.101 -1.279  1.00 27.88 ? 123 GLY A C   1 
ATOM   215  O O   . GLY A 1 30  ? 2.853   -9.608  -1.739  1.00 26.63 ? 123 GLY A O   1 
ATOM   216  N N   . TRP A 1 31  ? 0.618   -9.472  -1.309  1.00 24.79 ? 124 TRP A N   1 
ATOM   217  C CA  . TRP A 1 31  ? 0.455   -8.235  -1.986  1.00 24.06 ? 124 TRP A CA  1 
ATOM   218  C C   . TRP A 1 31  ? 0.378   -7.157  -0.955  1.00 24.59 ? 124 TRP A C   1 
ATOM   219  O O   . TRP A 1 31  ? -0.379  -7.332  -0.013  1.00 27.18 ? 124 TRP A O   1 
ATOM   220  C CB  . TRP A 1 31  ? -0.826  -8.197  -2.801  1.00 23.19 ? 124 TRP A CB  1 
ATOM   221  C CG  . TRP A 1 31  ? -0.751  -9.049  -4.058  1.00 21.27 ? 124 TRP A CG  1 
ATOM   222  C CD1 . TRP A 1 31  ? -1.107  -10.349 -4.168  1.00 25.05 ? 124 TRP A CD1 1 
ATOM   223  C CD2 . TRP A 1 31  ? -0.116  -8.709  -5.291  1.00 22.60 ? 124 TRP A CD2 1 
ATOM   224  N NE1 . TRP A 1 31  ? -0.818  -10.826 -5.424  1.00 26.65 ? 124 TRP A NE1 1 
ATOM   225  C CE2 . TRP A 1 31  ? -0.239  -9.831  -6.149  1.00 24.11 ? 124 TRP A CE2 1 
ATOM   226  C CE3 . TRP A 1 31  ? 0.434   -7.543  -5.808  1.00 21.27 ? 124 TRP A CE3 1 
ATOM   227  C CZ2 . TRP A 1 31  ? 0.219   -9.824  -7.460  1.00 24.79 ? 124 TRP A CZ2 1 
ATOM   228  C CZ3 . TRP A 1 31  ? 0.852   -7.527  -7.147  1.00 23.40 ? 124 TRP A CZ3 1 
ATOM   229  C CH2 . TRP A 1 31  ? 0.772   -8.651  -7.932  1.00 22.39 ? 124 TRP A CH2 1 
ATOM   230  N N   . GLY A 1 32  ? 0.997   -5.991  -1.203  1.00 22.28 ? 125 GLY A N   1 
ATOM   231  C CA  . GLY A 1 32  ? 0.924   -4.923  -0.265  1.00 21.92 ? 125 GLY A CA  1 
ATOM   232  C C   . GLY A 1 32  ? 1.199   -3.605  -0.972  1.00 21.52 ? 125 GLY A C   1 
ATOM   233  O O   . GLY A 1 32  ? 1.437   -3.591  -2.143  1.00 22.60 ? 125 GLY A O   1 
ATOM   234  N N   . PHE A 1 33  ? 1.014   -2.490  -0.255  1.00 22.43 ? 126 PHE A N   1 
ATOM   235  C CA  . PHE A 1 33  ? 1.314   -1.189  -0.759  1.00 21.76 ? 126 PHE A CA  1 
ATOM   236  C C   . PHE A 1 33  ? 2.834   -1.029  -0.776  1.00 24.29 ? 126 PHE A C   1 
ATOM   237  O O   . PHE A 1 33  ? 3.511   -1.548  0.084   1.00 21.66 ? 126 PHE A O   1 
ATOM   238  C CB  . PHE A 1 33  ? 0.641   -0.078  0.065   1.00 20.54 ? 126 PHE A CB  1 
ATOM   239  C CG  . PHE A 1 33  ? -0.790  -0.096  -0.050  1.00 22.48 ? 126 PHE A CG  1 
ATOM   240  C CD1 . PHE A 1 33  ? -1.398  0.282   -1.232  1.00 22.67 ? 126 PHE A CD1 1 
ATOM   241  C CD2 . PHE A 1 33  ? -1.567  -0.668  0.954   1.00 24.60 ? 126 PHE A CD2 1 
ATOM   242  C CE1 . PHE A 1 33  ? -2.740  0.239   -1.378  1.00 24.65 ? 126 PHE A CE1 1 
ATOM   243  C CE2 . PHE A 1 33  ? -2.921  -0.744  0.809   1.00 24.10 ? 126 PHE A CE2 1 
ATOM   244  C CZ  . PHE A 1 33  ? -3.544  -0.269  -0.358  1.00 24.28 ? 126 PHE A CZ  1 
ATOM   245  N N   . PRO A 1 34  ? 3.366   -0.353  -1.799  1.00 20.18 ? 127 PRO A N   1 
ATOM   246  C CA  . PRO A 1 34  ? 4.778   -0.069  -1.861  1.00 22.93 ? 127 PRO A CA  1 
ATOM   247  C C   . PRO A 1 34  ? 5.188   0.862   -0.699  1.00 25.28 ? 127 PRO A C   1 
ATOM   248  O O   . PRO A 1 34  ? 4.615   1.955   -0.508  1.00 26.21 ? 127 PRO A O   1 
ATOM   249  C CB  . PRO A 1 34  ? 4.963   0.487   -3.261  1.00 21.35 ? 127 PRO A CB  1 
ATOM   250  C CG  . PRO A 1 34  ? 3.638   1.073   -3.578  1.00 21.34 ? 127 PRO A CG  1 
ATOM   251  C CD  . PRO A 1 34  ? 2.620   0.268   -2.909  1.00 21.41 ? 127 PRO A CD  1 
ATOM   252  N N   . LYS A 1 35  ? 6.137   0.392   0.105   0.52 25.02 ? 128 LYS A N   1 
ATOM   253  C CA  . LYS A 1 35  ? 6.628   1.131   1.267   0.52 25.06 ? 128 LYS A CA  1 
ATOM   254  C C   . LYS A 1 35  ? 7.894   0.476   1.829   0.52 27.12 ? 128 LYS A C   1 
ATOM   255  O O   . LYS A 1 35  ? 8.170   -0.703  1.581   0.52 26.61 ? 128 LYS A O   1 
ATOM   256  C CB  . LYS A 1 35  ? 5.561   1.246   2.385   0.52 25.90 ? 128 LYS A CB  1 
ATOM   257  C CG  . LYS A 1 35  ? 5.145   -0.060  3.051   0.52 25.67 ? 128 LYS A CG  1 
ATOM   258  C CD  . LYS A 1 35  ? 4.063   0.191   4.095   0.52 28.23 ? 128 LYS A CD  1 
ATOM   259  C CE  . LYS A 1 35  ? 3.751   -1.039  4.944   0.52 29.01 ? 128 LYS A CE  1 
ATOM   260  N NZ  . LYS A 1 35  ? 4.678   -1.191  6.107   0.52 29.91 ? 128 LYS A NZ  1 
ATOM   261  N N   . GLY A 1 36  ? 8.632   1.234   2.631   1.00 27.98 ? 129 GLY A N   1 
ATOM   262  C CA  . GLY A 1 36  ? 9.823   0.709   3.242   1.00 27.89 ? 129 GLY A CA  1 
ATOM   263  C C   . GLY A 1 36  ? 10.345  1.605   4.337   1.00 30.11 ? 129 GLY A C   1 
ATOM   264  O O   . GLY A 1 36  ? 9.772   2.639   4.630   1.00 28.57 ? 129 GLY A O   1 
ATOM   265  N N   . LYS A 1 37  ? 11.454  1.166   4.932   1.00 31.05 ? 130 LYS A N   1 
ATOM   266  C CA  . LYS A 1 37  ? 11.997  1.776   6.129   1.00 35.10 ? 130 LYS A CA  1 
ATOM   267  C C   . LYS A 1 37  ? 12.704  3.099   5.864   1.00 28.70 ? 130 LYS A C   1 
ATOM   268  O O   . LYS A 1 37  ? 13.397  3.255   4.860   1.00 35.01 ? 130 LYS A O   1 
ATOM   269  C CB  . LYS A 1 37  ? 12.964  0.762   6.806   1.00 40.03 ? 130 LYS A CB  1 
ATOM   270  C CG  . LYS A 1 37  ? 12.259  -0.222  7.736   1.00 41.11 ? 130 LYS A CG  1 
ATOM   271  C CD  . LYS A 1 37  ? 13.272  -1.084  8.497   1.00 46.24 ? 130 LYS A CD  1 
ATOM   272  N N   . VAL A 1 38  ? 12.462  4.056   6.734   1.00 33.40 ? 131 VAL A N   1 
ATOM   273  C CA  . VAL A 1 38  ? 13.119  5.368   6.659   1.00 40.72 ? 131 VAL A CA  1 
ATOM   274  C C   . VAL A 1 38  ? 14.636  5.220   6.968   1.00 38.59 ? 131 VAL A C   1 
ATOM   275  O O   . VAL A 1 38  ? 15.001  4.453   7.888   1.00 42.67 ? 131 VAL A O   1 
ATOM   276  C CB  . VAL A 1 38  ? 12.437  6.397   7.575   1.00 40.29 ? 131 VAL A CB  1 
ATOM   277  C CG1 . VAL A 1 38  ? 12.575  6.055   9.065   1.00 43.31 ? 131 VAL A CG1 1 
ATOM   278  C CG2 . VAL A 1 38  ? 12.956  7.808   7.293   1.00 44.58 ? 131 VAL A CG2 1 
ATOM   279  N N   . ASN A 1 39  ? 15.483  5.876   6.165   1.00 39.35 ? 132 ASN A N   1 
ATOM   280  C CA  . ASN A 1 39  ? 16.948  6.004   6.476   1.00 44.44 ? 132 ASN A CA  1 
ATOM   281  C C   . ASN A 1 39  ? 17.195  7.122   7.529   1.00 46.36 ? 132 ASN A C   1 
ATOM   282  O O   . ASN A 1 39  ? 16.379  8.028   7.681   1.00 46.96 ? 132 ASN A O   1 
ATOM   283  C CB  . ASN A 1 39  ? 17.754  6.337   5.209   1.00 42.56 ? 132 ASN A CB  1 
ATOM   284  C CG  . ASN A 1 39  ? 17.719  5.253   4.158   1.00 44.59 ? 132 ASN A CG  1 
ATOM   285  O OD1 . ASN A 1 39  ? 17.721  4.055   4.445   1.00 49.50 ? 132 ASN A OD1 1 
ATOM   286  N ND2 . ASN A 1 39  ? 17.762  5.670   2.914   1.00 42.64 ? 132 ASN A ND2 1 
ATOM   287  N N   . LYS A 1 40  ? 18.325  7.058   8.258   1.00 54.29 ? 133 LYS A N   1 
ATOM   288  C CA  . LYS A 1 40  ? 18.838  8.191   9.110   1.00 53.09 ? 133 LYS A CA  1 
ATOM   289  C C   . LYS A 1 40  ? 18.669  9.595   8.517   1.00 49.80 ? 133 LYS A C   1 
ATOM   290  O O   . LYS A 1 40  ? 19.103  9.831   7.398   1.00 52.31 ? 133 LYS A O   1 
ATOM   291  C CB  . LYS A 1 40  ? 20.353  8.016   9.378   1.00 53.18 ? 133 LYS A CB  1 
ATOM   292  N N   . GLU A 1 41  ? 18.052  10.507  9.268   1.00 52.83 ? 134 GLU A N   1 
ATOM   293  C CA  . GLU A 1 41  ? 17.867  11.915  8.862   1.00 59.68 ? 134 GLU A CA  1 
ATOM   294  C C   . GLU A 1 41  ? 16.989  12.152  7.578   1.00 62.43 ? 134 GLU A C   1 
ATOM   295  O O   . GLU A 1 41  ? 16.805  13.309  7.183   1.00 66.61 ? 134 GLU A O   1 
ATOM   296  C CB  . GLU A 1 41  ? 19.240  12.629  8.743   1.00 65.52 ? 134 GLU A CB  1 
ATOM   297  N N   . GLU A 1 42  ? 16.397  11.091  6.987   1.00 53.88 ? 135 GLU A N   1 
ATOM   298  C CA  . GLU A 1 42  ? 15.611  11.198  5.721   1.00 44.34 ? 135 GLU A CA  1 
ATOM   299  C C   . GLU A 1 42  ? 14.213  11.660  6.063   1.00 42.56 ? 135 GLU A C   1 
ATOM   300  O O   . GLU A 1 42  ? 13.651  11.207  7.043   1.00 41.86 ? 135 GLU A O   1 
ATOM   301  C CB  . GLU A 1 42  ? 15.587  9.859   4.993   1.00 44.52 ? 135 GLU A CB  1 
ATOM   302  C CG  . GLU A 1 42  ? 14.723  9.778   3.748   1.00 40.96 ? 135 GLU A CG  1 
ATOM   303  C CD  . GLU A 1 42  ? 14.756  8.398   3.114   1.00 42.02 ? 135 GLU A CD  1 
ATOM   304  O OE1 . GLU A 1 42  ? 14.606  7.394   3.856   1.00 42.08 ? 135 GLU A OE1 1 
ATOM   305  O OE2 . GLU A 1 42  ? 14.905  8.311   1.862   1.00 40.48 ? 135 GLU A OE2 1 
ATOM   306  N N   . ALA A 1 43  ? 13.660  12.604  5.286   1.00 40.59 ? 136 ALA A N   1 
ATOM   307  C CA  . ALA A 1 43  ? 12.329  13.174  5.593   1.00 39.40 ? 136 ALA A CA  1 
ATOM   308  C C   . ALA A 1 43  ? 11.251  12.150  5.179   1.00 39.59 ? 136 ALA A C   1 
ATOM   309  O O   . ALA A 1 43  ? 11.505  11.351  4.286   1.00 35.72 ? 136 ALA A O   1 
ATOM   310  C CB  . ALA A 1 43  ? 12.100  14.482  4.867   1.00 37.47 ? 136 ALA A CB  1 
ATOM   311  N N   . PRO A 1 44  ? 10.065  12.221  5.789   1.00 39.17 ? 137 PRO A N   1 
ATOM   312  C CA  . PRO A 1 44  ? 9.045   11.202  5.410   1.00 39.27 ? 137 PRO A CA  1 
ATOM   313  C C   . PRO A 1 44  ? 8.701   11.201  3.900   1.00 36.87 ? 137 PRO A C   1 
ATOM   314  O O   . PRO A 1 44  ? 8.703   10.134  3.282   1.00 35.96 ? 137 PRO A O   1 
ATOM   315  C CB  . PRO A 1 44  ? 7.841   11.585  6.280   1.00 41.40 ? 137 PRO A CB  1 
ATOM   316  C CG  . PRO A 1 44  ? 8.483   12.203  7.551   1.00 38.85 ? 137 PRO A CG  1 
ATOM   317  C CD  . PRO A 1 44  ? 9.626   13.034  6.951   1.00 40.72 ? 137 PRO A CD  1 
ATOM   318  N N   . HIS A 1 45  ? 8.472   12.379  3.317   1.00 34.62 ? 138 HIS A N   1 
ATOM   319  C CA  . HIS A 1 45  ? 8.091   12.474  1.876   1.00 37.57 ? 138 HIS A CA  1 
ATOM   320  C C   . HIS A 1 45  ? 9.174   11.931  0.953   1.00 33.55 ? 138 HIS A C   1 
ATOM   321  O O   . HIS A 1 45  ? 8.885   11.327  -0.126  1.00 30.76 ? 138 HIS A O   1 
ATOM   322  C CB  . HIS A 1 45  ? 7.620   13.895  1.524   1.00 41.04 ? 138 HIS A CB  1 
ATOM   323  C CG  . HIS A 1 45  ? 8.727   14.889  1.400   1.00 57.58 ? 138 HIS A CG  1 
ATOM   324  N ND1 . HIS A 1 45  ? 9.169   15.650  2.470   1.00 61.62 ? 138 HIS A ND1 1 
ATOM   325  C CD2 . HIS A 1 45  ? 9.482   15.260  0.335   1.00 57.27 ? 138 HIS A CD2 1 
ATOM   326  C CE1 . HIS A 1 45  ? 10.134  16.459  2.059   1.00 59.89 ? 138 HIS A CE1 1 
ATOM   327  N NE2 . HIS A 1 45  ? 10.347  16.240  0.771   1.00 62.90 ? 138 HIS A NE2 1 
ATOM   328  N N   . ASP A 1 46  ? 10.442  12.068  1.376   1.00 32.68 ? 139 ASP A N   1 
ATOM   329  C CA  . ASP A 1 46  ? 11.529  11.565  0.567   1.00 32.32 ? 139 ASP A CA  1 
ATOM   330  C C   . ASP A 1 46  ? 11.657  10.033  0.696   1.00 29.36 ? 139 ASP A C   1 
ATOM   331  O O   . ASP A 1 46  ? 11.957  9.359   -0.275  1.00 29.98 ? 139 ASP A O   1 
ATOM   332  C CB  . ASP A 1 46  ? 12.884  12.200  0.952   1.00 33.30 ? 139 ASP A CB  1 
ATOM   333  C CG  . ASP A 1 46  ? 12.964  13.671  0.612   1.00 40.61 ? 139 ASP A CG  1 
ATOM   334  O OD1 . ASP A 1 46  ? 12.554  14.046  -0.484  1.00 36.38 ? 139 ASP A OD1 1 
ATOM   335  O OD2 . ASP A 1 46  ? 13.500  14.453  1.428   1.00 45.87 ? 139 ASP A OD2 1 
ATOM   336  N N   . CYS A 1 47  ? 11.486  9.491   1.899   1.00 30.74 ? 140 CYS A N   1 
ATOM   337  C CA  . CYS A 1 47  ? 11.458  8.047   2.050   1.00 29.60 ? 140 CYS A CA  1 
ATOM   338  C C   . CYS A 1 47  ? 10.336  7.413   1.143   1.00 27.20 ? 140 CYS A C   1 
ATOM   339  O O   . CYS A 1 47  ? 10.587  6.471   0.370   1.00 27.63 ? 140 CYS A O   1 
ATOM   340  C CB  . CYS A 1 47  ? 11.218  7.693   3.511   1.00 29.60 ? 140 CYS A CB  1 
ATOM   341  S SG  . CYS A 1 47  ? 11.079  5.921   3.776   1.00 32.59 ? 140 CYS A SG  1 
ATOM   342  N N   . ALA A 1 48  ? 9.155   7.982   1.217   1.00 29.53 ? 141 ALA A N   1 
ATOM   343  C CA  . ALA A 1 48  ? 7.986   7.478   0.430   1.00 28.11 ? 141 ALA A CA  1 
ATOM   344  C C   . ALA A 1 48  ? 8.307   7.466   -1.054  1.00 26.91 ? 141 ALA A C   1 
ATOM   345  O O   . ALA A 1 48  ? 8.147   6.469   -1.703  1.00 24.33 ? 141 ALA A O   1 
ATOM   346  C CB  . ALA A 1 48  ? 6.755   8.311   0.716   1.00 25.39 ? 141 ALA A CB  1 
ATOM   347  N N   . ALA A 1 49  ? 8.858   8.563   -1.580  1.00 26.37 ? 142 ALA A N   1 
ATOM   348  C CA  . ALA A 1 49  ? 9.244   8.625   -2.994  1.00 25.43 ? 142 ALA A CA  1 
ATOM   349  C C   . ALA A 1 49  ? 10.332  7.628   -3.380  1.00 24.01 ? 142 ALA A C   1 
ATOM   350  O O   . ALA A 1 49  ? 10.252  7.000   -4.423  1.00 22.78 ? 142 ALA A O   1 
ATOM   351  C CB  . ALA A 1 49  ? 9.696   10.041  -3.375  1.00 27.16 ? 142 ALA A CB  1 
ATOM   352  N N   . ARG A 1 50  ? 11.303  7.425   -2.495  1.00 22.76 ? 143 ARG A N   1 
ATOM   353  C CA  . ARG A 1 50  ? 12.406  6.537   -2.770  1.00 27.85 ? 143 ARG A CA  1 
ATOM   354  C C   . ARG A 1 50  ? 11.902  5.107   -2.776  1.00 29.71 ? 143 ARG A C   1 
ATOM   355  O O   . ARG A 1 50  ? 12.232  4.319   -3.650  1.00 27.11 ? 143 ARG A O   1 
ATOM   356  C CB  . ARG A 1 50  ? 13.463  6.692   -1.656  1.00 31.29 ? 143 ARG A CB  1 
ATOM   357  C CG  . ARG A 1 50  ? 14.716  5.838   -1.853  1.00 32.78 ? 143 ARG A CG  1 
ATOM   358  C CD  . ARG A 1 50  ? 15.774  6.036   -0.767  1.00 32.92 ? 143 ARG A CD  1 
ATOM   359  N NE  . ARG A 1 50  ? 15.236  5.971   0.611   1.00 34.92 ? 143 ARG A NE  1 
ATOM   360  C CZ  . ARG A 1 50  ? 14.955  4.856   1.330   1.00 34.87 ? 143 ARG A CZ  1 
ATOM   361  N NH1 . ARG A 1 50  ? 15.117  3.652   0.846   1.00 36.79 ? 143 ARG A NH1 1 
ATOM   362  N NH2 . ARG A 1 50  ? 14.483  4.962   2.564   1.00 30.20 ? 143 ARG A NH2 1 
ATOM   363  N N   . GLU A 1 51  ? 11.151  4.746   -1.737  1.00 29.44 ? 144 GLU A N   1 
ATOM   364  C CA  . GLU A 1 51  ? 10.679  3.331   -1.661  1.00 28.79 ? 144 GLU A CA  1 
ATOM   365  C C   . GLU A 1 51  ? 9.728   3.043   -2.797  1.00 26.39 ? 144 GLU A C   1 
ATOM   366  O O   . GLU A 1 51  ? 9.817   1.992   -3.435  1.00 26.79 ? 144 GLU A O   1 
ATOM   367  C CB  . GLU A 1 51  ? 10.000  3.070   -0.374  1.00 32.30 ? 144 GLU A CB  1 
ATOM   368  C CG  . GLU A 1 51  ? 10.922  3.159   0.791   1.00 31.81 ? 144 GLU A CG  1 
ATOM   369  C CD  . GLU A 1 51  ? 11.843  1.984   0.927   1.00 39.83 ? 144 GLU A CD  1 
ATOM   370  O OE1 . GLU A 1 51  ? 11.659  0.982   0.213   1.00 34.68 ? 144 GLU A OE1 1 
ATOM   371  O OE2 . GLU A 1 51  ? 12.751  2.067   1.786   1.00 42.42 ? 144 GLU A OE2 1 
ATOM   372  N N   . VAL A 1 52  ? 8.856   4.009   -3.108  1.00 24.74 ? 145 VAL A N   1 
ATOM   373  C CA  . VAL A 1 52  ? 7.946   3.786   -4.225  1.00 22.68 ? 145 VAL A CA  1 
ATOM   374  C C   . VAL A 1 52  ? 8.657   3.704   -5.559  1.00 23.26 ? 145 VAL A C   1 
ATOM   375  O O   . VAL A 1 52  ? 8.320   2.813   -6.405  1.00 24.71 ? 145 VAL A O   1 
ATOM   376  C CB  . VAL A 1 52  ? 6.783   4.785   -4.214  1.00 23.88 ? 145 VAL A CB  1 
ATOM   377  C CG1 . VAL A 1 52  ? 6.002   4.671   -5.499  1.00 28.07 ? 145 VAL A CG1 1 
ATOM   378  C CG2 . VAL A 1 52  ? 5.942   4.559   -3.021  1.00 26.07 ? 145 VAL A CG2 1 
ATOM   379  N N   . PHE A 1 53  ? 9.651   4.593   -5.773  1.00 23.92 ? 146 PHE A N   1 
ATOM   380  C CA  . PHE A 1 53  ? 10.441  4.496   -6.980  1.00 24.53 ? 146 PHE A CA  1 
ATOM   381  C C   . PHE A 1 53  ? 11.226  3.152   -7.042  1.00 25.83 ? 146 PHE A C   1 
ATOM   382  O O   . PHE A 1 53  ? 11.288  2.540   -8.067  1.00 26.67 ? 146 PHE A O   1 
ATOM   383  C CB  . PHE A 1 53  ? 11.401  5.727   -7.146  1.00 27.34 ? 146 PHE A CB  1 
ATOM   384  C CG  . PHE A 1 53  ? 12.057  5.772   -8.489  1.00 31.74 ? 146 PHE A CG  1 
ATOM   385  C CD1 . PHE A 1 53  ? 11.351  6.164   -9.603  1.00 33.45 ? 146 PHE A CD1 1 
ATOM   386  C CD2 . PHE A 1 53  ? 13.379  5.327   -8.649  1.00 37.02 ? 146 PHE A CD2 1 
ATOM   387  C CE1 . PHE A 1 53  ? 11.928  6.136   -10.877 1.00 36.81 ? 146 PHE A CE1 1 
ATOM   388  C CE2 . PHE A 1 53  ? 13.972  5.320   -9.916  1.00 41.09 ? 146 PHE A CE2 1 
ATOM   389  C CZ  . PHE A 1 53  ? 13.237  5.734   -11.033 1.00 40.31 ? 146 PHE A CZ  1 
ATOM   390  N N   . GLU A 1 54  ? 11.879  2.771   -5.968  1.00 24.74 ? 147 GLU A N   1 
ATOM   391  C CA  . GLU A 1 54  ? 12.606  1.463   -5.936  1.00 32.84 ? 147 GLU A CA  1 
ATOM   392  C C   . GLU A 1 54  ? 11.699  0.284   -6.212  1.00 30.89 ? 147 GLU A C   1 
ATOM   393  O O   . GLU A 1 54  ? 12.099  -0.654  -6.843  1.00 29.03 ? 147 GLU A O   1 
ATOM   394  C CB  . GLU A 1 54  ? 13.223  1.199   -4.552  1.00 39.98 ? 147 GLU A CB  1 
ATOM   395  C CG  . GLU A 1 54  ? 14.449  2.029   -4.210  1.00 50.96 ? 147 GLU A CG  1 
ATOM   396  C CD  . GLU A 1 54  ? 14.944  1.843   -2.744  1.00 57.77 ? 147 GLU A CD  1 
ATOM   397  O OE1 . GLU A 1 54  ? 14.305  1.069   -1.943  1.00 62.93 ? 147 GLU A OE1 1 
ATOM   398  O OE2 . GLU A 1 54  ? 15.987  2.483   -2.384  1.00 57.37 ? 147 GLU A OE2 1 
ATOM   399  N N   . GLU A 1 55  ? 10.449  0.325   -5.721  1.00 27.72 ? 148 GLU A N   1 
ATOM   400  C CA  . GLU A 1 55  ? 9.558   -0.846  -5.921  1.00 30.31 ? 148 GLU A CA  1 
ATOM   401  C C   . GLU A 1 55  ? 8.674   -0.834  -7.168  1.00 29.31 ? 148 GLU A C   1 
ATOM   402  O O   . GLU A 1 55  ? 8.200   -1.868  -7.556  1.00 30.95 ? 148 GLU A O   1 
ATOM   403  C CB  . GLU A 1 55  ? 8.706   -1.039  -4.663  1.00 29.95 ? 148 GLU A CB  1 
ATOM   404  C CG  . GLU A 1 55  ? 9.584   -1.334  -3.461  1.00 33.52 ? 148 GLU A CG  1 
ATOM   405  C CD  . GLU A 1 55  ? 8.820   -1.327  -2.165  1.00 35.42 ? 148 GLU A CD  1 
ATOM   406  O OE1 . GLU A 1 55  ? 7.577   -1.457  -2.163  1.00 33.20 ? 148 GLU A OE1 1 
ATOM   407  O OE2 . GLU A 1 55  ? 9.489   -1.159  -1.149  1.00 43.20 ? 148 GLU A OE2 1 
ATOM   408  N N   . THR A 1 56  ? 8.395   0.333   -7.731  1.00 26.42 ? 149 THR A N   1 
ATOM   409  C CA  . THR A 1 56  ? 7.468   0.442   -8.903  1.00 27.51 ? 149 THR A CA  1 
ATOM   410  C C   . THR A 1 56  ? 8.055   1.111   -10.103 1.00 27.56 ? 149 THR A C   1 
ATOM   411  O O   . THR A 1 56  ? 7.426   1.102   -11.171 1.00 29.50 ? 149 THR A O   1 
ATOM   412  C CB  . THR A 1 56  ? 6.228   1.293   -8.532  1.00 26.44 ? 149 THR A CB  1 
ATOM   413  O OG1 . THR A 1 56  ? 6.647   2.654   -8.291  1.00 25.20 ? 149 THR A OG1 1 
ATOM   414  C CG2 . THR A 1 56  ? 5.619   0.774   -7.265  1.00 25.76 ? 149 THR A CG2 1 
ATOM   415  N N   . GLY A 1 57  ? 9.168   1.799   -9.933  1.00 29.01 ? 150 GLY A N   1 
ATOM   416  C CA  . GLY A 1 57  ? 9.729   2.601   -11.038 1.00 33.99 ? 150 GLY A CA  1 
ATOM   417  C C   . GLY A 1 57  ? 8.966   3.905   -11.325 1.00 35.76 ? 150 GLY A C   1 
ATOM   418  O O   . GLY A 1 57  ? 9.195   4.520   -12.330 1.00 34.21 ? 150 GLY A O   1 
ATOM   419  N N   . PHE A 1 58  ? 8.052   4.305   -10.463 1.00 29.93 ? 151 PHE A N   1 
ATOM   420  C CA  . PHE A 1 58  ? 7.231   5.456   -10.720 1.00 29.02 ? 151 PHE A CA  1 
ATOM   421  C C   . PHE A 1 58  ? 7.589   6.477   -9.698  1.00 29.59 ? 151 PHE A C   1 
ATOM   422  O O   . PHE A 1 58  ? 7.695   6.183   -8.457  1.00 28.23 ? 151 PHE A O   1 
ATOM   423  C CB  . PHE A 1 58  ? 5.759   5.084   -10.711 1.00 27.22 ? 151 PHE A CB  1 
ATOM   424  C CG  . PHE A 1 58  ? 4.849   6.259   -10.948 1.00 27.55 ? 151 PHE A CG  1 
ATOM   425  C CD1 . PHE A 1 58  ? 4.643   6.712   -12.212 1.00 29.10 ? 151 PHE A CD1 1 
ATOM   426  C CD2 . PHE A 1 58  ? 4.247   6.923   -9.898  1.00 29.88 ? 151 PHE A CD2 1 
ATOM   427  C CE1 . PHE A 1 58  ? 3.854   7.818   -12.459 1.00 31.26 ? 151 PHE A CE1 1 
ATOM   428  C CE2 . PHE A 1 58  ? 3.402   7.998   -10.125 1.00 30.86 ? 151 PHE A CE2 1 
ATOM   429  C CZ  . PHE A 1 58  ? 3.251   8.467   -11.419 1.00 31.08 ? 151 PHE A CZ  1 
ATOM   430  N N   . ASP A 1 59  ? 7.778   7.726   -10.163 1.00 28.92 ? 152 ASP A N   1 
ATOM   431  C CA  . ASP A 1 59  ? 8.263   8.773   -9.250  1.00 29.30 ? 152 ASP A CA  1 
ATOM   432  C C   . ASP A 1 59  ? 7.113   9.618   -8.802  1.00 29.66 ? 152 ASP A C   1 
ATOM   433  O O   . ASP A 1 59  ? 6.455   10.342  -9.599  1.00 31.25 ? 152 ASP A O   1 
ATOM   434  C CB  . ASP A 1 59  ? 9.387   9.585   -9.935  1.00 32.16 ? 152 ASP A CB  1 
ATOM   435  C CG  . ASP A 1 59  ? 9.916   10.741  -9.087  1.00 34.23 ? 152 ASP A CG  1 
ATOM   436  O OD1 . ASP A 1 59  ? 9.599   10.929  -7.885  1.00 32.21 ? 152 ASP A OD1 1 
ATOM   437  O OD2 . ASP A 1 59  ? 10.681  11.524  -9.684  1.00 46.72 ? 152 ASP A OD2 1 
ATOM   438  N N   . ILE A 1 60  ? 6.846   9.565   -7.514  1.00 28.70 ? 153 ILE A N   1 
ATOM   439  C CA  . ILE A 1 60  ? 5.683   10.291  -6.971  1.00 30.14 ? 153 ILE A CA  1 
ATOM   440  C C   . ILE A 1 60  ? 5.993   11.674  -6.434  1.00 27.86 ? 153 ILE A C   1 
ATOM   441  O O   . ILE A 1 60  ? 5.144   12.321  -5.911  1.00 27.76 ? 153 ILE A O   1 
ATOM   442  C CB  . ILE A 1 60  ? 4.990   9.535   -5.845  1.00 29.26 ? 153 ILE A CB  1 
ATOM   443  C CG1 . ILE A 1 60  ? 5.875   9.347   -4.617  1.00 32.26 ? 153 ILE A CG1 1 
ATOM   444  C CG2 . ILE A 1 60  ? 4.441   8.222   -6.345  1.00 32.35 ? 153 ILE A CG2 1 
ATOM   445  C CD1 . ILE A 1 60  ? 5.084   8.737   -3.474  1.00 31.15 ? 153 ILE A CD1 1 
ATOM   446  N N   . LYS A 1 61  ? 7.233   12.096  -6.538  1.00 28.05 ? 154 LYS A N   1 
ATOM   447  C CA  . LYS A 1 61  ? 7.683   13.246  -5.795  1.00 33.79 ? 154 LYS A CA  1 
ATOM   448  C C   . LYS A 1 61  ? 6.822   14.476  -6.127  1.00 32.59 ? 154 LYS A C   1 
ATOM   449  O O   . LYS A 1 61  ? 6.388   15.185  -5.216  1.00 32.53 ? 154 LYS A O   1 
ATOM   450  C CB  . LYS A 1 61  ? 9.167   13.494  -6.123  1.00 34.65 ? 154 LYS A CB  1 
ATOM   451  C CG  . LYS A 1 61  ? 9.689   14.897  -5.859  1.00 52.26 ? 154 LYS A CG  1 
ATOM   452  C CD  . LYS A 1 61  ? 11.233  15.047  -5.864  1.00 53.25 ? 154 LYS A CD  1 
ATOM   453  C CE  . LYS A 1 61  ? 11.939  14.313  -7.016  1.00 62.74 ? 154 LYS A CE  1 
ATOM   454  N NZ  . LYS A 1 61  ? 11.638  14.846  -8.382  1.00 72.09 ? 154 LYS A NZ  1 
ATOM   455  N N   . ASP A 1 62  ? 6.547   14.669  -7.412  1.00 33.61 ? 155 ASP A N   1 
ATOM   456  C CA  . ASP A 1 62  ? 5.775   15.877  -7.856  1.00 36.57 ? 155 ASP A CA  1 
ATOM   457  C C   . ASP A 1 62  ? 4.296   15.790  -7.471  1.00 35.69 ? 155 ASP A C   1 
ATOM   458  O O   . ASP A 1 62  ? 3.534   16.789  -7.663  1.00 35.86 ? 155 ASP A O   1 
ATOM   459  C CB  . ASP A 1 62  ? 5.823   16.003  -9.368  1.00 40.38 ? 155 ASP A CB  1 
ATOM   460  C CG  . ASP A 1 62  ? 7.215   16.393  -9.927  1.00 47.52 ? 155 ASP A CG  1 
ATOM   461  O OD1 . ASP A 1 62  ? 8.143   16.763  -9.178  1.00 50.34 ? 155 ASP A OD1 1 
ATOM   462  O OD2 . ASP A 1 62  ? 7.356   16.303  -11.161 1.00 49.25 ? 155 ASP A OD2 1 
ATOM   463  N N   . TYR A 1 63  ? 3.842   14.607  -6.982  1.00 32.31 ? 156 TYR A N   1 
ATOM   464  C CA  . TYR A 1 63  ? 2.407   14.381  -6.683  1.00 29.48 ? 156 TYR A CA  1 
ATOM   465  C C   . TYR A 1 63  ? 2.039   14.268  -5.252  1.00 30.33 ? 156 TYR A C   1 
ATOM   466  O O   . TYR A 1 63  ? 0.877   14.406  -4.889  1.00 35.97 ? 156 TYR A O   1 
ATOM   467  C CB  . TYR A 1 63  ? 1.854   13.179  -7.430  1.00 31.53 ? 156 TYR A CB  1 
ATOM   468  C CG  . TYR A 1 63  ? 2.193   13.219  -8.821  1.00 32.03 ? 156 TYR A CG  1 
ATOM   469  C CD1 . TYR A 1 63  ? 1.858   14.375  -9.588  1.00 36.67 ? 156 TYR A CD1 1 
ATOM   470  C CD2 . TYR A 1 63  ? 2.975   12.257  -9.389  1.00 32.86 ? 156 TYR A CD2 1 
ATOM   471  C CE1 . TYR A 1 63  ? 2.248   14.488  -10.890 1.00 36.56 ? 156 TYR A CE1 1 
ATOM   472  C CE2 . TYR A 1 63  ? 3.372   12.341  -10.720 1.00 35.55 ? 156 TYR A CE2 1 
ATOM   473  C CZ  . TYR A 1 63  ? 2.960   13.442  -11.462 1.00 38.95 ? 156 TYR A CZ  1 
ATOM   474  O OH  . TYR A 1 63  ? 3.339   13.565  -12.747 1.00 44.34 ? 156 TYR A OH  1 
ATOM   475  N N   . ILE A 1 64  ? 3.023   14.084  -4.387  1.00 30.16 ? 157 ILE A N   1 
ATOM   476  C CA  . ILE A 1 64  ? 2.755   14.007  -2.959  1.00 30.82 ? 157 ILE A CA  1 
ATOM   477  C C   . ILE A 1 64  ? 2.154   15.247  -2.376  1.00 36.23 ? 157 ILE A C   1 
ATOM   478  O O   . ILE A 1 64  ? 2.664   16.381  -2.603  1.00 33.15 ? 157 ILE A O   1 
ATOM   479  C CB  . ILE A 1 64  ? 4.036   13.730  -2.111  1.00 31.53 ? 157 ILE A CB  1 
ATOM   480  C CG1 . ILE A 1 64  ? 4.528   12.308  -2.325  1.00 39.85 ? 157 ILE A CG1 1 
ATOM   481  C CG2 . ILE A 1 64  ? 3.777   13.854  -0.596  1.00 35.29 ? 157 ILE A CG2 1 
ATOM   482  C CD1 . ILE A 1 64  ? 6.020   12.083  -2.036  1.00 40.26 ? 157 ILE A CD1 1 
ATOM   483  N N   A CYS A 1 65  ? 1.057   15.064  -1.651  0.25 30.26 ? 158 CYS A N   1 
ATOM   484  N N   B CYS A 1 65  ? 1.104   15.057  -1.583  0.25 34.76 ? 158 CYS A N   1 
ATOM   485  C CA  A CYS A 1 65  ? 0.447   16.126  -0.896  0.25 30.56 ? 158 CYS A CA  1 
ATOM   486  C CA  B CYS A 1 65  ? 0.404   16.136  -0.927  0.25 38.16 ? 158 CYS A CA  1 
ATOM   487  C C   A CYS A 1 65  ? 0.727   15.820  0.551   0.25 32.27 ? 158 CYS A C   1 
ATOM   488  C C   B CYS A 1 65  ? 0.541   15.909  0.574   0.25 37.10 ? 158 CYS A C   1 
ATOM   489  O O   A CYS A 1 65  ? 0.511   14.695  1.022   0.25 30.22 ? 158 CYS A O   1 
ATOM   490  O O   B CYS A 1 65  ? -0.022  14.948  1.113   0.25 36.21 ? 158 CYS A O   1 
ATOM   491  C CB  A CYS A 1 65  ? -1.043  16.206  -1.153  0.25 28.50 ? 158 CYS A CB  1 
ATOM   492  C CB  B CYS A 1 65  ? -1.055  16.139  -1.369  0.25 40.97 ? 158 CYS A CB  1 
ATOM   493  S SG  A CYS A 1 65  ? -1.465  16.632  -2.849  0.25 24.78 ? 158 CYS A SG  1 
ATOM   494  S SG  B CYS A 1 65  ? -2.100  17.380  -0.575  0.25 49.24 ? 158 CYS A SG  1 
ATOM   495  N N   . LYS A 1 66  ? 1.260   16.814  1.243   1.00 34.84 ? 159 LYS A N   1 
ATOM   496  C CA  . LYS A 1 66  ? 1.696   16.652  2.639   1.00 37.32 ? 159 LYS A CA  1 
ATOM   497  C C   . LYS A 1 66  ? 0.691   16.174  3.631   1.00 36.47 ? 159 LYS A C   1 
ATOM   498  O O   . LYS A 1 66  ? 1.034   15.420  4.579   1.00 37.79 ? 159 LYS A O   1 
ATOM   499  C CB  . LYS A 1 66  ? 2.270   18.000  3.148   1.00 41.63 ? 159 LYS A CB  1 
ATOM   500  C CG  . LYS A 1 66  ? 1.223   19.102  3.302   1.00 49.41 ? 159 LYS A CG  1 
ATOM   501  N N   . ASP A 1 67  ? -0.545  16.588  3.456   1.00 36.05 ? 160 ASP A N   1 
ATOM   502  C CA  . ASP A 1 67  ? -1.576  16.212  4.437   1.00 41.31 ? 160 ASP A CA  1 
ATOM   503  C C   . ASP A 1 67  ? -2.406  15.034  3.992   1.00 37.07 ? 160 ASP A C   1 
ATOM   504  O O   . ASP A 1 67  ? -3.353  14.667  4.687   1.00 36.09 ? 160 ASP A O   1 
ATOM   505  C CB  . ASP A 1 67  ? -2.487  17.408  4.691   1.00 51.12 ? 160 ASP A CB  1 
ATOM   506  C CG  . ASP A 1 67  ? -1.728  18.551  5.328   1.00 61.72 ? 160 ASP A CG  1 
ATOM   507  O OD1 . ASP A 1 67  ? -1.030  18.285  6.344   1.00 61.17 ? 160 ASP A OD1 1 
ATOM   508  O OD2 . ASP A 1 67  ? -1.774  19.664  4.767   1.00 65.32 ? 160 ASP A OD2 1 
ATOM   509  N N   . ASP A 1 68  ? -2.076  14.436  2.849   1.00 33.07 ? 161 ASP A N   1 
ATOM   510  C CA  . ASP A 1 68  ? -2.949  13.380  2.302   1.00 30.81 ? 161 ASP A CA  1 
ATOM   511  C C   . ASP A 1 68  ? -2.272  12.058  2.443   1.00 26.46 ? 161 ASP A C   1 
ATOM   512  O O   . ASP A 1 68  ? -1.498  11.646  1.542   1.00 23.69 ? 161 ASP A O   1 
ATOM   513  C CB  . ASP A 1 68  ? -3.266  13.566  0.807   1.00 29.76 ? 161 ASP A CB  1 
ATOM   514  C CG  . ASP A 1 68  ? -4.147  14.780  0.509   1.00 36.76 ? 161 ASP A CG  1 
ATOM   515  O OD1 . ASP A 1 68  ? -4.634  15.434  1.416   1.00 35.88 ? 161 ASP A OD1 1 
ATOM   516  O OD2 . ASP A 1 68  ? -4.369  15.036  -0.682  1.00 32.58 ? 161 ASP A OD2 1 
ATOM   517  N N   . TYR A 1 69  ? -2.532  11.390  3.560   1.00 28.00 ? 162 TYR A N   1 
ATOM   518  C CA  . TYR A 1 69  ? -1.910  10.087  3.828   1.00 26.74 ? 162 TYR A CA  1 
ATOM   519  C C   . TYR A 1 69  ? -2.801  9.326   4.811   1.00 29.56 ? 162 TYR A C   1 
ATOM   520  O O   . TYR A 1 69  ? -3.722  9.893   5.411   1.00 30.49 ? 162 TYR A O   1 
ATOM   521  C CB  . TYR A 1 69  ? -0.472  10.247  4.359   1.00 28.21 ? 162 TYR A CB  1 
ATOM   522  C CG  . TYR A 1 69  ? -0.397  11.054  5.659   1.00 31.43 ? 162 TYR A CG  1 
ATOM   523  C CD1 . TYR A 1 69  ? -0.735  10.478  6.903   1.00 34.97 ? 162 TYR A CD1 1 
ATOM   524  C CD2 . TYR A 1 69  ? -0.036  12.421  5.632   1.00 37.64 ? 162 TYR A CD2 1 
ATOM   525  C CE1 . TYR A 1 69  ? -0.668  11.181  8.071   1.00 37.89 ? 162 TYR A CE1 1 
ATOM   526  C CE2 . TYR A 1 69  ? 0.010   13.164  6.818   1.00 37.63 ? 162 TYR A CE2 1 
ATOM   527  C CZ  . TYR A 1 69  ? -0.288  12.535  8.020   1.00 44.67 ? 162 TYR A CZ  1 
ATOM   528  O OH  . TYR A 1 69  ? -0.249  13.252  9.166   1.00 51.42 ? 162 TYR A OH  1 
ATOM   529  N N   . ILE A 1 70  ? -2.564  8.041   4.918   1.00 30.78 ? 163 ILE A N   1 
ATOM   530  C CA  . ILE A 1 70  ? -3.106  7.176   5.962   1.00 33.77 ? 163 ILE A CA  1 
ATOM   531  C C   . ILE A 1 70  ? -1.951  6.598   6.730   1.00 29.82 ? 163 ILE A C   1 
ATOM   532  O O   . ILE A 1 70  ? -0.937  6.124   6.181   1.00 24.72 ? 163 ILE A O   1 
ATOM   533  C CB  . ILE A 1 70  ? -3.976  6.072   5.339   1.00 41.54 ? 163 ILE A CB  1 
ATOM   534  C CG1 . ILE A 1 70  ? -5.276  6.709   4.893   1.00 45.17 ? 163 ILE A CG1 1 
ATOM   535  C CG2 . ILE A 1 70  ? -4.347  5.001   6.360   1.00 45.91 ? 163 ILE A CG2 1 
ATOM   536  C CD1 . ILE A 1 70  ? -6.010  5.847   3.905   1.00 51.41 ? 163 ILE A CD1 1 
ATOM   537  N N   . GLU A 1 71  ? -2.082  6.674   8.042   1.00 28.63 ? 164 GLU A N   1 
ATOM   538  C CA  . GLU A 1 71  ? -1.031  6.280   8.945   1.00 30.25 ? 164 GLU A CA  1 
ATOM   539  C C   . GLU A 1 71  ? -1.579  5.275   9.959   1.00 29.49 ? 164 GLU A C   1 
ATOM   540  O O   . GLU A 1 71  ? -2.671  5.484   10.483  1.00 34.51 ? 164 GLU A O   1 
ATOM   541  C CB  . GLU A 1 71  ? -0.549  7.528   9.628   1.00 36.80 ? 164 GLU A CB  1 
ATOM   542  C CG  . GLU A 1 71  ? 0.563   7.348   10.614  1.00 46.82 ? 164 GLU A CG  1 
ATOM   543  C CD  . GLU A 1 71  ? 1.091   8.721   11.023  1.00 51.63 ? 164 GLU A CD  1 
ATOM   544  O OE1 . GLU A 1 71  ? 0.438   9.372   11.871  1.00 55.64 ? 164 GLU A OE1 1 
ATOM   545  O OE2 . GLU A 1 71  ? 2.124   9.143   10.463  1.00 48.05 ? 164 GLU A OE2 1 
ATOM   546  N N   . LEU A 1 72  ? -0.865  4.177   10.176  1.00 27.57 ? 165 LEU A N   1 
ATOM   547  C CA  . LEU A 1 72  ? -1.255  3.208   11.129  1.00 31.26 ? 165 LEU A CA  1 
ATOM   548  C C   . LEU A 1 72  ? -0.078  2.744   11.945  1.00 31.68 ? 165 LEU A C   1 
ATOM   549  O O   . LEU A 1 72  ? 1.054   2.594   11.456  1.00 32.10 ? 165 LEU A O   1 
ATOM   550  C CB  . LEU A 1 72  ? -1.817  1.966   10.454  1.00 31.87 ? 165 LEU A CB  1 
ATOM   551  C CG  . LEU A 1 72  ? -3.084  2.107   9.664   1.00 35.38 ? 165 LEU A CG  1 
ATOM   552  C CD1 . LEU A 1 72  ? -3.269  0.834   8.850   1.00 33.58 ? 165 LEU A CD1 1 
ATOM   553  C CD2 . LEU A 1 72  ? -4.286  2.382   10.591  1.00 38.12 ? 165 LEU A CD2 1 
ATOM   554  N N   . ARG A 1 73  ? -0.386  2.368   13.166  1.00 33.75 ? 166 ARG A N   1 
ATOM   555  C CA  . ARG A 1 73  ? 0.626   1.903   14.087  1.00 38.51 ? 166 ARG A CA  1 
ATOM   556  C C   . ARG A 1 73  ? 0.248   0.461   14.318  1.00 39.20 ? 166 ARG A C   1 
ATOM   557  O O   . ARG A 1 73  ? -0.806  0.136   14.848  1.00 41.64 ? 166 ARG A O   1 
ATOM   558  C CB  . ARG A 1 73  ? 0.684   2.740   15.393  1.00 41.03 ? 166 ARG A CB  1 
ATOM   559  C CG  . ARG A 1 73  ? 1.932   2.377   16.202  1.00 47.17 ? 166 ARG A CG  1 
ATOM   560  C CD  . ARG A 1 73  ? 1.971   2.852   17.665  1.00 54.62 ? 166 ARG A CD  1 
ATOM   561  N NE  . ARG A 1 73  ? 0.770   2.453   18.436  1.00 54.12 ? 166 ARG A NE  1 
ATOM   562  C CZ  . ARG A 1 73  ? -0.014  3.280   19.152  1.00 58.92 ? 166 ARG A CZ  1 
ATOM   563  N NH1 . ARG A 1 73  ? 0.235   4.586   19.271  1.00 55.88 ? 166 ARG A NH1 1 
ATOM   564  N NH2 . ARG A 1 73  ? -1.078  2.794   19.785  1.00 60.56 ? 166 ARG A NH2 1 
ATOM   565  N N   . ILE A 1 74  ? 1.116   -0.406  13.894  1.00 32.27 ? 167 ILE A N   1 
ATOM   566  C CA  . ILE A 1 74  ? 0.876   -1.814  13.975  1.00 40.10 ? 167 ILE A CA  1 
ATOM   567  C C   . ILE A 1 74  ? 2.023   -2.354  14.797  1.00 43.13 ? 167 ILE A C   1 
ATOM   568  O O   . ILE A 1 74  ? 3.190   -2.154  14.407  1.00 37.04 ? 167 ILE A O   1 
ATOM   569  C CB  . ILE A 1 74  ? 0.892   -2.380  12.558  1.00 45.14 ? 167 ILE A CB  1 
ATOM   570  C CG1 . ILE A 1 74  ? -0.414  -1.891  11.869  1.00 46.45 ? 167 ILE A CG1 1 
ATOM   571  C CG2 . ILE A 1 74  ? 1.070   -3.922  12.568  1.00 46.00 ? 167 ILE A CG2 1 
ATOM   572  C CD1 . ILE A 1 74  ? -0.528  -2.220  10.403  1.00 43.62 ? 167 ILE A CD1 1 
ATOM   573  N N   . ASN A 1 75  ? 1.716   -2.963  15.950  1.00 39.62 ? 168 ASN A N   1 
ATOM   574  C CA  . ASN A 1 75  ? 2.755   -3.576  16.819  1.00 40.20 ? 168 ASN A CA  1 
ATOM   575  C C   . ASN A 1 75  ? 3.907   -2.689  17.035  1.00 41.35 ? 168 ASN A C   1 
ATOM   576  O O   . ASN A 1 75  ? 5.078   -3.048  16.827  1.00 45.69 ? 168 ASN A O   1 
ATOM   577  C CB  . ASN A 1 75  ? 3.253   -4.882  16.208  1.00 42.51 ? 168 ASN A CB  1 
ATOM   578  C CG  . ASN A 1 75  ? 2.193   -5.921  16.213  1.00 44.70 ? 168 ASN A CG  1 
ATOM   579  O OD1 . ASN A 1 75  ? 1.417   -6.026  17.188  1.00 44.59 ? 168 ASN A OD1 1 
ATOM   580  N ND2 . ASN A 1 75  ? 2.083   -6.645  15.122  1.00 45.33 ? 168 ASN A ND2 1 
ATOM   581  N N   . ASP A 1 76  ? 3.533   -1.492  17.374  1.00 36.62 ? 169 ASP A N   1 
ATOM   582  C CA  . ASP A 1 76  ? 4.399   -0.451  17.758  1.00 53.67 ? 169 ASP A CA  1 
ATOM   583  C C   . ASP A 1 76  ? 5.423   -0.054  16.659  1.00 54.64 ? 169 ASP A C   1 
ATOM   584  O O   . ASP A 1 76  ? 6.537   0.370   16.968  1.00 56.45 ? 169 ASP A O   1 
ATOM   585  C CB  . ASP A 1 76  ? 4.993   -0.801  19.136  1.00 58.45 ? 169 ASP A CB  1 
ATOM   586  C CG  . ASP A 1 76  ? 4.815   0.336   20.131  1.00 65.77 ? 169 ASP A CG  1 
ATOM   587  O OD1 . ASP A 1 76  ? 3.674   0.577   20.785  1.00 53.02 ? 169 ASP A OD1 1 
ATOM   588  O OD2 . ASP A 1 76  ? 5.867   1.014   20.180  1.00 59.60 ? 169 ASP A OD2 1 
ATOM   589  N N   . GLN A 1 77  ? 5.009   -0.190  15.391  1.00 54.06 ? 170 GLN A N   1 
ATOM   590  C CA  . GLN A 1 77  ? 5.708   0.367   14.217  1.00 51.19 ? 170 GLN A CA  1 
ATOM   591  C C   . GLN A 1 77  ? 4.724   1.236   13.416  1.00 48.10 ? 170 GLN A C   1 
ATOM   592  O O   . GLN A 1 77  ? 3.570   0.846   13.162  1.00 38.97 ? 170 GLN A O   1 
ATOM   593  C CB  . GLN A 1 77  ? 6.259   -0.744  13.347  1.00 60.72 ? 170 GLN A CB  1 
ATOM   594  C CG  . GLN A 1 77  ? 6.974   -0.260  12.065  1.00 72.50 ? 170 GLN A CG  1 
ATOM   595  C CD  . GLN A 1 77  ? 8.329   -0.910  11.815  1.00 78.93 ? 170 GLN A CD  1 
ATOM   596  O OE1 . GLN A 1 77  ? 8.990   -1.408  12.732  1.00 90.07 ? 170 GLN A OE1 1 
ATOM   597  N NE2 . GLN A 1 77  ? 8.771   -0.865  10.569  1.00 92.63 ? 170 GLN A NE2 1 
ATOM   598  N N   . LEU A 1 78  ? 5.188   2.411   13.011  1.00 34.88 ? 171 LEU A N   1 
ATOM   599  C CA  . LEU A 1 78  ? 4.342   3.370   12.378  1.00 39.66 ? 171 LEU A CA  1 
ATOM   600  C C   . LEU A 1 78  ? 4.479   3.205   10.862  1.00 33.97 ? 171 LEU A C   1 
ATOM   601  O O   . LEU A 1 78  ? 5.585   3.094   10.405  1.00 35.75 ? 171 LEU A O   1 
ATOM   602  C CB  . LEU A 1 78  ? 4.767   4.751   12.774  1.00 46.62 ? 171 LEU A CB  1 
ATOM   603  C CG  . LEU A 1 78  ? 3.749   5.803   12.391  1.00 54.21 ? 171 LEU A CG  1 
ATOM   604  C CD1 . LEU A 1 78  ? 2.805   6.021   13.573  1.00 64.43 ? 171 LEU A CD1 1 
ATOM   605  C CD2 . LEU A 1 78  ? 4.490   7.069   11.964  1.00 58.49 ? 171 LEU A CD2 1 
ATOM   606  N N   . ALA A 1 79  ? 3.364   3.154   10.114  1.00 30.66 ? 172 ALA A N   1 
ATOM   607  C CA  . ALA A 1 79  ? 3.409   3.033   8.607   1.00 31.01 ? 172 ALA A CA  1 
ATOM   608  C C   . ALA A 1 79  ? 2.531   4.132   8.022   1.00 31.11 ? 172 ALA A C   1 
ATOM   609  O O   . ALA A 1 79  ? 1.333   4.253   8.348   1.00 32.26 ? 172 ALA A O   1 
ATOM   610  C CB  . ALA A 1 79  ? 3.025   1.602   8.122   1.00 31.19 ? 172 ALA A CB  1 
ATOM   611  N N   . ARG A 1 80  ? 3.141   5.008   7.224   1.00 28.14 ? 173 ARG A N   1 
ATOM   612  C CA  . ARG A 1 80  ? 2.418   6.097   6.629   1.00 26.91 ? 173 ARG A CA  1 
ATOM   613  C C   . ARG A 1 80  ? 2.457   5.993   5.099   1.00 24.11 ? 173 ARG A C   1 
ATOM   614  O O   . ARG A 1 80  ? 3.556   5.879   4.505   1.00 27.51 ? 173 ARG A O   1 
ATOM   615  C CB  . ARG A 1 80  ? 2.993   7.443   7.075   1.00 31.41 ? 173 ARG A CB  1 
ATOM   616  C CG  . ARG A 1 80  ? 2.250   8.590   6.342   1.00 31.29 ? 173 ARG A CG  1 
ATOM   617  C CD  . ARG A 1 80  ? 3.032   9.875   6.483   1.00 31.99 ? 173 ARG A CD  1 
ATOM   618  N NE  . ARG A 1 80  ? 3.019   10.247  7.891   1.00 35.93 ? 173 ARG A NE  1 
ATOM   619  C CZ  . ARG A 1 80  ? 3.590   11.357  8.381   1.00 43.88 ? 173 ARG A CZ  1 
ATOM   620  N NH1 . ARG A 1 80  ? 4.230   12.215  7.581   1.00 40.59 ? 173 ARG A NH1 1 
ATOM   621  N NH2 . ARG A 1 80  ? 3.529   11.588  9.677   1.00 41.50 ? 173 ARG A NH2 1 
ATOM   622  N N   . LEU A 1 81  ? 1.266   5.979   4.476   1.00 23.79 ? 174 LEU A N   1 
ATOM   623  C CA  . LEU A 1 81  ? 1.142   5.857   3.015   1.00 22.56 ? 174 LEU A CA  1 
ATOM   624  C C   . LEU A 1 81  ? 0.497   7.102   2.549   1.00 22.53 ? 174 LEU A C   1 
ATOM   625  O O   . LEU A 1 81  ? -0.646  7.368   2.886   1.00 23.67 ? 174 LEU A O   1 
ATOM   626  C CB  . LEU A 1 81  ? 0.309   4.661   2.566   1.00 23.71 ? 174 LEU A CB  1 
ATOM   627  C CG  . LEU A 1 81  ? 0.797   3.279   3.019   1.00 24.87 ? 174 LEU A CG  1 
ATOM   628  C CD1 . LEU A 1 81  ? -0.200  2.186   2.661   1.00 26.39 ? 174 LEU A CD1 1 
ATOM   629  C CD2 . LEU A 1 81  ? 2.227   2.945   2.515   1.00 27.16 ? 174 LEU A CD2 1 
ATOM   630  N N   . TYR A 1 82  ? 1.218   7.858   1.727   1.00 22.74 ? 175 TYR A N   1 
ATOM   631  C CA  . TYR A 1 82  ? 0.690   8.989   1.048   1.00 21.67 ? 175 TYR A CA  1 
ATOM   632  C C   . TYR A 1 82  ? -0.235  8.585   -0.046  1.00 24.91 ? 175 TYR A C   1 
ATOM   633  O O   . TYR A 1 82  ? 0.073   7.653   -0.807  1.00 24.46 ? 175 TYR A O   1 
ATOM   634  C CB  . TYR A 1 82  ? 1.825   9.824   0.415   1.00 23.91 ? 175 TYR A CB  1 
ATOM   635  C CG  . TYR A 1 82  ? 2.617   10.488  1.502   1.00 24.02 ? 175 TYR A CG  1 
ATOM   636  C CD1 . TYR A 1 82  ? 2.189   11.710  2.044   1.00 29.14 ? 175 TYR A CD1 1 
ATOM   637  C CD2 . TYR A 1 82  ? 3.683   9.868   2.081   1.00 27.11 ? 175 TYR A CD2 1 
ATOM   638  C CE1 . TYR A 1 82  ? 2.880   12.337  3.079   1.00 32.71 ? 175 TYR A CE1 1 
ATOM   639  C CE2 . TYR A 1 82  ? 4.309   10.430  3.179   1.00 29.39 ? 175 TYR A CE2 1 
ATOM   640  C CZ  . TYR A 1 82  ? 3.946   11.692  3.621   1.00 32.39 ? 175 TYR A CZ  1 
ATOM   641  O OH  . TYR A 1 82  ? 4.609   12.223  4.677   1.00 37.47 ? 175 TYR A OH  1 
ATOM   642  N N   . ILE A 1 83  ? -1.361  9.298   -0.153  1.00 21.67 ? 176 ILE A N   1 
ATOM   643  C CA  . ILE A 1 83  ? -2.390  8.982   -1.112  1.00 24.07 ? 176 ILE A CA  1 
ATOM   644  C C   . ILE A 1 83  ? -2.119  9.745   -2.400  1.00 21.85 ? 176 ILE A C   1 
ATOM   645  O O   . ILE A 1 83  ? -2.104  10.966  -2.416  1.00 25.05 ? 176 ILE A O   1 
ATOM   646  C CB  . ILE A 1 83  ? -3.774  9.222   -0.511  1.00 26.91 ? 176 ILE A CB  1 
ATOM   647  C CG1 . ILE A 1 83  ? -3.954  8.278   0.695   1.00 29.59 ? 176 ILE A CG1 1 
ATOM   648  C CG2 . ILE A 1 83  ? -4.843  8.911   -1.502  1.00 25.64 ? 176 ILE A CG2 1 
ATOM   649  C CD1 . ILE A 1 83  ? -5.093  8.658   1.578   1.00 40.36 ? 176 ILE A CD1 1 
ATOM   650  N N   . ILE A 1 84  ? -1.962  9.003   -3.512  1.00 24.37 ? 177 ILE A N   1 
ATOM   651  C CA  . ILE A 1 84  ? -1.636  9.555   -4.810  1.00 24.74 ? 177 ILE A CA  1 
ATOM   652  C C   . ILE A 1 84  ? -2.653  9.146   -5.880  1.00 23.46 ? 177 ILE A C   1 
ATOM   653  O O   . ILE A 1 84  ? -2.434  8.188   -6.514  1.00 21.97 ? 177 ILE A O   1 
ATOM   654  C CB  . ILE A 1 84  ? -0.254  9.053   -5.270  1.00 26.58 ? 177 ILE A CB  1 
ATOM   655  C CG1 . ILE A 1 84  ? 0.798   9.156   -4.147  1.00 27.61 ? 177 ILE A CG1 1 
ATOM   656  C CG2 . ILE A 1 84  ? 0.194   9.799   -6.508  1.00 27.79 ? 177 ILE A CG2 1 
ATOM   657  C CD1 . ILE A 1 84  ? 1.200   10.530  -3.801  1.00 28.57 ? 177 ILE A CD1 1 
ATOM   658  N N   . PRO A 1 85  ? -3.714  9.927   -6.105  1.00 23.64 ? 178 PRO A N   1 
ATOM   659  C CA  . PRO A 1 85  ? -4.753  9.589   -7.086  1.00 23.41 ? 178 PRO A CA  1 
ATOM   660  C C   . PRO A 1 85  ? -4.406  10.009  -8.416  1.00 22.66 ? 178 PRO A C   1 
ATOM   661  O O   . PRO A 1 85  ? -3.485  10.817  -8.642  1.00 24.98 ? 178 PRO A O   1 
ATOM   662  C CB  . PRO A 1 85  ? -5.969  10.396  -6.645  1.00 28.48 ? 178 PRO A CB  1 
ATOM   663  C CG  . PRO A 1 85  ? -5.614  10.970  -5.366  1.00 26.24 ? 178 PRO A CG  1 
ATOM   664  C CD  . PRO A 1 85  ? -4.133  11.013  -5.201  1.00 26.57 ? 178 PRO A CD  1 
ATOM   665  N N   . GLY A 1 86  ? -5.180  9.510   -9.339  1.00 24.48 ? 179 GLY A N   1 
ATOM   666  C CA  . GLY A 1 86  ? -5.141  9.981   -10.686 1.00 26.12 ? 179 GLY A CA  1 
ATOM   667  C C   . GLY A 1 86  ? -4.027  9.482   -11.546 1.00 28.55 ? 179 GLY A C   1 
ATOM   668  O O   . GLY A 1 86  ? -3.655  10.155  -12.489 1.00 29.71 ? 179 GLY A O   1 
ATOM   669  N N   . ILE A 1 87  ? -3.406  8.370   -11.196 1.00 26.21 ? 180 ILE A N   1 
ATOM   670  C CA  . ILE A 1 87  ? -2.294  7.891   -12.006 1.00 27.11 ? 180 ILE A CA  1 
ATOM   671  C C   . ILE A 1 87  ? -2.821  6.955   -13.127 1.00 29.09 ? 180 ILE A C   1 
ATOM   672  O O   . ILE A 1 87  ? -3.440  5.953   -12.853 1.00 26.99 ? 180 ILE A O   1 
ATOM   673  C CB  . ILE A 1 87  ? -1.251  7.200   -11.123 1.00 24.94 ? 180 ILE A CB  1 
ATOM   674  C CG1 . ILE A 1 87  ? -0.733  8.169   -10.019 1.00 24.62 ? 180 ILE A CG1 1 
ATOM   675  C CG2 . ILE A 1 87  ? -0.140  6.622   -11.973 1.00 27.89 ? 180 ILE A CG2 1 
ATOM   676  C CD1 . ILE A 1 87  ? -0.329  9.565   -10.497 1.00 27.54 ? 180 ILE A CD1 1 
ATOM   677  N N   . PRO A 1 88  ? -2.560  7.281   -14.411 1.00 31.74 ? 181 PRO A N   1 
ATOM   678  C CA  . PRO A 1 88  ? -3.188  6.433   -15.459 1.00 31.63 ? 181 PRO A CA  1 
ATOM   679  C C   . PRO A 1 88  ? -2.839  4.965   -15.353 1.00 30.51 ? 181 PRO A C   1 
ATOM   680  O O   . PRO A 1 88  ? -1.658  4.572   -15.036 1.00 27.63 ? 181 PRO A O   1 
ATOM   681  C CB  . PRO A 1 88  ? -2.676  7.062   -16.800 1.00 37.39 ? 181 PRO A CB  1 
ATOM   682  C CG  . PRO A 1 88  ? -2.359  8.469   -16.412 1.00 39.32 ? 181 PRO A CG  1 
ATOM   683  C CD  . PRO A 1 88  ? -1.753  8.359   -15.006 1.00 35.36 ? 181 PRO A CD  1 
ATOM   684  N N   . LYS A 1 89  ? -3.863  4.149   -15.584 1.00 35.13 ? 182 LYS A N   1 
ATOM   685  C CA  . LYS A 1 89  ? -3.746  2.723   -15.525 1.00 35.94 ? 182 LYS A CA  1 
ATOM   686  C C   . LYS A 1 89  ? -2.834  2.188   -16.584 1.00 35.35 ? 182 LYS A C   1 
ATOM   687  O O   . LYS A 1 89  ? -2.419  1.063   -16.451 1.00 39.76 ? 182 LYS A O   1 
ATOM   688  C CB  . LYS A 1 89  ? -5.101  2.002   -15.617 1.00 44.39 ? 182 LYS A CB  1 
ATOM   689  C CG  . LYS A 1 89  ? -5.710  1.558   -14.297 1.00 50.20 ? 182 LYS A CG  1 
ATOM   690  C CD  . LYS A 1 89  ? -6.843  0.546   -14.494 1.00 53.87 ? 182 LYS A CD  1 
ATOM   691  C CE  . LYS A 1 89  ? -7.972  1.088   -15.357 1.00 54.24 ? 182 LYS A CE  1 
ATOM   692  N NZ  . LYS A 1 89  ? -8.622  2.376   -14.865 1.00 46.79 ? 182 LYS A NZ  1 
ATOM   693  N N   . ASP A 1 90  ? -2.504  2.949   -17.623 1.00 33.69 ? 183 ASP A N   1 
ATOM   694  C CA  . ASP A 1 90  ? -1.527  2.460   -18.603 1.00 38.01 ? 183 ASP A CA  1 
ATOM   695  C C   . ASP A 1 90  ? -0.070  2.858   -18.288 1.00 36.03 ? 183 ASP A C   1 
ATOM   696  O O   . ASP A 1 90  ? 0.825   2.561   -19.042 1.00 33.88 ? 183 ASP A O   1 
ATOM   697  C CB  . ASP A 1 90  ? -1.957  2.860   -20.013 1.00 41.22 ? 183 ASP A CB  1 
ATOM   698  C CG  . ASP A 1 90  ? -1.958  4.371   -20.225 1.00 50.57 ? 183 ASP A CG  1 
ATOM   699  O OD1 . ASP A 1 90  ? -1.727  5.173   -19.279 1.00 49.78 ? 183 ASP A OD1 1 
ATOM   700  O OD2 . ASP A 1 90  ? -2.201  4.764   -21.365 1.00 57.99 ? 183 ASP A OD2 1 
ATOM   701  N N   . THR A 1 91  ? 0.181   3.454   -17.126 1.00 35.75 ? 184 THR A N   1 
ATOM   702  C CA  . THR A 1 91  ? 1.550   3.658   -16.668 1.00 30.88 ? 184 THR A CA  1 
ATOM   703  C C   . THR A 1 91  ? 2.399   2.371   -16.606 1.00 37.22 ? 184 THR A C   1 
ATOM   704  O O   . THR A 1 91  ? 1.996   1.344   -16.076 1.00 38.75 ? 184 THR A O   1 
ATOM   705  C CB  . THR A 1 91  ? 1.553   4.311   -15.291 1.00 29.47 ? 184 THR A CB  1 
ATOM   706  O OG1 . THR A 1 91  ? 0.682   5.505   -15.307 1.00 29.82 ? 184 THR A OG1 1 
ATOM   707  C CG2 . THR A 1 91  ? 2.967   4.672   -14.868 1.00 28.63 ? 184 THR A CG2 1 
ATOM   708  N N   . LYS A 1 92  ? 3.603   2.450   -17.120 1.00 39.30 ? 185 LYS A N   1 
ATOM   709  C CA  . LYS A 1 92  ? 4.555   1.332   -17.109 1.00 40.11 ? 185 LYS A CA  1 
ATOM   710  C C   . LYS A 1 92  ? 5.324   1.373   -15.818 1.00 36.16 ? 185 LYS A C   1 
ATOM   711  O O   . LYS A 1 92  ? 6.024   2.331   -15.554 1.00 39.24 ? 185 LYS A O   1 
ATOM   712  C CB  . LYS A 1 92  ? 5.555   1.477   -18.307 1.00 44.33 ? 185 LYS A CB  1 
ATOM   713  C CG  . LYS A 1 92  ? 4.935   1.321   -19.700 1.00 44.05 ? 185 LYS A CG  1 
ATOM   714  C CD  . LYS A 1 92  ? 3.810   0.268   -19.775 1.00 50.92 ? 185 LYS A CD  1 
ATOM   715  N N   . PHE A 1 93  ? 5.132   0.362   -14.991 1.00 35.71 ? 186 PHE A N   1 
ATOM   716  C CA  . PHE A 1 93  ? 5.744   0.244   -13.710 1.00 32.83 ? 186 PHE A CA  1 
ATOM   717  C C   . PHE A 1 93  ? 6.754   -0.866  -13.866 1.00 39.81 ? 186 PHE A C   1 
ATOM   718  O O   . PHE A 1 93  ? 6.439   -1.894  -14.440 1.00 39.55 ? 186 PHE A O   1 
ATOM   719  C CB  . PHE A 1 93  ? 4.737   -0.172  -12.643 1.00 31.88 ? 186 PHE A CB  1 
ATOM   720  C CG  . PHE A 1 93  ? 3.641   0.849   -12.401 1.00 29.80 ? 186 PHE A CG  1 
ATOM   721  C CD1 . PHE A 1 93  ? 3.940   2.023   -11.716 1.00 29.08 ? 186 PHE A CD1 1 
ATOM   722  C CD2 . PHE A 1 93  ? 2.367   0.672   -12.901 1.00 28.60 ? 186 PHE A CD2 1 
ATOM   723  C CE1 . PHE A 1 93  ? 2.977   2.982   -11.480 1.00 28.00 ? 186 PHE A CE1 1 
ATOM   724  C CE2 . PHE A 1 93  ? 1.387   1.625   -12.688 1.00 27.42 ? 186 PHE A CE2 1 
ATOM   725  C CZ  . PHE A 1 93  ? 1.677   2.778   -11.964 1.00 27.54 ? 186 PHE A CZ  1 
ATOM   726  N N   . ASN A 1 94  ? 7.932   -0.670  -13.296 1.00 39.84 ? 187 ASN A N   1 
ATOM   727  C CA  . ASN A 1 94  ? 9.012   -1.653  -13.298 1.00 44.63 ? 187 ASN A CA  1 
ATOM   728  C C   . ASN A 1 94  ? 9.887   -1.470  -12.072 1.00 38.69 ? 187 ASN A C   1 
ATOM   729  O O   . ASN A 1 94  ? 10.470  -0.410  -11.919 1.00 41.17 ? 187 ASN A O   1 
ATOM   730  C CB  . ASN A 1 94  ? 9.868   -1.377  -14.527 1.00 52.02 ? 187 ASN A CB  1 
ATOM   731  C CG  . ASN A 1 94  ? 9.235   -1.920  -15.789 1.00 61.79 ? 187 ASN A CG  1 
ATOM   732  O OD1 . ASN A 1 94  ? 8.752   -1.165  -16.650 1.00 61.02 ? 187 ASN A OD1 1 
ATOM   733  N ND2 . ASN A 1 94  ? 9.204   -3.248  -15.893 1.00 66.97 ? 187 ASN A ND2 1 
ATOM   734  N N   . PRO A 1 95  ? 10.027  -2.503  -11.223 1.00 39.48 ? 188 PRO A N   1 
ATOM   735  C CA  . PRO A 1 95  ? 10.869  -2.338  -10.066 1.00 38.26 ? 188 PRO A CA  1 
ATOM   736  C C   . PRO A 1 95  ? 12.315  -2.225  -10.494 1.00 42.77 ? 188 PRO A C   1 
ATOM   737  O O   . PRO A 1 95  ? 12.698  -2.641  -11.603 1.00 43.42 ? 188 PRO A O   1 
ATOM   738  C CB  . PRO A 1 95  ? 10.656  -3.631  -9.289  1.00 38.11 ? 188 PRO A CB  1 
ATOM   739  C CG  . PRO A 1 95  ? 10.421  -4.607  -10.351 1.00 42.59 ? 188 PRO A CG  1 
ATOM   740  C CD  . PRO A 1 95  ? 9.558   -3.901  -11.334 1.00 40.58 ? 188 PRO A CD  1 
ATOM   741  N N   . LYS A 1 96  ? 13.137  -1.728  -9.581  0.50 42.96 ? 189 LYS A N   1 
ATOM   742  C CA  . LYS A 1 96  ? 14.567  -1.617  -9.819  0.50 44.56 ? 189 LYS A CA  1 
ATOM   743  C C   . LYS A 1 96  ? 15.229  -2.996  -10.031 0.50 41.46 ? 189 LYS A C   1 
ATOM   744  O O   . LYS A 1 96  ? 16.086  -3.137  -10.905 0.50 41.43 ? 189 LYS A O   1 
ATOM   745  C CB  . LYS A 1 96  ? 15.223  -0.869  -8.670  0.50 47.42 ? 189 LYS A CB  1 
ATOM   746  C CG  . LYS A 1 96  ? 14.794  0.591   -8.570  0.50 51.69 ? 189 LYS A CG  1 
ATOM   747  C CD  . LYS A 1 96  ? 14.968  1.386   -9.865  0.50 54.01 ? 189 LYS A CD  1 
ATOM   748  C CE  . LYS A 1 96  ? 13.622  1.684   -10.526 0.50 52.85 ? 189 LYS A CE  1 
ATOM   749  N NZ  . LYS A 1 96  ? 13.762  2.258   -11.900 0.50 52.24 ? 189 LYS A NZ  1 
ATOM   750  N N   . THR A 1 97  ? 14.794  -3.996  -9.260  0.50 38.26 ? 190 THR A N   1 
ATOM   751  C CA  . THR A 1 97  ? 15.344  -5.356  -9.325  0.50 36.14 ? 190 THR A CA  1 
ATOM   752  C C   . THR A 1 97  ? 14.270  -6.379  -8.986  0.50 35.36 ? 190 THR A C   1 
ATOM   753  O O   . THR A 1 97  ? 13.518  -6.239  -8.008  0.50 36.07 ? 190 THR A O   1 
ATOM   754  C CB  . THR A 1 97  ? 16.514  -5.584  -8.346  0.50 36.30 ? 190 THR A CB  1 
ATOM   755  O OG1 . THR A 1 97  ? 17.019  -6.909  -8.502  0.50 38.00 ? 190 THR A OG1 1 
ATOM   756  C CG2 . THR A 1 97  ? 16.079  -5.413  -6.899  0.50 37.75 ? 190 THR A CG2 1 
ATOM   757  N N   . ARG A 1 98  ? 14.193  -7.406  -9.809  0.50 32.26 ? 191 ARG A N   1 
ATOM   758  C CA  . ARG A 1 98  ? 13.228  -8.462  -9.588  0.50 33.15 ? 191 ARG A CA  1 
ATOM   759  C C   . ARG A 1 98  ? 13.646  -9.308  -8.388  0.50 31.87 ? 191 ARG A C   1 
ATOM   760  O O   . ARG A 1 98  ? 12.973  -10.285 -8.057  0.50 31.85 ? 191 ARG A O   1 
ATOM   761  C CB  . ARG A 1 98  ? 13.052  -9.315  -10.856 0.50 31.43 ? 191 ARG A CB  1 
ATOM   762  C CG  . ARG A 1 98  ? 12.464  -8.563  -12.049 0.50 31.34 ? 191 ARG A CG  1 
ATOM   763  C CD  . ARG A 1 98  ? 11.041  -8.024  -11.798 0.50 32.55 ? 191 ARG A CD  1 
ATOM   764  N NE  . ARG A 1 98  ? 10.041  -9.072  -11.572 0.50 30.52 ? 191 ARG A NE  1 
ATOM   765  C CZ  . ARG A 1 98  ? 9.851   -10.131 -12.367 0.50 33.98 ? 191 ARG A CZ  1 
ATOM   766  N NH1 . ARG A 1 98  ? 10.600  -10.328 -13.458 0.50 34.93 ? 191 ARG A NH1 1 
ATOM   767  N NH2 . ARG A 1 98  ? 8.916   -11.016 -12.063 0.50 32.65 ? 191 ARG A NH2 1 
ATOM   768  N N   . ARG A 1 99  ? 14.743  -8.924  -7.727  0.50 32.72 ? 192 ARG A N   1 
ATOM   769  C CA  . ARG A 1 99  ? 15.211  -9.638  -6.530  0.50 32.01 ? 192 ARG A CA  1 
ATOM   770  C C   . ARG A 1 99  ? 14.342  -9.345  -5.308  0.50 30.99 ? 192 ARG A C   1 
ATOM   771  O O   . ARG A 1 99  ? 14.332  -10.131 -4.370  0.50 27.52 ? 192 ARG A O   1 
ATOM   772  C CB  . ARG A 1 99  ? 16.668  -9.279  -6.204  0.50 36.84 ? 192 ARG A CB  1 
ATOM   773  C CG  . ARG A 1 99  ? 17.726  -9.850  -7.145  0.50 38.61 ? 192 ARG A CG  1 
ATOM   774  C CD  . ARG A 1 99  ? 19.036  -9.074  -6.994  0.50 42.35 ? 192 ARG A CD  1 
ATOM   775  N NE  . ARG A 1 99  ? 20.224  -9.917  -6.942  0.50 43.68 ? 192 ARG A NE  1 
ATOM   776  C CZ  . ARG A 1 99  ? 20.291  -11.145 -7.451  0.50 49.73 ? 192 ARG A CZ  1 
ATOM   777  N NH1 . ARG A 1 99  ? 21.400  -11.860 -7.348  0.50 47.22 ? 192 ARG A NH1 1 
ATOM   778  N NH2 . ARG A 1 99  ? 19.242  -11.655 -8.073  0.50 50.92 ? 192 ARG A NH2 1 
ATOM   779  N N   . GLU A 1 100 ? 13.610  -8.221  -5.309  1.00 30.51 ? 193 GLU A N   1 
ATOM   780  C CA  . GLU A 1 100 ? 12.677  -7.881  -4.206  1.00 30.66 ? 193 GLU A CA  1 
ATOM   781  C C   . GLU A 1 100 ? 11.210  -7.891  -4.598  1.00 24.12 ? 193 GLU A C   1 
ATOM   782  O O   . GLU A 1 100 ? 10.394  -8.149  -3.757  1.00 29.10 ? 193 GLU A O   1 
ATOM   783  C CB  . GLU A 1 100 ? 13.035  -6.498  -3.679  1.00 42.69 ? 193 GLU A CB  1 
ATOM   784  C CG  . GLU A 1 100 ? 14.553  -6.317  -3.573  1.00 53.49 ? 193 GLU A CG  1 
ATOM   785  C CD  . GLU A 1 100 ? 14.942  -5.043  -2.844  1.00 62.60 ? 193 GLU A CD  1 
ATOM   786  O OE1 . GLU A 1 100 ? 14.415  -4.869  -1.717  1.00 66.31 ? 193 GLU A OE1 1 
ATOM   787  O OE2 . GLU A 1 100 ? 15.744  -4.232  -3.406  1.00 69.27 ? 193 GLU A OE2 1 
ATOM   788  N N   . ILE A 1 101 ? 10.889  -7.610  -5.861  1.00 22.79 ? 194 ILE A N   1 
ATOM   789  C CA  . ILE A 1 101 ? 9.486   -7.446  -6.307  1.00 25.85 ? 194 ILE A CA  1 
ATOM   790  C C   . ILE A 1 101 ? 9.178   -8.436  -7.414  1.00 25.57 ? 194 ILE A C   1 
ATOM   791  O O   . ILE A 1 101 ? 9.836   -8.439  -8.484  1.00 25.15 ? 194 ILE A O   1 
ATOM   792  C CB  . ILE A 1 101 ? 9.147   -5.994  -6.802  1.00 26.73 ? 194 ILE A CB  1 
ATOM   793  C CG1 . ILE A 1 101 ? 9.339   -4.955  -5.687  1.00 27.38 ? 194 ILE A CG1 1 
ATOM   794  C CG2 . ILE A 1 101 ? 7.739   -5.897  -7.350  1.00 25.91 ? 194 ILE A CG2 1 
ATOM   795  C CD1 . ILE A 1 101 ? 8.562   -5.166  -4.375  1.00 28.20 ? 194 ILE A CD1 1 
ATOM   796  N N   . ARG A 1 102 ? 8.206   -9.310  -7.125  1.00 23.29 ? 195 ARG A N   1 
ATOM   797  C CA  . ARG A 1 102 ? 7.766   -10.325 -8.056  1.00 25.06 ? 195 ARG A CA  1 
ATOM   798  C C   . ARG A 1 102 ? 6.899   -9.717  -9.103  1.00 25.72 ? 195 ARG A C   1 
ATOM   799  O O   . ARG A 1 102 ? 7.061   -10.031 -10.283 1.00 27.33 ? 195 ARG A O   1 
ATOM   800  C CB  . ARG A 1 102 ? 7.017   -11.510 -7.357  1.00 24.19 ? 195 ARG A CB  1 
ATOM   801  C CG  . ARG A 1 102 ? 6.846   -12.728 -8.315  1.00 22.58 ? 195 ARG A CG  1 
ATOM   802  C CD  . ARG A 1 102 ? 5.821   -13.716 -7.883  1.00 21.95 ? 195 ARG A CD  1 
ATOM   803  N NE  . ARG A 1 102 ? 6.267   -14.404 -6.679  1.00 25.52 ? 195 ARG A NE  1 
ATOM   804  C CZ  . ARG A 1 102 ? 7.160   -15.399 -6.686  1.00 27.94 ? 195 ARG A CZ  1 
ATOM   805  N NH1 . ARG A 1 102 ? 7.625   -15.868 -7.859  1.00 27.29 ? 195 ARG A NH1 1 
ATOM   806  N NH2 . ARG A 1 102 ? 7.546   -15.958 -5.540  1.00 28.57 ? 195 ARG A NH2 1 
ATOM   807  N N   . ASN A 1 103 ? 5.938   -8.888  -8.690  1.00 25.75 ? 196 ASN A N   1 
ATOM   808  C CA  . ASN A 1 103 ? 4.911   -8.436  -9.646  1.00 27.93 ? 196 ASN A CA  1 
ATOM   809  C C   . ASN A 1 103 ? 4.261   -7.176  -9.073  1.00 23.61 ? 196 ASN A C   1 
ATOM   810  O O   . ASN A 1 103 ? 4.470   -6.834  -7.920  1.00 21.16 ? 196 ASN A O   1 
ATOM   811  C CB  . ASN A 1 103 ? 3.886   -9.562  -9.817  1.00 28.67 ? 196 ASN A CB  1 
ATOM   812  C CG  . ASN A 1 103 ? 3.111   -9.462  -11.111 1.00 34.03 ? 196 ASN A CG  1 
ATOM   813  O OD1 . ASN A 1 103 ? 3.279   -8.505  -11.885 1.00 33.89 ? 196 ASN A OD1 1 
ATOM   814  N ND2 . ASN A 1 103 ? 2.139   -10.365 -11.281 1.00 37.54 ? 196 ASN A ND2 1 
ATOM   815  N N   . ILE A 1 104 ? 3.605   -6.426  -9.939  1.00 24.03 ? 197 ILE A N   1 
ATOM   816  C CA  . ILE A 1 104 ? 3.031   -5.126  -9.627  1.00 24.66 ? 197 ILE A CA  1 
ATOM   817  C C   . ILE A 1 104 ? 1.715   -5.096  -10.379 1.00 25.83 ? 197 ILE A C   1 
ATOM   818  O O   . ILE A 1 104 ? 1.742   -5.330  -11.552 1.00 24.69 ? 197 ILE A O   1 
ATOM   819  C CB  . ILE A 1 104 ? 3.867   -3.948  -10.200 1.00 25.83 ? 197 ILE A CB  1 
ATOM   820  C CG1 . ILE A 1 104 ? 5.226   -3.898  -9.572  1.00 28.23 ? 197 ILE A CG1 1 
ATOM   821  C CG2 . ILE A 1 104 ? 3.123   -2.630  -9.951  1.00 25.88 ? 197 ILE A CG2 1 
ATOM   822  C CD1 . ILE A 1 104 ? 6.217   -2.927  -10.145 1.00 28.41 ? 197 ILE A CD1 1 
ATOM   823  N N   . GLU A 1 105 ? 0.587   -4.870  -9.710  1.00 25.13 ? 198 GLU A N   1 
ATOM   824  C CA  . GLU A 1 105 ? -0.720  -4.976  -10.336 1.00 26.17 ? 198 GLU A CA  1 
ATOM   825  C C   . GLU A 1 105 ? -1.690  -4.002  -9.758  1.00 21.40 ? 198 GLU A C   1 
ATOM   826  O O   . GLU A 1 105 ? -1.635  -3.640  -8.559  1.00 22.28 ? 198 GLU A O   1 
ATOM   827  C CB  . GLU A 1 105 ? -1.359  -6.355  -10.232 1.00 27.00 ? 198 GLU A CB  1 
ATOM   828  C CG  . GLU A 1 105 ? -0.731  -7.454  -11.105 1.00 32.20 ? 198 GLU A CG  1 
ATOM   829  C CD  . GLU A 1 105 ? -1.355  -8.844  -10.858 1.00 36.15 ? 198 GLU A CD  1 
ATOM   830  O OE1 . GLU A 1 105 ? -2.495  -8.974  -10.346 1.00 36.77 ? 198 GLU A OE1 1 
ATOM   831  O OE2 . GLU A 1 105 ? -0.677  -9.841  -11.180 1.00 47.78 ? 198 GLU A OE2 1 
ATOM   832  N N   . TRP A 1 106 ? -2.648  -3.672  -10.611 1.00 23.61 ? 199 TRP A N   1 
ATOM   833  C CA  . TRP A 1 106 ? -3.830  -2.878  -10.198 1.00 24.66 ? 199 TRP A CA  1 
ATOM   834  C C   . TRP A 1 106 ? -4.880  -3.812  -9.591  1.00 25.12 ? 199 TRP A C   1 
ATOM   835  O O   . TRP A 1 106 ? -5.150  -4.848  -10.171 1.00 25.27 ? 199 TRP A O   1 
ATOM   836  C CB  . TRP A 1 106 ? -4.466  -2.144  -11.397 1.00 26.50 ? 199 TRP A CB  1 
ATOM   837  C CG  . TRP A 1 106 ? -3.655  -1.007  -11.901 1.00 26.07 ? 199 TRP A CG  1 
ATOM   838  C CD1 . TRP A 1 106 ? -2.859  -0.989  -13.051 1.00 29.47 ? 199 TRP A CD1 1 
ATOM   839  C CD2 . TRP A 1 106 ? -3.508  0.319   -11.299 1.00 25.62 ? 199 TRP A CD2 1 
ATOM   840  N NE1 . TRP A 1 106 ? -2.204  0.243   -13.131 1.00 29.25 ? 199 TRP A NE1 1 
ATOM   841  C CE2 . TRP A 1 106 ? -2.589  1.049   -12.092 1.00 24.89 ? 199 TRP A CE2 1 
ATOM   842  C CE3 . TRP A 1 106 ? -4.005  0.917   -10.147 1.00 24.82 ? 199 TRP A CE3 1 
ATOM   843  C CZ2 . TRP A 1 106 ? -2.240  2.367   -11.814 1.00 25.50 ? 199 TRP A CZ2 1 
ATOM   844  C CZ3 . TRP A 1 106 ? -3.661  2.215   -9.855  1.00 24.86 ? 199 TRP A CZ3 1 
ATOM   845  C CH2 . TRP A 1 106 ? -2.776  2.946   -10.689 1.00 28.63 ? 199 TRP A CH2 1 
ATOM   846  N N   . PHE A 1 107 ? -5.506  -3.414  -8.476  1.00 23.13 ? 200 PHE A N   1 
ATOM   847  C CA  . PHE A 1 107 ? -6.591  -4.184  -7.894  1.00 22.59 ? 200 PHE A CA  1 
ATOM   848  C C   . PHE A 1 107 ? -7.723  -3.298  -7.679  1.00 26.92 ? 200 PHE A C   1 
ATOM   849  O O   . PHE A 1 107 ? -7.525  -2.135  -7.230  1.00 25.92 ? 200 PHE A O   1 
ATOM   850  C CB  . PHE A 1 107 ? -6.165  -4.838  -6.526  1.00 23.65 ? 200 PHE A CB  1 
ATOM   851  C CG  . PHE A 1 107 ? -5.157  -5.971  -6.705  1.00 20.44 ? 200 PHE A CG  1 
ATOM   852  C CD1 . PHE A 1 107 ? -3.783  -5.714  -6.815  1.00 23.31 ? 200 PHE A CD1 1 
ATOM   853  C CD2 . PHE A 1 107 ? -5.596  -7.281  -6.891  1.00 23.64 ? 200 PHE A CD2 1 
ATOM   854  C CE1 . PHE A 1 107 ? -2.865  -6.773  -6.985  1.00 25.11 ? 200 PHE A CE1 1 
ATOM   855  C CE2 . PHE A 1 107 ? -4.707  -8.323  -7.121  1.00 23.25 ? 200 PHE A CE2 1 
ATOM   856  C CZ  . PHE A 1 107 ? -3.312  -8.066  -7.141  1.00 23.09 ? 200 PHE A CZ  1 
ATOM   857  N N   . SER A 1 108 ? -8.936  -3.848  -7.904  1.00 22.41 ? 201 SER A N   1 
ATOM   858  C CA  . SER A 1 108 ? -10.183 -3.129  -7.629  1.00 26.56 ? 201 SER A CA  1 
ATOM   859  C C   . SER A 1 108 ? -10.297 -2.960  -6.141  1.00 23.50 ? 201 SER A C   1 
ATOM   860  O O   . SER A 1 108 ? -10.335 -3.964  -5.394  1.00 24.75 ? 201 SER A O   1 
ATOM   861  C CB  . SER A 1 108 ? -11.447 -3.901  -8.158  1.00 24.47 ? 201 SER A CB  1 
ATOM   862  O OG  . SER A 1 108 ? -12.575 -3.421  -7.494  1.00 31.48 ? 201 SER A OG  1 
ATOM   863  N N   . ILE A 1 109 ? -10.499 -1.720  -5.706  1.00 24.65 ? 202 ILE A N   1 
ATOM   864  C CA  . ILE A 1 109 ? -10.632 -1.434  -4.290  1.00 27.34 ? 202 ILE A CA  1 
ATOM   865  C C   . ILE A 1 109 ? -11.841 -2.068  -3.663  1.00 30.24 ? 202 ILE A C   1 
ATOM   866  O O   . ILE A 1 109 ? -11.768 -2.590  -2.538  1.00 29.15 ? 202 ILE A O   1 
ATOM   867  C CB  . ILE A 1 109 ? -10.694 0.068   -3.989  1.00 32.91 ? 202 ILE A CB  1 
ATOM   868  C CG1 . ILE A 1 109 ? -9.398  0.762   -4.316  1.00 37.85 ? 202 ILE A CG1 1 
ATOM   869  C CG2 . ILE A 1 109 ? -10.845 0.295   -2.490  1.00 36.30 ? 202 ILE A CG2 1 
ATOM   870  C CD1 . ILE A 1 109 ? -9.502  2.294   -4.335  1.00 39.65 ? 202 ILE A CD1 1 
ATOM   871  N N   . GLU A 1 110 ? -12.942 -2.112  -4.416  1.00 28.77 ? 203 GLU A N   1 
ATOM   872  C CA  . GLU A 1 110 ? -14.142 -2.637  -3.824  1.00 33.18 ? 203 GLU A CA  1 
ATOM   873  C C   . GLU A 1 110 ? -14.089 -4.154  -3.647  1.00 28.80 ? 203 GLU A C   1 
ATOM   874  O O   . GLU A 1 110 ? -14.788 -4.706  -2.799  1.00 29.11 ? 203 GLU A O   1 
ATOM   875  C CB  . GLU A 1 110 ? -15.367 -2.108  -4.601  1.00 36.73 ? 203 GLU A CB  1 
ATOM   876  C CG  . GLU A 1 110 ? -15.611 -2.703  -5.956  1.00 42.53 ? 203 GLU A CG  1 
ATOM   877  C CD  . GLU A 1 110 ? -16.839 -2.036  -6.604  1.00 52.33 ? 203 GLU A CD  1 
ATOM   878  O OE1 . GLU A 1 110 ? -17.128 -0.858  -6.279  1.00 57.42 ? 203 GLU A OE1 1 
ATOM   879  O OE2 . GLU A 1 110 ? -17.560 -2.703  -7.360  1.00 55.64 ? 203 GLU A OE2 1 
ATOM   880  N N   . LYS A 1 111 ? -13.208 -4.824  -4.410  1.00 25.16 ? 204 LYS A N   1 
ATOM   881  C CA  . LYS A 1 111 ? -13.062 -6.276  -4.296  1.00 28.11 ? 204 LYS A CA  1 
ATOM   882  C C   . LYS A 1 111 ? -11.997 -6.729  -3.280  1.00 27.85 ? 204 LYS A C   1 
ATOM   883  O O   . LYS A 1 111 ? -11.971 -7.914  -2.934  1.00 26.09 ? 204 LYS A O   1 
ATOM   884  C CB  . LYS A 1 111 ? -12.691 -6.863  -5.610  1.00 33.53 ? 204 LYS A CB  1 
ATOM   885  C CG  . LYS A 1 111 ? -13.767 -6.679  -6.698  1.00 40.89 ? 204 LYS A CG  1 
ATOM   886  C CD  . LYS A 1 111 ? -13.267 -7.521  -7.853  1.00 47.66 ? 204 LYS A CD  1 
ATOM   887  C CE  . LYS A 1 111 ? -14.159 -7.576  -9.065  1.00 54.66 ? 204 LYS A CE  1 
ATOM   888  N NZ  . LYS A 1 111 ? -13.419 -8.536  -9.951  1.00 58.36 ? 204 LYS A NZ  1 
ATOM   889  N N   . LEU A 1 112 ? -11.127 -5.823  -2.826  1.00 23.24 ? 205 LEU A N   1 
ATOM   890  C CA  . LEU A 1 112 ? -10.127 -6.168  -1.833  1.00 24.31 ? 205 LEU A CA  1 
ATOM   891  C C   . LEU A 1 112 ? -10.803 -6.403  -0.496  1.00 25.75 ? 205 LEU A C   1 
ATOM   892  O O   . LEU A 1 112 ? -11.767 -5.730  -0.133  1.00 26.57 ? 205 LEU A O   1 
ATOM   893  C CB  . LEU A 1 112 ? -9.054  -5.085  -1.693  1.00 23.26 ? 205 LEU A CB  1 
ATOM   894  C CG  . LEU A 1 112 ? -8.133  -4.915  -2.903  1.00 23.73 ? 205 LEU A CG  1 
ATOM   895  C CD1 . LEU A 1 112 ? -7.297  -3.623  -2.764  1.00 23.70 ? 205 LEU A CD1 1 
ATOM   896  C CD2 . LEU A 1 112 ? -7.229  -6.154  -2.952  1.00 26.61 ? 205 LEU A CD2 1 
ATOM   897  N N   . PRO A 1 113 ? -10.272 -7.351  0.279   1.00 30.49 ? 206 PRO A N   1 
ATOM   898  C CA  . PRO A 1 113 ? -10.844 -7.573  1.611   1.00 33.14 ? 206 PRO A CA  1 
ATOM   899  C C   . PRO A 1 113 ? -10.456 -6.417  2.534   1.00 30.56 ? 206 PRO A C   1 
ATOM   900  O O   . PRO A 1 113 ? -9.368  -5.846  2.390   1.00 25.69 ? 206 PRO A O   1 
ATOM   901  C CB  . PRO A 1 113 ? -10.163 -8.878  2.081   1.00 27.71 ? 206 PRO A CB  1 
ATOM   902  C CG  . PRO A 1 113 ? -8.859  -8.839  1.360   1.00 31.99 ? 206 PRO A CG  1 
ATOM   903  C CD  . PRO A 1 113 ? -9.077  -8.172  0.039   1.00 30.78 ? 206 PRO A CD  1 
ATOM   904  N N   . CYS A 1 114 ? -11.292 -6.109  3.505   1.00 31.30 ? 207 CYS A N   1 
ATOM   905  C CA  . CYS A 1 114 ? -10.886 -5.178  4.555   1.00 32.48 ? 207 CYS A CA  1 
ATOM   906  C C   . CYS A 1 114 ? -10.705 -5.879  5.924   1.00 32.01 ? 207 CYS A C   1 
ATOM   907  O O   . CYS A 1 114 ? -10.380 -5.215  6.923   1.00 34.11 ? 207 CYS A O   1 
ATOM   908  C CB  . CYS A 1 114 ? -11.833 -4.027  4.642   1.00 35.09 ? 207 CYS A CB  1 
ATOM   909  S SG  . CYS A 1 114 ? -13.471 -4.496  5.213   1.00 48.16 ? 207 CYS A SG  1 
ATOM   910  N N   . HIS A 1 115 ? -10.757 -7.213  5.927   1.00 31.39 ? 208 HIS A N   1 
ATOM   911  C CA  . HIS A 1 115 ? -10.440 -8.003  7.141   1.00 36.73 ? 208 HIS A CA  1 
ATOM   912  C C   . HIS A 1 115 ? -10.126 -9.384  6.669   1.00 37.64 ? 208 HIS A C   1 
ATOM   913  O O   . HIS A 1 115 ? -10.457 -9.759  5.530   1.00 34.38 ? 208 HIS A O   1 
ATOM   914  C CB  . HIS A 1 115 ? -11.656 -7.924  8.099   1.00 36.21 ? 208 HIS A CB  1 
ATOM   915  C CG  . HIS A 1 115 ? -12.898 -8.527  7.508   1.00 38.01 ? 208 HIS A CG  1 
ATOM   916  N ND1 . HIS A 1 115 ? -13.062 -9.895  7.389   1.00 38.56 ? 208 HIS A ND1 1 
ATOM   917  C CD2 . HIS A 1 115 ? -13.977 -7.967  6.899   1.00 39.01 ? 208 HIS A CD2 1 
ATOM   918  C CE1 . HIS A 1 115 ? -14.207 -10.156 6.773   1.00 37.89 ? 208 HIS A CE1 1 
ATOM   919  N NE2 . HIS A 1 115 ? -14.787 -9.006  6.477   1.00 37.52 ? 208 HIS A NE2 1 
ATOM   920  N N   A ARG A 1 116 ? -9.428  -10.182 7.472   0.45 40.56 ? 209 ARG A N   1 
ATOM   921  N N   B ARG A 1 116 ? -9.513  -10.157 7.556   0.05 37.58 ? 209 ARG A N   1 
ATOM   922  C CA  A ARG A 1 116 ? -9.279  -11.602 7.152   0.45 38.68 ? 209 ARG A CA  1 
ATOM   923  C CA  B ARG A 1 116 ? -9.292  -11.567 7.326   0.05 37.64 ? 209 ARG A CA  1 
ATOM   924  C C   A ARG A 1 116 ? -10.464 -12.363 7.740   0.45 37.28 ? 209 ARG A C   1 
ATOM   925  C C   B ARG A 1 116 ? -10.513 -12.352 7.781   0.05 39.15 ? 209 ARG A C   1 
ATOM   926  O O   A ARG A 1 116 ? -11.194 -11.846 8.522   0.45 36.26 ? 209 ARG A O   1 
ATOM   927  O O   B ARG A 1 116 ? -11.311 -11.839 8.563   0.05 39.45 ? 209 ARG A O   1 
ATOM   928  C CB  A ARG A 1 116 ? -7.951  -12.139 7.648   0.45 43.06 ? 209 ARG A CB  1 
ATOM   929  C CB  B ARG A 1 116 ? -8.065  -12.033 8.084   0.05 36.68 ? 209 ARG A CB  1 
ATOM   930  C CG  A ARG A 1 116 ? -6.775  -11.595 6.869   0.45 42.11 ? 209 ARG A CG  1 
ATOM   931  C CG  B ARG A 1 116 ? -7.552  -13.292 7.461   0.05 35.29 ? 209 ARG A CG  1 
ATOM   932  C CD  A ARG A 1 116 ? -5.569  -11.545 7.739   0.45 47.20 ? 209 ARG A CD  1 
ATOM   933  C CD  B ARG A 1 116 ? -7.883  -13.193 5.990   0.05 34.12 ? 209 ARG A CD  1 
ATOM   934  N NE  A ARG A 1 116 ? -4.893  -12.813 7.794   0.45 48.39 ? 209 ARG A NE  1 
ATOM   935  N NE  B ARG A 1 116 ? -8.127  -14.482 5.333   0.05 32.18 ? 209 ARG A NE  1 
ATOM   936  C CZ  A ARG A 1 116 ? -4.161  -13.213 8.824   0.45 47.91 ? 209 ARG A CZ  1 
ATOM   937  C CZ  B ARG A 1 116 ? -9.033  -14.671 4.376   0.05 32.24 ? 209 ARG A CZ  1 
ATOM   938  N NH1 A ARG A 1 116 ? -4.055  -12.464 9.914   0.45 52.92 ? 209 ARG A NH1 1 
ATOM   939  N NH1 B ARG A 1 116 ? -9.185  -15.866 3.818   0.05 32.72 ? 209 ARG A NH1 1 
ATOM   940  N NH2 A ARG A 1 116 ? -3.554  -14.371 8.775   0.45 44.94 ? 209 ARG A NH2 1 
ATOM   941  N NH2 B ARG A 1 116 ? -9.799  -13.664 3.983   0.05 31.82 ? 209 ARG A NH2 1 
ATOM   942  N N   . ASN A 1 117 ? -10.664 -13.586 7.298   1.00 41.98 ? 210 ASN A N   1 
ATOM   943  C CA  . ASN A 1 117 ? -11.793 -14.416 7.675   1.00 44.62 ? 210 ASN A CA  1 
ATOM   944  C C   . ASN A 1 117 ? -11.274 -15.232 8.816   1.00 47.55 ? 210 ASN A C   1 
ATOM   945  O O   . ASN A 1 117 ? -10.068 -15.596 8.844   1.00 38.63 ? 210 ASN A O   1 
ATOM   946  C CB  . ASN A 1 117 ? -12.140 -15.315 6.511   1.00 49.67 ? 210 ASN A CB  1 
ATOM   947  C CG  . ASN A 1 117 ? -12.672 -14.528 5.331   1.00 53.12 ? 210 ASN A CG  1 
ATOM   948  O OD1 . ASN A 1 117 ? -13.267 -13.447 5.501   1.00 43.97 ? 210 ASN A OD1 1 
ATOM   949  N ND2 . ASN A 1 117 ? -12.479 -15.076 4.134   1.00 51.74 ? 210 ASN A ND2 1 
ATOM   950  N N   . ASP A 1 118 ? -12.160 -15.460 9.786   1.00 46.37 ? 211 ASP A N   1 
ATOM   951  C CA  . ASP A 1 118 ? -11.844 -16.352 10.877  1.00 48.94 ? 211 ASP A CA  1 
ATOM   952  C C   . ASP A 1 118 ? -11.967 -17.803 10.359  1.00 51.90 ? 211 ASP A C   1 
ATOM   953  O O   . ASP A 1 118 ? -11.987 -18.037 9.115   1.00 43.91 ? 211 ASP A O   1 
ATOM   954  C CB  . ASP A 1 118 ? -12.648 -15.974 12.148  1.00 49.30 ? 211 ASP A CB  1 
ATOM   955  C CG  . ASP A 1 118 ? -14.138 -16.232 12.050  1.00 51.83 ? 211 ASP A CG  1 
ATOM   956  O OD1 . ASP A 1 118 ? -14.626 -16.971 11.150  1.00 46.42 ? 211 ASP A OD1 1 
ATOM   957  O OD2 . ASP A 1 118 ? -14.810 -15.698 12.957  1.00 53.50 ? 211 ASP A OD2 1 
ATOM   958  N N   . MET A 1 119 ? -11.970 -18.763 11.286  1.00 50.23 ? 212 MET A N   1 
ATOM   959  C CA  . MET A 1 119 ? -12.188 -20.195 10.959  1.00 56.42 ? 212 MET A CA  1 
ATOM   960  C C   . MET A 1 119 ? -13.257 -20.806 11.924  1.00 60.37 ? 212 MET A C   1 
ATOM   961  O O   . MET A 1 119 ? -13.184 -21.990 12.311  1.00 66.15 ? 212 MET A O   1 
ATOM   962  C CB  . MET A 1 119 ? -10.851 -20.919 11.020  1.00 53.68 ? 212 MET A CB  1 
ATOM   963  C CG  . MET A 1 119 ? -9.879  -20.453 9.925   1.00 53.99 ? 212 MET A CG  1 
ATOM   964  S SD  . MET A 1 119 ? -8.143  -20.809 10.181  1.00 56.00 ? 212 MET A SD  1 
ATOM   965  C CE  . MET A 1 119 ? -7.947  -20.222 11.862  1.00 64.35 ? 212 MET A CE  1 
ATOM   966  N N   . THR A 1 120 ? -14.245 -19.973 12.285  1.00 55.53 ? 213 THR A N   1 
ATOM   967  C CA  . THR A 1 120 ? -15.495 -20.377 12.935  1.00 66.13 ? 213 THR A CA  1 
ATOM   968  C C   . THR A 1 120 ? -16.144 -21.621 12.293  1.00 72.77 ? 213 THR A C   1 
ATOM   969  O O   . THR A 1 120 ? -16.624 -22.464 13.046  1.00 75.78 ? 213 THR A O   1 
ATOM   970  C CB  . THR A 1 120 ? -16.535 -19.223 13.012  1.00 69.51 ? 213 THR A CB  1 
ATOM   971  O OG1 . THR A 1 120 ? -16.690 -18.591 11.729  1.00 77.88 ? 213 THR A OG1 1 
ATOM   972  C CG2 . THR A 1 120 ? -16.131 -18.168 14.040  1.00 65.83 ? 213 THR A CG2 1 
ATOM   973  N N   . PRO A 1 121 ? -16.127 -21.759 10.924  1.00 78.57 ? 214 PRO A N   1 
ATOM   974  C CA  . PRO A 1 121 ? -16.528 -23.056 10.352  1.00 75.02 ? 214 PRO A CA  1 
ATOM   975  C C   . PRO A 1 121 ? -15.860 -24.276 11.024  1.00 75.99 ? 214 PRO A C   1 
ATOM   976  O O   . PRO A 1 121 ? -16.543 -25.274 11.283  1.00 68.55 ? 214 PRO A O   1 
ATOM   977  C CB  . PRO A 1 121 ? -16.125 -22.941 8.853   1.00 74.60 ? 214 PRO A CB  1 
ATOM   978  C CG  . PRO A 1 121 ? -15.443 -21.620 8.685   1.00 82.26 ? 214 PRO A CG  1 
ATOM   979  C CD  . PRO A 1 121 ? -15.932 -20.772 9.834   1.00 84.11 ? 214 PRO A CD  1 
ATOM   980  N N   . LYS A 1 122 ? -14.562 -24.177 11.331  1.00 67.04 ? 215 LYS A N   1 
ATOM   981  C CA  . LYS A 1 122 ? -13.811 -25.296 11.901  1.00 63.39 ? 215 LYS A CA  1 
ATOM   982  C C   . LYS A 1 122 ? -13.681 -25.265 13.478  1.00 59.60 ? 215 LYS A C   1 
ATOM   983  O O   . LYS A 1 122 ? -12.920 -26.059 14.029  1.00 66.21 ? 215 LYS A O   1 
ATOM   984  C CB  . LYS A 1 122 ? -12.422 -25.360 11.229  1.00 58.32 ? 215 LYS A CB  1 
ATOM   985  C CG  . LYS A 1 122 ? -12.116 -26.702 10.570  1.00 62.12 ? 215 LYS A CG  1 
ATOM   986  N N   . SER A 1 123 ? -14.410 -24.384 14.190  1.00 55.24 ? 216 SER A N   1 
ATOM   987  C CA  . SER A 1 123 ? -14.195 -24.159 15.656  1.00 47.94 ? 216 SER A CA  1 
ATOM   988  C C   . SER A 1 123 ? -12.696 -24.012 16.058  1.00 40.94 ? 216 SER A C   1 
ATOM   989  O O   . SER A 1 123 ? -12.247 -24.510 17.081  1.00 42.89 ? 216 SER A O   1 
ATOM   990  C CB  . SER A 1 123 ? -14.828 -25.303 16.448  1.00 48.72 ? 216 SER A CB  1 
ATOM   991  O OG  . SER A 1 123 ? -16.224 -25.376 16.231  1.00 53.67 ? 216 SER A OG  1 
ATOM   992  N N   . LYS A 1 124 ? -11.929 -23.323 15.218  1.00 35.98 ? 217 LYS A N   1 
ATOM   993  C CA  . LYS A 1 124 ? -10.532 -23.134 15.424  1.00 33.65 ? 217 LYS A CA  1 
ATOM   994  C C   . LYS A 1 124 ? -10.298 -21.620 15.586  1.00 34.62 ? 217 LYS A C   1 
ATOM   995  O O   . LYS A 1 124 ? -10.909 -20.827 14.851  1.00 32.82 ? 217 LYS A O   1 
ATOM   996  C CB  . LYS A 1 124 ? -9.765  -23.734 14.242  1.00 38.89 ? 217 LYS A CB  1 
ATOM   997  C CG  . LYS A 1 124 ? -8.265  -23.624 14.348  1.00 40.54 ? 217 LYS A CG  1 
ATOM   998  C CD  . LYS A 1 124 ? -7.550  -24.568 13.364  1.00 46.48 ? 217 LYS A CD  1 
ATOM   999  N N   . LEU A 1 125 ? -9.446  -21.230 16.539  1.00 27.06 ? 218 LEU A N   1 
ATOM   1000 C CA  . LEU A 1 125 ? -9.084  -19.804 16.692  1.00 30.76 ? 218 LEU A CA  1 
ATOM   1001 C C   . LEU A 1 125 ? -8.102  -19.292 15.646  1.00 28.98 ? 218 LEU A C   1 
ATOM   1002 O O   . LEU A 1 125 ? -7.281  -20.016 15.149  1.00 32.83 ? 218 LEU A O   1 
ATOM   1003 C CB  . LEU A 1 125 ? -8.507  -19.503 18.060  1.00 27.95 ? 218 LEU A CB  1 
ATOM   1004 C CG  . LEU A 1 125 ? -9.435  -19.989 19.184  1.00 30.73 ? 218 LEU A CG  1 
ATOM   1005 C CD1 . LEU A 1 125 ? -8.899  -19.477 20.465  1.00 35.46 ? 218 LEU A CD1 1 
ATOM   1006 C CD2 . LEU A 1 125 ? -10.935 -19.729 19.018  1.00 34.19 ? 218 LEU A CD2 1 
ATOM   1007 N N   . GLY A 1 126 ? -8.219  -18.013 15.364  1.00 30.71 ? 219 GLY A N   1 
ATOM   1008 C CA  . GLY A 1 126 ? -7.269  -17.334 14.484  1.00 28.78 ? 219 GLY A CA  1 
ATOM   1009 C C   . GLY A 1 126 ? -7.915  -16.954 13.190  1.00 27.18 ? 219 GLY A C   1 
ATOM   1010 O O   . GLY A 1 126 ? -9.137  -16.894 13.073  1.00 28.15 ? 219 GLY A O   1 
ATOM   1011 N N   . LEU A 1 127 ? -7.076  -16.675 12.208  1.00 30.61 ? 220 LEU A N   1 
ATOM   1012 C CA  . LEU A 1 127 ? -7.530  -16.123 10.909  1.00 29.68 ? 220 LEU A CA  1 
ATOM   1013 C C   . LEU A 1 127 ? -7.016  -16.994 9.791   1.00 26.29 ? 220 LEU A C   1 
ATOM   1014 O O   . LEU A 1 127 ? -5.905  -17.499 9.886   1.00 26.19 ? 220 LEU A O   1 
ATOM   1015 C CB  . LEU A 1 127 ? -6.955  -14.690 10.782  1.00 31.16 ? 220 LEU A CB  1 
ATOM   1016 C CG  . LEU A 1 127 ? -7.569  -13.626 11.715  1.00 33.00 ? 220 LEU A CG  1 
ATOM   1017 C CD1 . LEU A 1 127 ? -6.754  -12.360 11.621  1.00 41.57 ? 220 LEU A CD1 1 
ATOM   1018 C CD2 . LEU A 1 127 ? -9.048  -13.377 11.440  1.00 35.42 ? 220 LEU A CD2 1 
ATOM   1019 N N   . ALA A 1 128 ? -7.755  -17.099 8.710   1.00 32.51 ? 221 ALA A N   1 
ATOM   1020 C CA  . ALA A 1 128 ? -7.295  -17.812 7.515   1.00 33.80 ? 221 ALA A CA  1 
ATOM   1021 C C   . ALA A 1 128 ? -6.232  -16.990 6.819   1.00 34.88 ? 221 ALA A C   1 
ATOM   1022 O O   . ALA A 1 128 ? -6.302  -15.776 6.876   1.00 30.12 ? 221 ALA A O   1 
ATOM   1023 C CB  . ALA A 1 128 ? -8.453  -18.046 6.557   1.00 37.62 ? 221 ALA A CB  1 
ATOM   1024 N N   . PRO A 1 129 ? -5.285  -17.641 6.132   1.00 36.91 ? 222 PRO A N   1 
ATOM   1025 C CA  . PRO A 1 129 ? -4.319  -16.898 5.333   1.00 34.92 ? 222 PRO A CA  1 
ATOM   1026 C C   . PRO A 1 129 ? -5.010  -16.080 4.288   1.00 33.50 ? 222 PRO A C   1 
ATOM   1027 O O   . PRO A 1 129 ? -6.098  -16.448 3.869   1.00 30.60 ? 222 PRO A O   1 
ATOM   1028 C CB  . PRO A 1 129 ? -3.479  -18.005 4.671   1.00 38.41 ? 222 PRO A CB  1 
ATOM   1029 C CG  . PRO A 1 129 ? -3.552  -19.171 5.623   1.00 43.66 ? 222 PRO A CG  1 
ATOM   1030 C CD  . PRO A 1 129 ? -4.985  -19.107 6.140   1.00 40.17 ? 222 PRO A CD  1 
ATOM   1031 N N   . ASN A 1 130 ? -4.410  -14.946 3.919   1.00 31.08 ? 223 ASN A N   1 
ATOM   1032 C CA  . ASN A 1 130 ? -4.969  -14.116 2.845   1.00 30.31 ? 223 ASN A CA  1 
ATOM   1033 C C   . ASN A 1 130 ? -3.823  -13.431 2.223   1.00 28.62 ? 223 ASN A C   1 
ATOM   1034 O O   . ASN A 1 130 ? -2.992  -12.917 2.914   1.00 24.76 ? 223 ASN A O   1 
ATOM   1035 C CB  . ASN A 1 130 ? -5.966  -13.124 3.405   1.00 33.41 ? 223 ASN A CB  1 
ATOM   1036 C CG  . ASN A 1 130 ? -6.706  -12.344 2.345   1.00 32.32 ? 223 ASN A CG  1 
ATOM   1037 O OD1 . ASN A 1 130 ? -6.113  -11.528 1.667   1.00 29.79 ? 223 ASN A OD1 1 
ATOM   1038 N ND2 . ASN A 1 130 ? -7.988  -12.571 2.213   1.00 33.69 ? 223 ASN A ND2 1 
ATOM   1039 N N   . LYS A 1 131 ? -3.752  -13.453 0.912   1.00 25.22 ? 224 LYS A N   1 
ATOM   1040 C CA  . LYS A 1 131 ? -2.550  -12.930 0.205   1.00 26.34 ? 224 LYS A CA  1 
ATOM   1041 C C   . LYS A 1 131 ? -2.481  -11.422 0.266   1.00 23.32 ? 224 LYS A C   1 
ATOM   1042 O O   . LYS A 1 131 ? -1.471  -10.859 -0.060  1.00 25.94 ? 224 LYS A O   1 
ATOM   1043 C CB  . LYS A 1 131 ? -2.501  -13.391 -1.247  1.00 25.73 ? 224 LYS A CB  1 
ATOM   1044 C CG  . LYS A 1 131 ? -3.706  -13.020 -2.069  1.00 27.78 ? 224 LYS A CG  1 
ATOM   1045 C CD  . LYS A 1 131 ? -3.420  -13.408 -3.491  1.00 30.35 ? 224 LYS A CD  1 
ATOM   1046 C CE  . LYS A 1 131 ? -4.548  -13.015 -4.423  1.00 30.92 ? 224 LYS A CE  1 
ATOM   1047 N NZ  . LYS A 1 131 ? -4.196  -13.467 -5.823  1.00 35.75 ? 224 LYS A NZ  1 
ATOM   1048 N N   . PHE A 1 132 ? -3.547  -10.778 0.740   1.00 21.57 ? 225 PHE A N   1 
ATOM   1049 C CA  . PHE A 1 132 ? -3.560  -9.338  0.845   1.00 22.25 ? 225 PHE A CA  1 
ATOM   1050 C C   . PHE A 1 132 ? -3.309  -8.878  2.306   1.00 22.62 ? 225 PHE A C   1 
ATOM   1051 O O   . PHE A 1 132 ? -3.577  -7.708  2.608   1.00 23.08 ? 225 PHE A O   1 
ATOM   1052 C CB  . PHE A 1 132 ? -4.908  -8.830  0.405   1.00 20.48 ? 225 PHE A CB  1 
ATOM   1053 C CG  . PHE A 1 132 ? -5.199  -9.085  -1.053  1.00 21.14 ? 225 PHE A CG  1 
ATOM   1054 C CD1 . PHE A 1 132 ? -4.466  -8.397  -2.017  1.00 22.04 ? 225 PHE A CD1 1 
ATOM   1055 C CD2 . PHE A 1 132 ? -6.191  -10.003 -1.449  1.00 25.33 ? 225 PHE A CD2 1 
ATOM   1056 C CE1 . PHE A 1 132 ? -4.698  -8.638  -3.350  1.00 21.91 ? 225 PHE A CE1 1 
ATOM   1057 C CE2 . PHE A 1 132 ? -6.425  -10.256 -2.791  1.00 25.26 ? 225 PHE A CE2 1 
ATOM   1058 C CZ  . PHE A 1 132 ? -5.690  -9.557  -3.720  1.00 23.76 ? 225 PHE A CZ  1 
ATOM   1059 N N   . PHE A 1 133 ? -2.812  -9.768  3.166   0.50 24.06 ? 226 PHE A N   1 
ATOM   1060 C CA  . PHE A 1 133 ? -2.663  -9.459  4.582   0.50 25.38 ? 226 PHE A CA  1 
ATOM   1061 C C   . PHE A 1 133 ? -1.930  -8.139  4.880   0.50 25.59 ? 226 PHE A C   1 
ATOM   1062 O O   . PHE A 1 133 ? -2.295  -7.435  5.823   0.50 24.91 ? 226 PHE A O   1 
ATOM   1063 C CB  . PHE A 1 133 ? -2.010  -10.632 5.335   0.50 28.71 ? 226 PHE A CB  1 
ATOM   1064 C CG  . PHE A 1 133 ? -0.603  -10.953 4.908   0.50 31.81 ? 226 PHE A CG  1 
ATOM   1065 C CD1 . PHE A 1 133 ? -0.350  -11.695 3.747   0.50 32.24 ? 226 PHE A CD1 1 
ATOM   1066 C CD2 . PHE A 1 133 ? 0.475   -10.584 5.705   0.50 32.96 ? 226 PHE A CD2 1 
ATOM   1067 C CE1 . PHE A 1 133 ? 0.941   -12.011 3.363   0.50 32.71 ? 226 PHE A CE1 1 
ATOM   1068 C CE2 . PHE A 1 133 ? 1.771   -10.908 5.328   0.50 33.74 ? 226 PHE A CE2 1 
ATOM   1069 C CZ  . PHE A 1 133 ? 2.007   -11.606 4.155   0.50 32.09 ? 226 PHE A CZ  1 
ATOM   1070 N N   . MET A 1 134 ? -0.914  -7.812  4.088   1.00 23.33 ? 227 MET A N   1 
ATOM   1071 C CA  . MET A 1 134 ? -0.140  -6.537  4.276   1.00 25.78 ? 227 MET A CA  1 
ATOM   1072 C C   . MET A 1 134 ? -0.936  -5.293  3.899   1.00 24.85 ? 227 MET A C   1 
ATOM   1073 O O   . MET A 1 134 ? -0.747  -4.237  4.485   1.00 24.72 ? 227 MET A O   1 
ATOM   1074 C CB  . MET A 1 134 ? 1.179   -6.572  3.489   1.00 30.73 ? 227 MET A CB  1 
ATOM   1075 C CG  . MET A 1 134 ? 2.174   -7.645  4.012   1.00 35.78 ? 227 MET A CG  1 
ATOM   1076 S SD  . MET A 1 134 ? 3.718   -7.769  3.056   1.00 41.11 ? 227 MET A SD  1 
ATOM   1077 C CE  . MET A 1 134 ? 3.198   -8.534  1.509   1.00 43.58 ? 227 MET A CE  1 
ATOM   1078 N N   . ALA A 1 135 ? -1.827  -5.410  2.922   1.00 25.79 ? 228 ALA A N   1 
ATOM   1079 C CA  . ALA A 1 135 ? -2.709  -4.331  2.499   1.00 21.65 ? 228 ALA A CA  1 
ATOM   1080 C C   . ALA A 1 135 ? -3.943  -4.117  3.356   1.00 23.48 ? 228 ALA A C   1 
ATOM   1081 O O   . ALA A 1 135 ? -4.428  -2.961  3.517   1.00 21.24 ? 228 ALA A O   1 
ATOM   1082 C CB  . ALA A 1 135 ? -3.130  -4.533  1.067   1.00 19.09 ? 228 ALA A CB  1 
ATOM   1083 N N   . ILE A 1 136 ? -4.490  -5.217  3.874   1.00 23.05 ? 229 ILE A N   1 
ATOM   1084 C CA  . ILE A 1 136 ? -5.752  -5.199  4.564   1.00 22.14 ? 229 ILE A CA  1 
ATOM   1085 C C   . ILE A 1 136 ? -5.974  -4.112  5.612   1.00 22.99 ? 229 ILE A C   1 
ATOM   1086 O O   . ILE A 1 136 ? -7.027  -3.476  5.620   1.00 26.38 ? 229 ILE A O   1 
ATOM   1087 C CB  . ILE A 1 136 ? -6.013  -6.613  5.150   1.00 23.82 ? 229 ILE A CB  1 
ATOM   1088 C CG1 . ILE A 1 136 ? -6.586  -7.468  4.017   1.00 24.52 ? 229 ILE A CG1 1 
ATOM   1089 C CG2 . ILE A 1 136 ? -6.947  -6.594  6.358   1.00 25.89 ? 229 ILE A CG2 1 
ATOM   1090 C CD1 . ILE A 1 136 ? -6.618  -8.986  4.317   1.00 27.77 ? 229 ILE A CD1 1 
ATOM   1091 N N   . PRO A 1 137 ? -5.009  -3.871  6.509   1.00 26.59 ? 230 PRO A N   1 
ATOM   1092 C CA  . PRO A 1 137 ? -5.227  -2.855  7.575   1.00 27.44 ? 230 PRO A CA  1 
ATOM   1093 C C   . PRO A 1 137 ? -5.517  -1.453  6.990   1.00 26.85 ? 230 PRO A C   1 
ATOM   1094 O O   . PRO A 1 137 ? -6.173  -0.678  7.633   1.00 27.62 ? 230 PRO A O   1 
ATOM   1095 C CB  . PRO A 1 137 ? -3.886  -2.839  8.328   1.00 27.81 ? 230 PRO A CB  1 
ATOM   1096 C CG  . PRO A 1 137 ? -3.323  -4.186  8.114   1.00 32.06 ? 230 PRO A CG  1 
ATOM   1097 C CD  . PRO A 1 137 ? -3.690  -4.495  6.653   1.00 30.45 ? 230 PRO A CD  1 
ATOM   1098 N N   . PHE A 1 138 ? -5.103  -1.169  5.751   1.00 25.11 ? 231 PHE A N   1 
ATOM   1099 C CA  . PHE A 1 138 ? -5.286  0.159   5.156   1.00 24.89 ? 231 PHE A CA  1 
ATOM   1100 C C   . PHE A 1 138 ? -6.569  0.306   4.355   1.00 23.55 ? 231 PHE A C   1 
ATOM   1101 O O   . PHE A 1 138 ? -6.891  1.420   3.993   1.00 22.65 ? 231 PHE A O   1 
ATOM   1102 C CB  . PHE A 1 138 ? -4.100  0.556   4.225   1.00 24.91 ? 231 PHE A CB  1 
ATOM   1103 C CG  . PHE A 1 138 ? -2.779  0.617   4.924   1.00 28.42 ? 231 PHE A CG  1 
ATOM   1104 C CD1 . PHE A 1 138 ? -2.318  1.836   5.506   1.00 29.04 ? 231 PHE A CD1 1 
ATOM   1105 C CD2 . PHE A 1 138 ? -2.014  -0.506  5.057   1.00 28.28 ? 231 PHE A CD2 1 
ATOM   1106 C CE1 . PHE A 1 138 ? -1.114  1.834   6.196   1.00 29.31 ? 231 PHE A CE1 1 
ATOM   1107 C CE2 . PHE A 1 138 ? -0.802  -0.469  5.702   1.00 33.88 ? 231 PHE A CE2 1 
ATOM   1108 C CZ  . PHE A 1 138 ? -0.372  0.702   6.280   1.00 29.52 ? 231 PHE A CZ  1 
ATOM   1109 N N   . ILE A 1 139 ? -7.307  -0.769  4.086   1.00 24.70 ? 232 ILE A N   1 
ATOM   1110 C CA  . ILE A 1 139 ? -8.403  -0.740  3.148   1.00 23.14 ? 232 ILE A CA  1 
ATOM   1111 C C   . ILE A 1 139 ? -9.639  0.017   3.643   1.00 27.22 ? 232 ILE A C   1 
ATOM   1112 O O   . ILE A 1 139 ? -10.141 0.928   2.975   1.00 25.70 ? 232 ILE A O   1 
ATOM   1113 C CB  . ILE A 1 139 ? -8.795  -2.139  2.657   1.00 24.42 ? 232 ILE A CB  1 
ATOM   1114 C CG1 . ILE A 1 139 ? -7.639  -2.789  1.907   1.00 25.33 ? 232 ILE A CG1 1 
ATOM   1115 C CG2 . ILE A 1 139 ? -9.971  -2.073  1.721   1.00 31.08 ? 232 ILE A CG2 1 
ATOM   1116 C CD1 . ILE A 1 139 ? -7.072  -2.014  0.753   1.00 27.51 ? 232 ILE A CD1 1 
ATOM   1117 N N   . ARG A 1 140 ? -10.100 -0.297  4.833   1.00 28.39 ? 233 ARG A N   1 
ATOM   1118 C CA  . ARG A 1 140 ? -11.198 0.466   5.380   1.00 31.02 ? 233 ARG A CA  1 
ATOM   1119 C C   . ARG A 1 140 ? -10.840 1.955   5.609   1.00 27.87 ? 233 ARG A C   1 
ATOM   1120 O O   . ARG A 1 140 ? -11.604 2.826   5.217   1.00 26.97 ? 233 ARG A O   1 
ATOM   1121 C CB  . ARG A 1 140 ? -11.740 -0.211  6.657   1.00 34.02 ? 233 ARG A CB  1 
ATOM   1122 C CG  . ARG A 1 140 ? -12.875 0.533   7.352   1.00 44.57 ? 233 ARG A CG  1 
ATOM   1123 C CD  . ARG A 1 140 ? -14.000 0.865   6.390   1.00 52.42 ? 233 ARG A CD  1 
ATOM   1124 N NE  . ARG A 1 140 ? -14.402 -0.282  5.550   1.00 57.77 ? 233 ARG A NE  1 
ATOM   1125 C CZ  . ARG A 1 140 ? -15.268 -0.214  4.540   1.00 67.13 ? 233 ARG A CZ  1 
ATOM   1126 N NH1 . ARG A 1 140 ? -15.863 0.952   4.187   1.00 72.33 ? 233 ARG A NH1 1 
ATOM   1127 N NH2 . ARG A 1 140 ? -15.555 -1.325  3.878   1.00 68.78 ? 233 ARG A NH2 1 
ATOM   1128 N N   . PRO A 1 141 ? -9.672  2.273   6.242   1.00 26.76 ? 234 PRO A N   1 
ATOM   1129 C CA  . PRO A 1 141 ? -9.358  3.693   6.316   1.00 28.01 ? 234 PRO A CA  1 
ATOM   1130 C C   . PRO A 1 141 ? -9.245  4.397   4.968   1.00 28.71 ? 234 PRO A C   1 
ATOM   1131 O O   . PRO A 1 141 ? -9.594  5.601   4.853   1.00 27.15 ? 234 PRO A O   1 
ATOM   1132 C CB  . PRO A 1 141 ? -7.977  3.742   7.015   1.00 28.78 ? 234 PRO A CB  1 
ATOM   1133 C CG  . PRO A 1 141 ? -7.815  2.452   7.680   1.00 31.53 ? 234 PRO A CG  1 
ATOM   1134 C CD  . PRO A 1 141 ? -8.799  1.461   7.100   1.00 27.77 ? 234 PRO A CD  1 
ATOM   1135 N N   . LEU A 1 142 ? -8.739  3.698   3.956   1.00 25.91 ? 235 LEU A N   1 
ATOM   1136 C CA  . LEU A 1 142 ? -8.728  4.257   2.579   1.00 26.50 ? 235 LEU A CA  1 
ATOM   1137 C C   . LEU A 1 142 ? -10.107 4.568   2.000   1.00 27.86 ? 235 LEU A C   1 
ATOM   1138 O O   . LEU A 1 142 ? -10.322 5.667   1.446   1.00 29.24 ? 235 LEU A O   1 
ATOM   1139 C CB  . LEU A 1 142 ? -7.862  3.406   1.617   1.00 24.78 ? 235 LEU A CB  1 
ATOM   1140 C CG  . LEU A 1 142 ? -7.968  3.754   0.115   1.00 25.82 ? 235 LEU A CG  1 
ATOM   1141 C CD1 . LEU A 1 142 ? -7.351  5.100   -0.099  1.00 25.35 ? 235 LEU A CD1 1 
ATOM   1142 C CD2 . LEU A 1 142 ? -7.336  2.697   -0.813  1.00 26.37 ? 235 LEU A CD2 1 
ATOM   1143 N N   . ARG A 1 143 ? -10.994 3.603   2.098   1.00 28.00 ? 236 ARG A N   1 
ATOM   1144 C CA  . ARG A 1 143 ? -12.378 3.769   1.682   1.00 31.03 ? 236 ARG A CA  1 
ATOM   1145 C C   . ARG A 1 143 ? -13.010 4.978   2.406   1.00 28.81 ? 236 ARG A C   1 
ATOM   1146 O O   . ARG A 1 143 ? -13.608 5.827   1.766   1.00 27.25 ? 236 ARG A O   1 
ATOM   1147 C CB  . ARG A 1 143 ? -13.177 2.508   1.926   1.00 28.26 ? 236 ARG A CB  1 
ATOM   1148 C CG  . ARG A 1 143 ? -12.774 1.367   1.008   1.00 30.11 ? 236 ARG A CG  1 
ATOM   1149 C CD  . ARG A 1 143 ? -13.623 0.161   1.271   1.00 33.29 ? 236 ARG A CD  1 
ATOM   1150 N NE  . ARG A 1 143 ? -13.223 -0.950  0.393   1.00 36.91 ? 236 ARG A NE  1 
ATOM   1151 C CZ  . ARG A 1 143 ? -13.350 -2.258  0.657   1.00 38.29 ? 236 ARG A CZ  1 
ATOM   1152 N NH1 . ARG A 1 143 ? -13.829 -2.647  1.816   1.00 34.51 ? 236 ARG A NH1 1 
ATOM   1153 N NH2 . ARG A 1 143 ? -12.990 -3.182  -0.263  1.00 35.27 ? 236 ARG A NH2 1 
ATOM   1154 N N   . ASP A 1 144 ? -12.738 5.128   3.697   1.00 32.12 ? 237 ASP A N   1 
ATOM   1155 C CA  . ASP A 1 144 ? -13.323 6.214   4.458   1.00 33.98 ? 237 ASP A CA  1 
ATOM   1156 C C   . ASP A 1 144 ? -12.736 7.554   4.074   1.00 35.31 ? 237 ASP A C   1 
ATOM   1157 O O   . ASP A 1 144 ? -13.440 8.527   4.027   1.00 31.49 ? 237 ASP A O   1 
ATOM   1158 C CB  . ASP A 1 144 ? -13.166 5.961   5.967   1.00 36.47 ? 237 ASP A CB  1 
ATOM   1159 C CG  . ASP A 1 144 ? -14.045 4.763   6.477   1.00 42.52 ? 237 ASP A CG  1 
ATOM   1160 O OD1 . ASP A 1 144 ? -14.954 4.238   5.777   1.00 42.07 ? 237 ASP A OD1 1 
ATOM   1161 O OD2 . ASP A 1 144 ? -13.759 4.279   7.596   1.00 45.98 ? 237 ASP A OD2 1 
ATOM   1162 N N   . TRP A 1 145 ? -11.430 7.583   3.852   1.00 28.28 ? 238 TRP A N   1 
ATOM   1163 C CA  . TRP A 1 145 ? -10.724 8.748   3.413   1.00 31.05 ? 238 TRP A CA  1 
ATOM   1164 C C   . TRP A 1 145 ? -11.237 9.172   2.034   1.00 31.97 ? 238 TRP A C   1 
ATOM   1165 O O   . TRP A 1 145 ? -11.527 10.363  1.833   1.00 32.18 ? 238 TRP A O   1 
ATOM   1166 C CB  . TRP A 1 145 ? -9.202  8.480   3.409   1.00 31.20 ? 238 TRP A CB  1 
ATOM   1167 C CG  . TRP A 1 145 ? -8.323  9.722   3.172   1.00 33.82 ? 238 TRP A CG  1 
ATOM   1168 C CD1 . TRP A 1 145 ? -7.676  10.490  4.124   1.00 34.95 ? 238 TRP A CD1 1 
ATOM   1169 C CD2 . TRP A 1 145 ? -8.025  10.311  1.913   1.00 31.62 ? 238 TRP A CD2 1 
ATOM   1170 N NE1 . TRP A 1 145 ? -6.957  11.497  3.528   1.00 34.24 ? 238 TRP A NE1 1 
ATOM   1171 C CE2 . TRP A 1 145 ? -7.181  11.431  2.167   1.00 37.11 ? 238 TRP A CE2 1 
ATOM   1172 C CE3 . TRP A 1 145 ? -8.384  10.011  0.578   1.00 31.59 ? 238 TRP A CE3 1 
ATOM   1173 C CZ2 . TRP A 1 145 ? -6.683  12.224  1.136   1.00 33.23 ? 238 TRP A CZ2 1 
ATOM   1174 C CZ3 . TRP A 1 145 ? -7.852  10.806  -0.460  1.00 32.29 ? 238 TRP A CZ3 1 
ATOM   1175 C CH2 . TRP A 1 145 ? -7.029  11.910  -0.158  1.00 34.72 ? 238 TRP A CH2 1 
ATOM   1176 N N   . LEU A 1 146 ? -11.364 8.231   1.100   1.00 29.23 ? 239 LEU A N   1 
ATOM   1177 C CA  . LEU A 1 146 ? -11.930 8.587   -0.243  1.00 31.31 ? 239 LEU A CA  1 
ATOM   1178 C C   . LEU A 1 146 ? -13.374 9.160   -0.221  1.00 34.13 ? 239 LEU A C   1 
ATOM   1179 O O   . LEU A 1 146 ? -13.706 10.066  -1.013  1.00 32.43 ? 239 LEU A O   1 
ATOM   1180 C CB  . LEU A 1 146 ? -11.900 7.425   -1.207  1.00 27.91 ? 239 LEU A CB  1 
ATOM   1181 C CG  . LEU A 1 146 ? -10.451 6.929   -1.559  1.00 24.45 ? 239 LEU A CG  1 
ATOM   1182 C CD1 . LEU A 1 146 ? -10.542 5.604   -2.282  1.00 25.37 ? 239 LEU A CD1 1 
ATOM   1183 C CD2 . LEU A 1 146 ? -9.730  7.982   -2.384  1.00 25.27 ? 239 LEU A CD2 1 
ATOM   1184 N N   . SER A 1 147 ? -14.192 8.621   0.666   1.00 35.87 ? 240 SER A N   1 
ATOM   1185 C CA  . SER A 1 147 ? -15.576 9.140   0.865   1.00 43.42 ? 240 SER A CA  1 
ATOM   1186 C C   . SER A 1 147 ? -15.568 10.554  1.383   1.00 41.36 ? 240 SER A C   1 
ATOM   1187 O O   . SER A 1 147 ? -16.227 11.401  0.831   1.00 41.30 ? 240 SER A O   1 
ATOM   1188 C CB  . SER A 1 147 ? -16.337 8.305   1.858   1.00 42.72 ? 240 SER A CB  1 
ATOM   1189 O OG  . SER A 1 147 ? -16.552 7.099   1.258   1.00 51.18 ? 240 SER A OG  1 
ATOM   1190 N N   . ARG A 1 148 ? -14.776 10.819  2.402   1.00 42.98 ? 241 ARG A N   1 
ATOM   1191 C CA  . ARG A 1 148 ? -14.626 12.174  2.919   1.00 47.12 ? 241 ARG A CA  1 
ATOM   1192 C C   . ARG A 1 148 ? -14.036 13.209  1.907   1.00 56.23 ? 241 ARG A C   1 
ATOM   1193 O O   . ARG A 1 148 ? -14.606 14.306  1.759   1.00 55.16 ? 241 ARG A O   1 
ATOM   1194 C CB  . ARG A 1 148 ? -13.837 12.193  4.251   1.00 50.87 ? 241 ARG A CB  1 
ATOM   1195 C CG  . ARG A 1 148 ? -14.511 11.458  5.407   1.00 55.43 ? 241 ARG A CG  1 
ATOM   1196 N N   . ARG A 1 149 ? -12.947 12.855  1.225   0.50 54.37 ? 242 ARG A N   1 
ATOM   1197 C CA  . ARG A 1 149 ? -12.231 13.788  0.344   0.50 55.67 ? 242 ARG A CA  1 
ATOM   1198 C C   . ARG A 1 149 ? -12.766 13.909  -1.086  0.50 59.60 ? 242 ARG A C   1 
ATOM   1199 O O   . ARG A 1 149 ? -12.392 14.853  -1.782  0.50 66.33 ? 242 ARG A O   1 
ATOM   1200 C CB  . ARG A 1 149 ? -10.751 13.422  0.288   0.50 56.82 ? 242 ARG A CB  1 
ATOM   1201 N N   . PHE A 1 150 ? -13.613 12.970  -1.527  1.00 61.62 ? 243 PHE A N   1 
ATOM   1202 C CA  . PHE A 1 150 ? -14.237 13.014  -2.885  1.00 57.44 ? 243 PHE A CA  1 
ATOM   1203 C C   . PHE A 1 150 ? -15.750 12.862  -2.919  1.00 68.38 ? 243 PHE A C   1 
ATOM   1204 O O   . PHE A 1 150 ? -16.423 13.667  -3.551  1.00 75.18 ? 243 PHE A O   1 
ATOM   1205 C CB  . PHE A 1 150 ? -13.646 11.941  -3.786  1.00 53.93 ? 243 PHE A CB  1 
ATOM   1206 C CG  . PHE A 1 150 ? -12.174 12.117  -4.047  1.00 64.25 ? 243 PHE A CG  1 
ATOM   1207 C CD1 . PHE A 1 150 ? -11.722 12.861  -5.129  1.00 68.31 ? 243 PHE A CD1 1 
ATOM   1208 C CD2 . PHE A 1 150 ? -11.235 11.565  -3.226  1.00 54.90 ? 243 PHE A CD2 1 
ATOM   1209 C CE1 . PHE A 1 150 ? -10.374 13.034  -5.395  1.00 63.20 ? 243 PHE A CE1 1 
ATOM   1210 C CE2 . PHE A 1 150 ? -9.882  11.762  -3.472  1.00 59.44 ? 243 PHE A CE2 1 
ATOM   1211 C CZ  . PHE A 1 150 ? -9.447  12.491  -4.556  1.00 62.11 ? 243 PHE A CZ  1 
ATOM   1212 N N   . GLY A 1 151 ? -16.270 11.793  -2.316  1.00 82.20 ? 244 GLY A N   1 
ATOM   1213 C CA  . GLY A 1 151 ? -17.721 11.552  -2.193  1.00 79.92 ? 244 GLY A CA  1 
ATOM   1214 C C   . GLY A 1 151 ? -18.223 10.455  -3.105  1.00 84.25 ? 244 GLY A C   1 
ATOM   1215 O O   . GLY A 1 151 ? -19.099 10.683  -3.939  1.00 98.22 ? 244 GLY A O   1 
HETATM 1216 C C1  . EDO B 2 .   ? 12.698  9.228   -5.954  1.00 68.38 ? 301 EDO A C1  1 
HETATM 1217 O O1  . EDO B 2 .   ? 13.433  8.635   -7.035  1.00 75.80 ? 301 EDO A O1  1 
HETATM 1218 C C2  . EDO B 2 .   ? 12.551  10.706  -6.299  1.00 70.57 ? 301 EDO A C2  1 
HETATM 1219 O O2  . EDO B 2 .   ? 12.066  11.464  -5.175  1.00 76.20 ? 301 EDO A O2  1 
HETATM 1220 C C1  . EDO C 2 .   ? -1.381  -16.497 1.164   1.00 60.52 ? 302 EDO A C1  1 
HETATM 1221 O O1  . EDO C 2 .   ? -1.258  -15.728 2.392   1.00 59.92 ? 302 EDO A O1  1 
HETATM 1222 C C2  . EDO C 2 .   ? -2.387  -17.637 1.253   1.00 57.82 ? 302 EDO A C2  1 
HETATM 1223 O O2  . EDO C 2 .   ? -3.705  -17.210 0.858   1.00 65.42 ? 302 EDO A O2  1 
HETATM 1224 S S   . DMS D 3 .   ? -7.740  -3.320  -13.051 1.00 74.29 ? 303 DMS A S   1 
HETATM 1225 O O   . DMS D 3 .   ? -8.023  -3.805  -11.698 1.00 52.06 ? 303 DMS A O   1 
HETATM 1226 C C1  . DMS D 3 .   ? -7.050  -4.603  -13.966 1.00 62.10 ? 303 DMS A C1  1 
HETATM 1227 C C2  . DMS D 3 .   ? -9.255  -2.993  -13.784 1.00 66.89 ? 303 DMS A C2  1 
HETATM 1228 C C   . ACT E 4 .   ? 6.297   -18.333 -1.177  1.00 46.84 ? 304 ACT A C   1 
HETATM 1229 O O   . ACT E 4 .   ? 6.871   -17.995 -0.107  1.00 60.24 ? 304 ACT A O   1 
HETATM 1230 O OXT . ACT E 4 .   ? 6.099   -17.456 -1.999  1.00 49.50 ? 304 ACT A OXT 1 
HETATM 1231 C CH3 . ACT E 4 .   ? 5.869   -19.773 -1.532  1.00 50.70 ? 304 ACT A CH3 1 
HETATM 1232 C C   . ACT F 4 .   ? -1.000  -14.413 5.909   1.00 48.59 ? 305 ACT A C   1 
HETATM 1233 O O   . ACT F 4 .   ? -2.186  -14.100 5.908   1.00 44.13 ? 305 ACT A O   1 
HETATM 1234 O OXT . ACT F 4 .   ? -0.520  -14.942 4.852   1.00 59.66 ? 305 ACT A OXT 1 
HETATM 1235 C CH3 . ACT F 4 .   ? -0.213  -14.224 7.195   1.00 47.15 ? 305 ACT A CH3 1 
HETATM 1236 N N1  . LJJ G 5 .   ? 4.033   -4.856  4.924   0.52 56.89 ? 306 LJJ A N1  1 
HETATM 1237 N N3  . LJJ G 5 .   ? 5.055   -3.902  1.668   0.52 52.83 ? 306 LJJ A N3  1 
HETATM 1238 C C4  . LJJ G 5 .   ? 5.826   -4.666  0.679   0.52 54.44 ? 306 LJJ A C4  1 
HETATM 1239 C C5  . LJJ G 5 .   ? 4.859   -5.441  -0.215  0.52 54.28 ? 306 LJJ A C5  1 
HETATM 1240 C C6  . LJJ G 5 .   ? 5.500   -6.512  -1.070  0.52 51.87 ? 306 LJJ A C6  1 
HETATM 1241 C C7  . LJJ G 5 .   ? 6.707   -6.079  -1.867  0.52 49.77 ? 306 LJJ A C7  1 
HETATM 1242 C C8  . LJJ G 5 .   ? 7.933   -5.788  -1.045  0.52 50.74 ? 306 LJJ A C8  1 
HETATM 1243 C C10 . LJJ G 5 .   ? 6.754   -3.720  -0.082  0.52 50.91 ? 306 LJJ A C10 1 
HETATM 1244 C C1  . LJJ G 5 .   ? 5.999   -6.065  5.885   0.52 52.88 ? 306 LJJ A C1  1 
HETATM 1245 C C2  . LJJ G 5 .   ? 5.229   -5.319  4.874   0.52 53.86 ? 306 LJJ A C2  1 
HETATM 1246 C C3  . LJJ G 5 .   ? 4.844   -4.370  2.974   0.52 55.22 ? 306 LJJ A C3  1 
HETATM 1247 C C9  . LJJ G 5 .   ? 8.039   -4.354  -0.589  0.52 52.13 ? 306 LJJ A C9  1 
HETATM 1248 N N2  . LJJ G 5 .   ? 3.768   -4.238  3.692   0.52 55.81 ? 306 LJJ A N2  1 
HETATM 1249 O O1  . LJJ G 5 .   ? 5.802   -5.045  3.671   0.52 52.03 ? 306 LJJ A O1  1 
HETATM 1250 O O   . HOH H 6 .   ? -11.728 3.486   8.576   1.00 59.90 ? 401 HOH A O   1 
HETATM 1251 O O   . HOH H 6 .   ? -4.996  13.024  5.260   1.00 41.79 ? 402 HOH A O   1 
HETATM 1252 O O   . HOH H 6 .   ? -0.049  0.273   -15.423 1.00 50.93 ? 403 HOH A O   1 
HETATM 1253 O O   . HOH H 6 .   ? -0.071  -7.338  18.623  1.00 38.46 ? 404 HOH A O   1 
HETATM 1254 O O   . HOH H 6 .   ? -12.402 -19.548 7.219   1.00 60.46 ? 405 HOH A O   1 
HETATM 1255 O O   . HOH H 6 .   ? 3.423   15.014  5.201   1.00 41.59 ? 406 HOH A O   1 
HETATM 1256 O O   . HOH H 6 .   ? 4.515   17.206  -4.105  1.00 40.68 ? 407 HOH A O   1 
HETATM 1257 O O   . HOH H 6 .   ? 6.383   10.627  -12.112 1.00 33.69 ? 408 HOH A O   1 
HETATM 1258 O O   . HOH H 6 .   ? 16.001  10.205  0.577   1.00 51.83 ? 409 HOH A O   1 
HETATM 1259 O O   . HOH H 6 .   ? 8.397   -16.369 -2.179  1.00 37.04 ? 410 HOH A O   1 
HETATM 1260 O O   . HOH H 6 .   ? 10.412  9.130   10.409  1.00 37.67 ? 411 HOH A O   1 
HETATM 1261 O O   . HOH H 6 .   ? -13.149 4.379   -4.801  1.00 40.31 ? 412 HOH A O   1 
HETATM 1262 O O   . HOH H 6 .   ? -13.911 1.789   -15.020 1.00 47.39 ? 413 HOH A O   1 
HETATM 1263 O O   . HOH H 6 .   ? 5.780   -13.993 -3.904  1.00 25.84 ? 414 HOH A O   1 
HETATM 1264 O O   . HOH H 6 .   ? 12.414  -0.695  -1.627  1.00 51.29 ? 415 HOH A O   1 
HETATM 1265 O O   . HOH H 6 .   ? -7.203  -18.739 3.234   1.00 49.52 ? 416 HOH A O   1 
HETATM 1266 O O   . HOH H 6 .   ? 15.290  13.643  3.179   1.00 42.91 ? 417 HOH A O   1 
HETATM 1267 O O   . HOH H 6 .   ? 2.331   -12.458 -9.526  1.00 40.82 ? 418 HOH A O   1 
HETATM 1268 O O   . HOH H 6 .   ? -12.041 -1.823  -10.663 1.00 48.55 ? 419 HOH A O   1 
HETATM 1269 O O   . HOH H 6 .   ? 8.267   7.515   -6.095  1.00 31.28 ? 420 HOH A O   1 
HETATM 1270 O O   . HOH H 6 .   ? -6.803  -0.827  10.199  1.00 36.53 ? 421 HOH A O   1 
HETATM 1271 O O   . HOH H 6 .   ? 12.253  -3.554  -2.529  1.00 42.44 ? 422 HOH A O   1 
HETATM 1272 O O   . HOH H 6 .   ? -9.189  -2.373  6.703   1.00 25.07 ? 423 HOH A O   1 
HETATM 1273 O O   . HOH H 6 .   ? 18.227  8.001   1.704   1.00 55.70 ? 424 HOH A O   1 
HETATM 1274 O O   . HOH H 6 .   ? 8.090   14.963  4.814   1.00 47.65 ? 425 HOH A O   1 
HETATM 1275 O O   . HOH H 6 .   ? -5.564  9.809   7.368   1.00 43.40 ? 426 HOH A O   1 
HETATM 1276 O O   . HOH H 6 .   ? -9.565  7.156   7.053   1.00 32.15 ? 427 HOH A O   1 
HETATM 1277 O O   . HOH H 6 .   ? -11.920 -11.495 4.052   1.00 42.58 ? 428 HOH A O   1 
HETATM 1278 O O   . HOH H 6 .   ? 9.487   17.437  -12.392 1.00 47.90 ? 429 HOH A O   1 
HETATM 1279 O O   . HOH H 6 .   ? -12.559 -26.323 19.079  1.00 30.58 ? 430 HOH A O   1 
HETATM 1280 O O   . HOH H 6 .   ? -11.367 -18.204 13.918  1.00 34.37 ? 431 HOH A O   1 
HETATM 1281 O O   . HOH H 6 .   ? -3.549  13.268  -2.667  1.00 32.56 ? 432 HOH A O   1 
HETATM 1282 O O   . HOH H 6 .   ? -16.715 0.548   -13.817 1.00 41.38 ? 433 HOH A O   1 
HETATM 1283 O O   . HOH H 6 .   ? 0.100   2.020   -4.182  1.00 22.62 ? 434 HOH A O   1 
HETATM 1284 O O   . HOH H 6 .   ? -14.808 4.956   -0.535  1.00 33.58 ? 435 HOH A O   1 
HETATM 1285 O O   . HOH H 6 .   ? 7.745   3.418   14.207  1.00 47.43 ? 436 HOH A O   1 
HETATM 1286 O O   . HOH H 6 .   ? 16.251  4.809   10.303  1.00 50.88 ? 437 HOH A O   1 
HETATM 1287 O O   . HOH H 6 .   ? -4.951  -7.571  -10.453 1.00 34.22 ? 438 HOH A O   1 
HETATM 1288 O O   . HOH H 6 .   ? 0.013   -9.294  1.866   1.00 23.40 ? 439 HOH A O   1 
HETATM 1289 O O   . HOH H 6 .   ? 11.680  13.289  -2.985  1.00 50.53 ? 440 HOH A O   1 
HETATM 1290 O O   . HOH H 6 .   ? 5.131   18.974  -8.218  1.00 33.39 ? 441 HOH A O   1 
HETATM 1291 O O   . HOH H 6 .   ? -16.374 4.498   3.415   1.00 54.75 ? 442 HOH A O   1 
HETATM 1292 O O   . HOH H 6 .   ? -8.952  -5.515  9.283   1.00 53.15 ? 443 HOH A O   1 
HETATM 1293 O O   . HOH H 6 .   ? -1.726  13.465  -4.649  1.00 27.02 ? 444 HOH A O   1 
HETATM 1294 O O   . HOH H 6 .   ? 7.770   8.222   -12.908 1.00 35.74 ? 445 HOH A O   1 
HETATM 1295 O O   . HOH H 6 .   ? -15.165 6.523   -8.300  1.00 40.32 ? 446 HOH A O   1 
HETATM 1296 O O   . HOH H 6 .   ? -11.809 -0.470  -13.495 1.00 56.39 ? 447 HOH A O   1 
HETATM 1297 O O   . HOH H 6 .   ? 0.723   -0.360  18.268  1.00 39.94 ? 448 HOH A O   1 
HETATM 1298 O O   . HOH H 6 .   ? -13.362 -0.405  -6.646  1.00 30.06 ? 449 HOH A O   1 
HETATM 1299 O O   . HOH H 6 .   ? -2.371  -15.494 11.092  1.00 46.38 ? 450 HOH A O   1 
HETATM 1300 O O   . HOH H 6 .   ? -4.173  -8.305  7.759   1.00 61.53 ? 451 HOH A O   1 
HETATM 1301 O O   . HOH H 6 .   ? 7.194   13.180  -9.743  1.00 32.37 ? 452 HOH A O   1 
HETATM 1302 O O   . HOH H 6 .   ? -4.461  -16.201 13.229  1.00 38.65 ? 453 HOH A O   1 
HETATM 1303 O O   . HOH H 6 .   ? 1.846   8.094   -15.558 1.00 42.98 ? 454 HOH A O   1 
HETATM 1304 O O   . HOH H 6 .   ? 1.728   19.324  -0.055  1.00 45.94 ? 455 HOH A O   1 
HETATM 1305 O O   . HOH H 6 .   ? 8.885   18.137  -6.775  1.00 53.41 ? 456 HOH A O   1 
HETATM 1306 O O   . HOH H 6 .   ? -15.859 8.650   5.563   1.00 51.10 ? 457 HOH A O   1 
HETATM 1307 O O   . HOH H 6 .   ? -4.141  8.359   9.139   1.00 46.44 ? 458 HOH A O   1 
HETATM 1308 O O   . HOH H 6 .   ? 7.558   3.200   19.380  1.00 61.44 ? 459 HOH A O   1 
HETATM 1309 O O   . HOH H 6 .   ? 0.849   -2.657  2.613   1.00 27.26 ? 460 HOH A O   1 
HETATM 1310 O O   . HOH H 6 .   ? -0.183  12.522  -0.928  1.00 24.57 ? 461 HOH A O   1 
HETATM 1311 O O   . HOH H 6 .   ? 20.120  5.101   7.110   1.00 50.76 ? 462 HOH A O   1 
HETATM 1312 O O   . HOH H 6 .   ? 13.220  10.485  -2.622  1.00 37.65 ? 463 HOH A O   1 
HETATM 1313 O O   . HOH H 6 .   ? 12.307  -1.503  4.122   1.00 42.70 ? 464 HOH A O   1 
HETATM 1314 O O   . HOH H 6 .   ? 1.047   -7.734  -13.628 1.00 66.34 ? 465 HOH A O   1 
HETATM 1315 O O   . HOH H 6 .   ? 2.218   4.438   -20.861 1.00 52.37 ? 466 HOH A O   1 
HETATM 1316 O O   . HOH H 6 .   ? -9.263  -6.655  -8.791  1.00 21.23 ? 467 HOH A O   1 
HETATM 1317 O O   . HOH H 6 .   ? -3.138  2.809   14.194  1.00 41.73 ? 468 HOH A O   1 
HETATM 1318 O O   . HOH H 6 .   ? 9.138   13.325  -2.312  1.00 47.69 ? 469 HOH A O   1 
HETATM 1319 O O   . HOH H 6 .   ? -13.726 -10.093 -3.941  1.00 48.27 ? 470 HOH A O   1 
HETATM 1320 O O   . HOH H 6 .   ? -5.680  -15.333 -0.422  1.00 31.37 ? 471 HOH A O   1 
HETATM 1321 O O   . HOH H 6 .   ? -1.254  -12.517 -9.932  1.00 41.44 ? 472 HOH A O   1 
HETATM 1322 O O   . HOH H 6 .   ? -2.618  -4.559  -13.490 1.00 31.13 ? 473 HOH A O   1 
HETATM 1323 O O   . HOH H 6 .   ? 4.611   4.922   -18.533 1.00 44.28 ? 474 HOH A O   1 
HETATM 1324 O O   . HOH H 6 .   ? 8.112   15.385  -2.708  1.00 47.13 ? 475 HOH A O   1 
HETATM 1325 O O   . HOH H 6 .   ? 0.603   -13.837 -2.949  1.00 48.08 ? 476 HOH A O   1 
HETATM 1326 O O   . HOH H 6 .   ? -5.597  5.805   9.426   1.00 54.77 ? 477 HOH A O   1 
HETATM 1327 O O   . HOH H 6 .   ? -16.353 -27.502 13.526  1.00 69.55 ? 478 HOH A O   1 
HETATM 1328 O O   . HOH H 6 .   ? 14.275  14.633  8.574   1.00 67.26 ? 479 HOH A O   1 
HETATM 1329 O O   . HOH H 6 .   ? -14.881 -13.983 9.007   1.00 54.34 ? 480 HOH A O   1 
HETATM 1330 O O   . HOH H 6 .   ? -9.551  -11.897 -0.526  1.00 28.40 ? 481 HOH A O   1 
HETATM 1331 O O   . HOH H 6 .   ? 7.669   -2.483  5.028   0.52 32.44 ? 482 HOH A O   1 
HETATM 1332 O O   . HOH H 6 .   ? -15.245 -15.877 7.768   1.00 74.93 ? 483 HOH A O   1 
HETATM 1333 O O   . HOH H 6 .   ? -3.976  14.010  8.385   1.00 51.47 ? 484 HOH A O   1 
HETATM 1334 O O   . HOH H 6 .   ? -10.729 6.072   9.204   1.00 52.12 ? 485 HOH A O   1 
HETATM 1335 O O   . HOH H 6 .   ? -9.283  -9.298  -5.401  1.00 37.01 ? 486 HOH A O   1 
HETATM 1336 O O   . HOH H 6 .   ? 6.648   6.694   -14.927 1.00 45.86 ? 487 HOH A O   1 
HETATM 1337 O O   . HOH H 6 .   ? -7.363  7.649   8.111   1.00 43.91 ? 488 HOH A O   1 
HETATM 1338 O O   . HOH H 6 .   ? 10.433  8.864   -13.663 1.00 46.74 ? 489 HOH A O   1 
# 
